data_7MNX
#
_entry.id   7MNX
#
_cell.length_a   94.173
_cell.length_b   133.975
_cell.length_c   182.516
_cell.angle_alpha   90.000
_cell.angle_beta   90.000
_cell.angle_gamma   90.000
#
_symmetry.space_group_name_H-M   'P 21 21 21'
#
loop_
_entity.id
_entity.type
_entity.pdbx_description
1 polymer 'GTP-binding nuclear protein Ran'
2 polymer 'E3 SUMO-protein ligase RanBP2'
3 non-polymer 'PHOSPHOAMINOPHOSPHONIC ACID-GUANYLATE ESTER'
4 non-polymer 'MAGNESIUM ION'
5 water water
#
loop_
_entity_poly.entity_id
_entity_poly.type
_entity_poly.pdbx_seq_one_letter_code
_entity_poly.pdbx_strand_id
1 'polypeptide(L)'
;SMAAQGEPQVQFKLVLVGDGGTGKTTFVKRHLTGEFEKKYVATLGVEVHPLVFHTNRGPIKFNVWDTAGQEKFGGLRDGY
YIQAQCAIIMFDVTSRVTYKNVPNWHRDLVRVCENIPIVLCGNKVDIKDRKVKAKSIVFHRKKNLQYYDISAKSNYNFEK
PFLWLARKLIGDPNLEFVAMPALAPPEVVMDPALAAQYEHDLEVAQTTALPDEDDDL
;
A,C,E,G,I,K
2 'polypeptide(L)'
;GPGSHFEPVVQMPEKVELVTGEEDEKVLYSQRVKLFRFDAEVSQWKERGLGNLKILKNEVNGKLRMLMRREQVLKVCANH
WITTTMNLKPLSGSDRAWMWLASDFSDGDAKLEQLAAKFKTPELAEEFKQKFEECQRLLLD
;
B,D,F,H,J,L
#
loop_
_chem_comp.id
_chem_comp.type
_chem_comp.name
_chem_comp.formula
GNP non-polymer 'PHOSPHOAMINOPHOSPHONIC ACID-GUANYLATE ESTER' 'C10 H17 N6 O13 P3'
MG non-polymer 'MAGNESIUM ION' 'Mg 2'
#
# COMPACT_ATOMS: atom_id res chain seq x y z
N PRO A 8 -25.90 12.28 -17.11
CA PRO A 8 -25.95 13.24 -18.22
C PRO A 8 -24.98 14.41 -18.01
N GLN A 9 -23.69 14.11 -17.95
CA GLN A 9 -22.70 15.12 -17.60
C GLN A 9 -22.44 16.07 -18.76
N VAL A 10 -22.13 17.32 -18.41
CA VAL A 10 -21.80 18.36 -19.38
C VAL A 10 -20.29 18.31 -19.59
N GLN A 11 -19.87 17.67 -20.68
CA GLN A 11 -18.47 17.51 -21.01
C GLN A 11 -18.11 18.38 -22.22
N PHE A 12 -16.81 18.63 -22.38
CA PHE A 12 -16.30 19.37 -23.52
C PHE A 12 -14.89 18.89 -23.82
N LYS A 13 -14.64 18.55 -25.08
CA LYS A 13 -13.29 18.22 -25.51
C LYS A 13 -12.49 19.50 -25.69
N LEU A 14 -11.33 19.56 -25.05
CA LEU A 14 -10.44 20.71 -25.12
C LEU A 14 -9.07 20.23 -25.56
N VAL A 15 -8.56 20.78 -26.66
CA VAL A 15 -7.24 20.45 -27.16
C VAL A 15 -6.26 21.51 -26.67
N LEU A 16 -5.17 21.06 -26.06
CA LEU A 16 -4.14 21.94 -25.51
C LEU A 16 -2.89 21.79 -26.37
N VAL A 17 -2.51 22.89 -27.04
CA VAL A 17 -1.44 22.85 -28.02
C VAL A 17 -0.47 24.01 -27.78
N GLY A 18 0.72 23.86 -28.33
CA GLY A 18 1.77 24.84 -28.19
C GLY A 18 3.13 24.20 -28.34
N ASP A 19 4.12 25.03 -28.64
CA ASP A 19 5.49 24.56 -28.78
C ASP A 19 5.92 23.79 -27.54
N GLY A 20 6.90 22.92 -27.71
CA GLY A 20 7.42 22.16 -26.58
C GLY A 20 8.10 23.08 -25.58
N GLY A 21 7.88 22.77 -24.30
CA GLY A 21 8.48 23.53 -23.22
C GLY A 21 7.67 24.73 -22.76
N THR A 22 6.52 24.99 -23.38
CA THR A 22 5.72 26.16 -23.01
C THR A 22 5.00 25.96 -21.69
N GLY A 23 4.96 24.75 -21.15
CA GLY A 23 4.33 24.49 -19.86
C GLY A 23 2.94 23.91 -19.92
N LYS A 24 2.58 23.23 -21.01
CA LYS A 24 1.23 22.69 -21.13
C LYS A 24 0.97 21.62 -20.06
N THR A 25 1.83 20.62 -19.99
CA THR A 25 1.63 19.54 -19.02
C THR A 25 1.73 20.04 -17.59
N THR A 26 2.65 20.98 -17.33
CA THR A 26 2.75 21.55 -15.98
C THR A 26 1.48 22.30 -15.62
N PHE A 27 0.89 22.99 -16.59
CA PHE A 27 -0.38 23.67 -16.38
C PHE A 27 -1.48 22.68 -16.02
N VAL A 28 -1.55 21.55 -16.73
CA VAL A 28 -2.60 20.57 -16.46
C VAL A 28 -2.40 19.93 -15.09
N LYS A 29 -1.18 19.52 -14.76
CA LYS A 29 -0.92 18.93 -13.46
C LYS A 29 -1.26 19.90 -12.34
N ARG A 30 -0.91 21.17 -12.52
CA ARG A 30 -1.25 22.18 -11.51
C ARG A 30 -2.75 22.19 -11.25
N HIS A 31 -3.56 22.17 -12.31
CA HIS A 31 -5.01 22.14 -12.13
C HIS A 31 -5.47 20.85 -11.47
N LEU A 32 -4.85 19.72 -11.82
CA LEU A 32 -5.33 18.43 -11.34
C LEU A 32 -5.07 18.26 -9.84
N THR A 33 -3.80 18.33 -9.43
CA THR A 33 -3.40 18.00 -8.07
C THR A 33 -2.91 19.21 -7.28
N GLY A 34 -2.73 20.36 -7.92
CA GLY A 34 -2.13 21.50 -7.27
C GLY A 34 -0.61 21.48 -7.23
N GLU A 35 0.03 20.43 -7.74
CA GLU A 35 1.47 20.34 -7.72
C GLU A 35 2.09 21.27 -8.77
N PHE A 36 3.40 21.50 -8.62
CA PHE A 36 4.19 22.16 -9.64
C PHE A 36 5.39 21.29 -9.98
N GLU A 37 5.39 20.68 -11.15
CA GLU A 37 6.50 19.84 -11.58
C GLU A 37 7.61 20.72 -12.14
N LYS A 38 8.81 20.61 -11.56
CA LYS A 38 9.94 21.42 -12.00
C LYS A 38 10.69 20.77 -13.17
N LYS A 39 10.72 19.45 -13.24
CA LYS A 39 11.40 18.75 -14.32
C LYS A 39 10.63 18.90 -15.63
N TYR A 40 11.38 18.93 -16.74
CA TYR A 40 10.82 18.94 -18.10
C TYR A 40 10.94 17.52 -18.64
N VAL A 41 9.83 16.78 -18.62
CA VAL A 41 9.73 15.47 -19.25
C VAL A 41 8.78 15.65 -20.43
N ALA A 42 9.34 15.63 -21.63
CA ALA A 42 8.55 15.91 -22.83
C ALA A 42 7.38 14.94 -22.94
N THR A 43 6.22 15.47 -23.31
CA THR A 43 5.07 14.61 -23.54
C THR A 43 5.24 13.85 -24.84
N LEU A 44 4.97 12.55 -24.81
CA LEU A 44 5.02 11.70 -25.98
C LEU A 44 3.58 11.31 -26.33
N GLY A 45 3.15 11.67 -27.52
CA GLY A 45 1.80 11.35 -27.94
C GLY A 45 0.77 12.32 -27.36
N VAL A 46 -0.34 11.78 -26.88
CA VAL A 46 -1.46 12.58 -26.43
C VAL A 46 -2.04 11.96 -25.17
N GLU A 47 -2.30 12.78 -24.15
CA GLU A 47 -2.85 12.33 -22.88
C GLU A 47 -4.12 13.12 -22.58
N VAL A 48 -5.21 12.41 -22.35
CA VAL A 48 -6.50 13.03 -22.05
C VAL A 48 -6.69 13.04 -20.54
N HIS A 49 -7.01 14.21 -19.98
CA HIS A 49 -7.20 14.37 -18.54
C HIS A 49 -8.53 15.06 -18.29
N PRO A 50 -9.45 14.45 -17.52
CA PRO A 50 -10.68 15.17 -17.17
C PRO A 50 -10.43 16.19 -16.07
N LEU A 51 -10.97 17.39 -16.25
CA LEU A 51 -10.90 18.47 -15.28
C LEU A 51 -12.32 18.96 -15.02
N VAL A 52 -12.77 18.83 -13.78
CA VAL A 52 -14.11 19.27 -13.41
C VAL A 52 -14.03 20.59 -12.68
N PHE A 53 -14.90 21.51 -13.04
CA PHE A 53 -15.09 22.76 -12.31
C PHE A 53 -16.54 22.85 -11.88
N HIS A 54 -16.77 23.42 -10.71
CA HIS A 54 -18.10 23.60 -10.16
C HIS A 54 -18.56 25.02 -10.44
N THR A 55 -19.73 25.15 -11.07
CA THR A 55 -20.29 26.43 -11.46
C THR A 55 -21.64 26.60 -10.77
N ASN A 56 -22.18 27.82 -10.86
CA ASN A 56 -23.53 28.07 -10.36
C ASN A 56 -24.59 27.41 -11.23
N ARG A 57 -24.21 26.86 -12.38
CA ARG A 57 -25.12 26.08 -13.22
C ARG A 57 -24.79 24.59 -13.18
N GLY A 58 -23.94 24.14 -12.27
CA GLY A 58 -23.58 22.75 -12.15
C GLY A 58 -22.14 22.49 -12.52
N PRO A 59 -21.69 21.25 -12.33
CA PRO A 59 -20.31 20.92 -12.70
C PRO A 59 -20.17 20.75 -14.21
N ILE A 60 -19.02 21.16 -14.72
CA ILE A 60 -18.68 20.96 -16.12
C ILE A 60 -17.32 20.28 -16.19
N LYS A 61 -17.17 19.36 -17.12
CA LYS A 61 -15.96 18.56 -17.27
C LYS A 61 -15.26 18.96 -18.56
N PHE A 62 -14.00 19.37 -18.44
CA PHE A 62 -13.13 19.58 -19.58
C PHE A 62 -12.26 18.34 -19.75
N ASN A 63 -12.45 17.61 -20.84
CA ASN A 63 -11.53 16.53 -21.19
C ASN A 63 -10.37 17.15 -21.95
N VAL A 64 -9.28 17.42 -21.23
CA VAL A 64 -8.16 18.17 -21.78
C VAL A 64 -7.21 17.21 -22.49
N TRP A 65 -7.05 17.40 -23.79
CA TRP A 65 -6.11 16.62 -24.60
C TRP A 65 -4.76 17.33 -24.58
N ASP A 66 -3.88 16.89 -23.67
CA ASP A 66 -2.53 17.42 -23.59
C ASP A 66 -1.69 16.82 -24.72
N THR A 67 -1.15 17.68 -25.58
CA THR A 67 -0.44 17.24 -26.78
C THR A 67 1.05 17.49 -26.64
N ALA A 68 1.82 16.84 -27.52
CA ALA A 68 3.26 16.99 -27.57
C ALA A 68 3.63 18.13 -28.52
N GLY A 69 4.30 19.16 -27.99
CA GLY A 69 4.61 20.32 -28.80
C GLY A 69 5.64 20.07 -29.88
N GLN A 70 6.51 19.10 -29.69
CA GLN A 70 7.61 18.87 -30.60
C GLN A 70 7.12 18.42 -31.98
N GLU A 71 7.76 18.93 -33.03
CA GLU A 71 7.33 18.66 -34.40
C GLU A 71 7.66 17.24 -34.84
N LYS A 72 8.48 16.51 -34.09
CA LYS A 72 8.66 15.09 -34.34
C LYS A 72 7.35 14.33 -34.27
N PHE A 73 6.33 14.91 -33.62
CA PHE A 73 5.03 14.28 -33.42
C PHE A 73 3.94 14.96 -34.24
N GLY A 74 4.31 15.68 -35.31
CA GLY A 74 3.36 16.47 -36.07
C GLY A 74 2.99 15.93 -37.44
N GLY A 75 3.22 14.63 -37.67
CA GLY A 75 2.95 14.08 -38.99
C GLY A 75 1.50 14.22 -39.41
N LEU A 76 0.57 13.88 -38.52
CA LEU A 76 -0.86 13.99 -38.78
C LEU A 76 -1.59 14.46 -37.52
N ARG A 77 -1.02 15.44 -36.81
CA ARG A 77 -1.58 15.88 -35.55
C ARG A 77 -3.01 16.40 -35.70
N ASP A 78 -3.44 16.70 -36.92
CA ASP A 78 -4.80 17.19 -37.14
C ASP A 78 -5.84 16.23 -36.58
N GLY A 79 -5.59 14.92 -36.68
CA GLY A 79 -6.59 13.95 -36.26
C GLY A 79 -6.98 14.05 -34.80
N TYR A 80 -6.08 14.58 -33.96
CA TYR A 80 -6.38 14.75 -32.54
C TYR A 80 -7.24 15.99 -32.28
N TYR A 81 -7.54 16.79 -33.30
CA TYR A 81 -8.42 17.94 -33.15
C TYR A 81 -9.86 17.64 -33.55
N ILE A 82 -10.13 16.44 -34.06
CA ILE A 82 -11.47 16.10 -34.55
C ILE A 82 -12.42 15.97 -33.37
N GLN A 83 -13.60 16.58 -33.50
CA GLN A 83 -14.63 16.64 -32.45
C GLN A 83 -14.26 17.58 -31.31
N ALA A 84 -13.28 18.45 -31.52
CA ALA A 84 -12.91 19.42 -30.49
C ALA A 84 -13.98 20.50 -30.38
N GLN A 85 -14.21 20.95 -29.16
CA GLN A 85 -15.23 21.96 -28.87
C GLN A 85 -14.62 23.26 -28.35
N CYS A 86 -13.34 23.25 -27.99
CA CYS A 86 -12.61 24.43 -27.54
C CYS A 86 -11.14 24.07 -27.57
N ALA A 87 -10.28 25.05 -27.30
CA ALA A 87 -8.85 24.80 -27.37
C ALA A 87 -8.11 25.88 -26.60
N ILE A 88 -6.92 25.52 -26.13
CA ILE A 88 -5.98 26.47 -25.53
C ILE A 88 -4.70 26.41 -26.33
N ILE A 89 -4.26 27.56 -26.84
CA ILE A 89 -2.94 27.71 -27.43
C ILE A 89 -2.05 28.36 -26.38
N MET A 90 -0.94 27.70 -26.06
CA MET A 90 -0.02 28.18 -25.03
C MET A 90 1.32 28.49 -25.65
N PHE A 91 1.92 29.58 -25.20
CA PHE A 91 3.28 29.95 -25.58
C PHE A 91 4.01 30.43 -24.34
N ASP A 92 5.33 30.59 -24.47
CA ASP A 92 6.22 30.93 -23.37
C ASP A 92 6.76 32.33 -23.59
N VAL A 93 6.51 33.22 -22.63
CA VAL A 93 6.90 34.62 -22.76
C VAL A 93 8.40 34.84 -22.63
N THR A 94 9.17 33.80 -22.29
CA THR A 94 10.62 33.89 -22.26
C THR A 94 11.26 33.27 -23.50
N SER A 95 10.46 32.89 -24.50
CA SER A 95 10.96 32.23 -25.71
C SER A 95 10.18 32.78 -26.91
N ARG A 96 10.82 33.67 -27.68
CA ARG A 96 10.14 34.32 -28.79
C ARG A 96 9.62 33.31 -29.80
N VAL A 97 10.37 32.24 -30.04
CA VAL A 97 9.97 31.26 -31.05
C VAL A 97 8.57 30.72 -30.75
N THR A 98 8.24 30.54 -29.46
CA THR A 98 6.94 29.96 -29.12
C THR A 98 5.81 30.88 -29.54
N TYR A 99 6.00 32.19 -29.42
CA TYR A 99 4.97 33.12 -29.90
C TYR A 99 4.97 33.21 -31.42
N LYS A 100 6.14 33.13 -32.05
CA LYS A 100 6.19 33.20 -33.50
C LYS A 100 5.41 32.06 -34.13
N ASN A 101 5.24 30.95 -33.42
CA ASN A 101 4.55 29.78 -33.95
C ASN A 101 3.07 29.76 -33.59
N VAL A 102 2.60 30.71 -32.79
CA VAL A 102 1.17 30.76 -32.47
C VAL A 102 0.30 30.79 -33.72
N PRO A 103 0.54 31.65 -34.70
CA PRO A 103 -0.31 31.65 -35.90
C PRO A 103 -0.41 30.29 -36.57
N ASN A 104 0.68 29.52 -36.55
CA ASN A 104 0.65 28.17 -37.12
C ASN A 104 -0.26 27.26 -36.30
N TRP A 105 -0.16 27.30 -34.98
CA TRP A 105 -1.05 26.51 -34.14
C TRP A 105 -2.51 26.91 -34.39
N HIS A 106 -2.78 28.21 -34.39
CA HIS A 106 -4.14 28.69 -34.64
C HIS A 106 -4.62 28.24 -36.03
N ARG A 107 -3.76 28.36 -37.03
CA ARG A 107 -4.12 27.93 -38.38
C ARG A 107 -4.51 26.45 -38.38
N ASP A 108 -3.66 25.59 -37.81
CA ASP A 108 -3.93 24.17 -37.81
C ASP A 108 -5.28 23.86 -37.15
N LEU A 109 -5.59 24.55 -36.05
CA LEU A 109 -6.83 24.26 -35.33
C LEU A 109 -8.05 24.59 -36.17
N VAL A 110 -8.14 25.85 -36.62
CA VAL A 110 -9.34 26.31 -37.32
C VAL A 110 -9.57 25.49 -38.59
N ARG A 111 -8.50 25.02 -39.24
CA ARG A 111 -8.67 24.20 -40.43
C ARG A 111 -9.49 22.95 -40.13
N VAL A 112 -9.35 22.40 -38.94
CA VAL A 112 -10.08 21.17 -38.56
C VAL A 112 -11.39 21.51 -37.86
N CYS A 113 -11.38 22.45 -36.92
CA CYS A 113 -12.52 22.68 -36.03
C CYS A 113 -13.31 23.94 -36.33
N GLU A 114 -12.80 24.84 -37.17
CA GLU A 114 -13.52 26.04 -37.60
C GLU A 114 -13.87 26.87 -36.36
N ASN A 115 -15.14 27.22 -36.13
CA ASN A 115 -15.51 28.21 -35.12
C ASN A 115 -15.65 27.57 -33.75
N ILE A 116 -14.50 27.34 -33.10
CA ILE A 116 -14.50 26.87 -31.71
C ILE A 116 -13.91 27.97 -30.84
N PRO A 117 -14.36 28.16 -29.61
CA PRO A 117 -13.70 29.14 -28.72
C PRO A 117 -12.27 28.70 -28.43
N ILE A 118 -11.33 29.64 -28.54
CA ILE A 118 -9.92 29.36 -28.34
C ILE A 118 -9.31 30.46 -27.49
N VAL A 119 -8.56 30.07 -26.46
CA VAL A 119 -7.90 30.99 -25.55
C VAL A 119 -6.40 30.94 -25.82
N LEU A 120 -5.75 32.10 -25.77
CA LEU A 120 -4.31 32.21 -25.95
C LEU A 120 -3.67 32.52 -24.61
N CYS A 121 -2.63 31.78 -24.25
CA CYS A 121 -2.02 31.87 -22.93
C CYS A 121 -0.52 32.10 -23.05
N GLY A 122 -0.08 33.26 -22.57
CA GLY A 122 1.34 33.51 -22.38
C GLY A 122 1.77 33.05 -21.01
N ASN A 123 2.47 31.91 -20.95
CA ASN A 123 2.83 31.29 -19.69
C ASN A 123 4.21 31.78 -19.22
N LYS A 124 4.50 31.51 -17.95
CA LYS A 124 5.81 31.81 -17.35
C LYS A 124 6.01 33.31 -17.14
N VAL A 125 4.91 34.06 -16.94
CA VAL A 125 5.01 35.49 -16.68
C VAL A 125 5.59 35.76 -15.30
N ASP A 126 5.81 34.70 -14.52
CA ASP A 126 6.45 34.87 -13.22
C ASP A 126 7.93 35.27 -13.38
N ILE A 127 8.56 34.86 -14.48
CA ILE A 127 9.96 35.21 -14.73
C ILE A 127 10.06 36.69 -15.07
N LYS A 128 11.08 37.36 -14.51
CA LYS A 128 11.22 38.80 -14.72
C LYS A 128 11.75 39.11 -16.12
N ASP A 129 12.63 38.26 -16.65
CA ASP A 129 13.26 38.48 -17.95
C ASP A 129 12.30 38.00 -19.05
N ARG A 130 11.29 38.82 -19.30
CA ARG A 130 10.26 38.50 -20.28
C ARG A 130 10.75 38.88 -21.68
N LYS A 131 10.93 37.88 -22.55
CA LYS A 131 11.48 38.10 -23.88
C LYS A 131 10.40 38.45 -24.91
N VAL A 132 9.16 38.03 -24.70
CA VAL A 132 8.02 38.44 -25.51
C VAL A 132 7.31 39.54 -24.74
N LYS A 133 7.45 40.79 -25.20
CA LYS A 133 6.90 41.93 -24.48
C LYS A 133 5.39 42.00 -24.68
N ALA A 134 4.72 42.70 -23.75
CA ALA A 134 3.26 42.80 -23.80
C ALA A 134 2.79 43.48 -25.08
N LYS A 135 3.54 44.49 -25.53
CA LYS A 135 3.17 45.21 -26.75
C LYS A 135 3.44 44.40 -28.00
N SER A 136 4.19 43.29 -27.92
CA SER A 136 4.40 42.43 -29.07
C SER A 136 3.24 41.46 -29.29
N ILE A 137 2.45 41.20 -28.25
CA ILE A 137 1.38 40.21 -28.31
C ILE A 137 0.16 40.88 -28.96
N VAL A 138 -0.11 40.53 -30.22
CA VAL A 138 -1.14 41.20 -31.01
C VAL A 138 -1.99 40.20 -31.77
N PHE A 139 -1.56 38.94 -31.84
CA PHE A 139 -2.24 37.96 -32.68
C PHE A 139 -3.68 37.73 -32.23
N HIS A 140 -3.97 37.91 -30.94
CA HIS A 140 -5.32 37.66 -30.44
C HIS A 140 -6.28 38.75 -30.92
N ARG A 141 -5.85 40.01 -30.92
CA ARG A 141 -6.66 41.06 -31.52
C ARG A 141 -6.98 40.74 -32.98
N LYS A 142 -6.00 40.20 -33.70
CA LYS A 142 -6.17 39.94 -35.13
C LYS A 142 -7.25 38.90 -35.38
N LYS A 143 -7.36 37.89 -34.51
CA LYS A 143 -8.30 36.81 -34.69
C LYS A 143 -9.47 36.86 -33.72
N ASN A 144 -9.52 37.85 -32.84
CA ASN A 144 -10.63 38.01 -31.90
C ASN A 144 -10.61 36.90 -30.83
N LEU A 145 -9.42 36.49 -30.42
CA LEU A 145 -9.26 35.50 -29.36
C LEU A 145 -9.13 36.17 -28.00
N GLN A 146 -9.48 35.42 -26.96
CA GLN A 146 -9.22 35.84 -25.60
C GLN A 146 -7.77 35.51 -25.22
N TYR A 147 -7.07 36.48 -24.66
CA TYR A 147 -5.69 36.28 -24.23
C TYR A 147 -5.58 36.45 -22.72
N TYR A 148 -4.63 35.74 -22.12
CA TYR A 148 -4.30 35.87 -20.72
C TYR A 148 -2.81 35.69 -20.51
N ASP A 149 -2.23 36.56 -19.69
CA ASP A 149 -0.97 36.25 -19.03
C ASP A 149 -1.24 35.23 -17.93
N ILE A 150 -0.52 34.11 -17.95
CA ILE A 150 -0.68 33.08 -16.92
C ILE A 150 0.69 32.65 -16.42
N SER A 151 0.68 32.02 -15.26
CA SER A 151 1.86 31.39 -14.68
C SER A 151 1.41 30.14 -13.96
N ALA A 152 1.81 28.98 -14.47
CA ALA A 152 1.56 27.74 -13.74
C ALA A 152 2.32 27.71 -12.42
N LYS A 153 3.41 28.48 -12.30
CA LYS A 153 4.22 28.43 -11.09
C LYS A 153 3.69 29.34 -10.01
N SER A 154 3.20 30.53 -10.38
CA SER A 154 2.61 31.46 -9.42
C SER A 154 1.09 31.35 -9.33
N ASN A 155 0.48 30.55 -10.21
CA ASN A 155 -0.97 30.40 -10.34
C ASN A 155 -1.66 31.67 -10.85
N TYR A 156 -0.90 32.63 -11.37
CA TYR A 156 -1.49 33.88 -11.84
C TYR A 156 -2.45 33.61 -12.99
N ASN A 157 -3.71 33.95 -12.80
CA ASN A 157 -4.77 33.82 -13.81
C ASN A 157 -4.93 32.39 -14.34
N PHE A 158 -4.36 31.39 -13.67
CA PHE A 158 -4.31 30.07 -14.27
C PHE A 158 -5.68 29.40 -14.38
N GLU A 159 -6.71 29.94 -13.72
CA GLU A 159 -8.07 29.44 -13.89
C GLU A 159 -8.87 30.20 -14.95
N LYS A 160 -8.41 31.39 -15.34
CA LYS A 160 -9.18 32.22 -16.25
C LYS A 160 -9.48 31.55 -17.59
N PRO A 161 -8.56 30.82 -18.21
CA PRO A 161 -8.89 30.20 -19.51
C PRO A 161 -10.09 29.28 -19.43
N PHE A 162 -10.23 28.52 -18.34
CA PHE A 162 -11.36 27.61 -18.21
C PHE A 162 -12.64 28.35 -17.87
N LEU A 163 -12.56 29.37 -17.02
CA LEU A 163 -13.72 30.19 -16.73
C LEU A 163 -14.26 30.83 -18.02
N TRP A 164 -13.38 31.43 -18.81
CA TRP A 164 -13.81 32.07 -20.05
C TRP A 164 -14.42 31.05 -21.00
N LEU A 165 -13.74 29.93 -21.21
CA LEU A 165 -14.27 28.90 -22.10
C LEU A 165 -15.61 28.37 -21.59
N ALA A 166 -15.74 28.19 -20.28
CA ALA A 166 -16.99 27.71 -19.72
C ALA A 166 -18.13 28.67 -20.02
N ARG A 167 -17.87 29.98 -19.92
CA ARG A 167 -18.91 30.96 -20.21
C ARG A 167 -19.29 30.94 -21.68
N LYS A 168 -18.30 30.85 -22.58
CA LYS A 168 -18.59 30.80 -24.00
C LYS A 168 -19.35 29.52 -24.36
N LEU A 169 -18.91 28.37 -23.83
CA LEU A 169 -19.53 27.11 -24.20
C LEU A 169 -20.93 26.98 -23.63
N ILE A 170 -21.12 27.39 -22.38
CA ILE A 170 -22.45 27.35 -21.79
C ILE A 170 -23.32 28.48 -22.32
N GLY A 171 -22.73 29.56 -22.82
CA GLY A 171 -23.49 30.69 -23.28
C GLY A 171 -24.02 31.57 -22.18
N ASP A 172 -23.27 31.72 -21.08
CA ASP A 172 -23.68 32.53 -19.94
C ASP A 172 -22.49 33.37 -19.51
N PRO A 173 -22.43 34.65 -19.89
CA PRO A 173 -21.30 35.49 -19.49
C PRO A 173 -21.24 35.77 -18.01
N ASN A 174 -22.27 35.43 -17.24
CA ASN A 174 -22.29 35.61 -15.79
C ASN A 174 -22.04 34.30 -15.04
N LEU A 175 -21.59 33.26 -15.75
CA LEU A 175 -21.22 32.02 -15.08
C LEU A 175 -20.11 32.28 -14.07
N GLU A 176 -20.21 31.63 -12.91
CA GLU A 176 -19.21 31.76 -11.87
C GLU A 176 -18.74 30.38 -11.44
N PHE A 177 -17.44 30.24 -11.21
CA PHE A 177 -16.92 29.07 -10.52
C PHE A 177 -17.23 29.20 -9.04
N VAL A 178 -17.79 28.15 -8.44
CA VAL A 178 -18.21 28.18 -7.05
C VAL A 178 -17.51 27.07 -6.28
N ALA A 179 -17.49 27.24 -4.96
CA ALA A 179 -16.85 26.28 -4.08
C ALA A 179 -17.35 24.87 -4.36
N MET A 180 -16.41 23.94 -4.44
CA MET A 180 -16.75 22.53 -4.60
C MET A 180 -17.44 22.04 -3.34
N PRO A 181 -18.57 21.34 -3.45
CA PRO A 181 -19.21 20.80 -2.25
C PRO A 181 -18.29 19.84 -1.52
N ALA A 182 -18.22 19.98 -0.20
CA ALA A 182 -17.34 19.20 0.65
C ALA A 182 -18.22 18.34 1.57
N LEU A 183 -18.57 17.15 1.09
CA LEU A 183 -19.41 16.25 1.86
C LEU A 183 -18.66 15.74 3.08
N ALA A 184 -19.42 15.26 4.05
CA ALA A 184 -18.84 14.72 5.27
C ALA A 184 -18.02 13.47 4.94
N PRO A 185 -16.80 13.35 5.42
CA PRO A 185 -16.02 12.12 5.20
C PRO A 185 -16.75 10.93 5.79
N PRO A 186 -16.43 9.72 5.33
CA PRO A 186 -16.99 8.52 5.97
C PRO A 186 -16.44 8.36 7.38
N GLU A 187 -17.06 7.44 8.11
CA GLU A 187 -16.61 7.16 9.47
C GLU A 187 -15.31 6.38 9.53
N VAL A 188 -14.84 5.86 8.39
CA VAL A 188 -13.63 5.05 8.38
C VAL A 188 -12.42 5.97 8.45
N VAL A 189 -11.60 5.78 9.48
CA VAL A 189 -10.39 6.57 9.69
C VAL A 189 -9.24 5.61 9.95
N MET A 190 -8.02 6.16 10.00
CA MET A 190 -6.83 5.35 10.23
C MET A 190 -6.80 4.86 11.68
N ASP A 191 -6.75 3.54 11.85
CA ASP A 191 -6.55 2.99 13.18
C ASP A 191 -5.12 3.27 13.64
N PRO A 192 -4.89 3.36 14.95
CA PRO A 192 -3.56 3.77 15.43
C PRO A 192 -2.42 2.89 14.92
N ALA A 193 -2.64 1.58 14.76
CA ALA A 193 -1.56 0.70 14.33
C ALA A 193 -1.13 0.99 12.90
N LEU A 194 -2.10 1.07 11.98
CA LEU A 194 -1.77 1.44 10.60
C LEU A 194 -1.11 2.81 10.55
N ALA A 195 -1.61 3.76 11.36
CA ALA A 195 -1.00 5.08 11.39
C ALA A 195 0.46 5.01 11.85
N ALA A 196 0.73 4.18 12.86
CA ALA A 196 2.11 4.00 13.30
C ALA A 196 2.95 3.32 12.22
N GLN A 197 2.35 2.38 11.49
CA GLN A 197 3.07 1.70 10.42
C GLN A 197 3.49 2.69 9.34
N TYR A 198 2.64 3.68 9.04
CA TYR A 198 2.98 4.63 8.00
C TYR A 198 3.91 5.73 8.50
N GLU A 199 3.81 6.11 9.78
CA GLU A 199 4.78 7.05 10.33
C GLU A 199 6.20 6.50 10.19
N HIS A 200 6.36 5.18 10.30
CA HIS A 200 7.68 4.58 10.14
C HIS A 200 8.05 4.46 8.67
N ASP A 201 7.15 3.91 7.84
CA ASP A 201 7.44 3.73 6.42
C ASP A 201 7.77 5.06 5.76
N LEU A 202 7.09 6.14 6.18
CA LEU A 202 7.21 7.44 5.55
C LEU A 202 8.01 8.42 6.41
N GLU A 203 8.91 7.90 7.24
CA GLU A 203 9.69 8.79 8.10
C GLU A 203 10.53 9.76 7.27
N VAL A 204 10.98 9.34 6.08
CA VAL A 204 11.82 10.20 5.26
C VAL A 204 11.14 11.51 4.96
N ALA A 205 9.80 11.53 4.97
CA ALA A 205 9.07 12.76 4.69
C ALA A 205 9.39 13.86 5.69
N GLN A 206 9.75 13.49 6.92
CA GLN A 206 10.02 14.48 7.95
C GLN A 206 11.35 15.20 7.71
N THR A 207 12.28 14.59 6.98
CA THR A 207 13.55 15.19 6.65
C THR A 207 13.68 15.54 5.18
N THR A 208 12.57 15.52 4.44
CA THR A 208 12.54 15.90 3.04
C THR A 208 12.02 17.32 2.91
N ALA A 209 12.77 18.17 2.21
CA ALA A 209 12.45 19.58 2.15
C ALA A 209 11.13 19.81 1.44
N LEU A 210 10.43 20.86 1.87
CA LEU A 210 9.26 21.30 1.13
C LEU A 210 9.72 22.00 -0.16
N PRO A 211 8.98 21.83 -1.26
CA PRO A 211 9.42 22.48 -2.51
C PRO A 211 9.31 24.00 -2.46
N ASP A 212 8.39 24.55 -1.66
CA ASP A 212 8.24 26.00 -1.59
C ASP A 212 9.44 26.66 -0.91
N GLU A 213 10.26 25.89 -0.19
CA GLU A 213 11.44 26.47 0.47
C GLU A 213 12.31 27.23 -0.52
N ASP A 214 12.25 26.88 -1.80
CA ASP A 214 12.96 27.60 -2.86
C ASP A 214 12.78 29.11 -2.69
N MET B 12 -29.44 25.34 -22.11
CA MET B 12 -28.28 25.23 -21.22
C MET B 12 -28.69 24.64 -19.88
N PRO B 13 -27.70 24.19 -19.09
CA PRO B 13 -28.03 23.65 -17.76
C PRO B 13 -28.61 24.73 -16.86
N GLU B 14 -29.61 24.34 -16.08
CA GLU B 14 -30.27 25.28 -15.17
C GLU B 14 -29.36 25.61 -13.98
N LYS B 15 -29.58 26.80 -13.42
CA LYS B 15 -28.90 27.16 -12.18
C LYS B 15 -29.28 26.17 -11.07
N VAL B 16 -28.31 25.84 -10.23
CA VAL B 16 -28.47 24.82 -9.20
C VAL B 16 -28.37 25.47 -7.84
N GLU B 17 -28.88 24.76 -6.83
CA GLU B 17 -28.69 25.16 -5.45
C GLU B 17 -27.21 25.14 -5.11
N LEU B 18 -26.71 26.21 -4.51
CA LEU B 18 -25.32 26.28 -4.09
C LEU B 18 -25.18 25.55 -2.76
N VAL B 19 -24.47 24.43 -2.77
CA VAL B 19 -24.28 23.56 -1.61
C VAL B 19 -22.79 23.59 -1.26
N THR B 20 -22.49 24.02 -0.03
CA THR B 20 -21.10 24.03 0.44
C THR B 20 -20.75 22.77 1.23
N GLY B 21 -21.74 22.07 1.78
CA GLY B 21 -21.46 21.00 2.70
C GLY B 21 -21.04 21.46 4.08
N GLU B 22 -21.08 22.77 4.34
CA GLU B 22 -20.70 23.32 5.63
C GLU B 22 -21.86 24.02 6.33
N GLU B 23 -23.09 23.86 5.82
CA GLU B 23 -24.20 24.66 6.32
C GLU B 23 -24.44 24.43 7.81
N ASP B 24 -24.23 23.21 8.29
CA ASP B 24 -24.45 22.88 9.69
C ASP B 24 -23.24 23.15 10.57
N GLU B 25 -22.19 23.77 10.04
CA GLU B 25 -20.91 23.83 10.73
C GLU B 25 -20.52 25.25 11.11
N LYS B 26 -19.65 25.31 12.12
CA LYS B 26 -19.18 26.56 12.72
C LYS B 26 -17.66 26.55 12.65
N VAL B 27 -17.08 27.65 12.21
CA VAL B 27 -15.63 27.73 12.07
C VAL B 27 -15.01 27.99 13.43
N LEU B 28 -14.17 27.06 13.88
CA LEU B 28 -13.39 27.25 15.09
C LEU B 28 -12.02 27.85 14.81
N TYR B 29 -11.56 27.78 13.57
CA TYR B 29 -10.23 28.25 13.20
C TYR B 29 -10.17 28.32 11.67
N SER B 30 -9.56 29.39 11.18
CA SER B 30 -9.36 29.55 9.73
C SER B 30 -8.12 30.40 9.53
N GLN B 31 -7.17 29.87 8.76
CA GLN B 31 -5.92 30.56 8.51
C GLN B 31 -5.39 30.14 7.15
N ARG B 32 -4.90 31.12 6.39
CA ARG B 32 -4.34 30.85 5.08
C ARG B 32 -3.04 30.07 5.22
N VAL B 33 -2.91 29.00 4.44
CA VAL B 33 -1.75 28.12 4.50
C VAL B 33 -1.47 27.60 3.11
N LYS B 34 -0.28 27.01 2.94
CA LYS B 34 0.04 26.20 1.77
C LYS B 34 0.05 24.74 2.21
N LEU B 35 -0.76 23.91 1.57
CA LEU B 35 -0.86 22.50 1.88
C LEU B 35 0.00 21.69 0.94
N PHE B 36 0.67 20.67 1.47
CA PHE B 36 1.49 19.76 0.70
C PHE B 36 1.04 18.33 0.95
N ARG B 37 1.40 17.44 0.03
CA ARG B 37 1.08 16.04 0.16
C ARG B 37 2.29 15.25 -0.31
N PHE B 38 2.76 14.33 0.52
CA PHE B 38 3.95 13.57 0.21
C PHE B 38 3.62 12.46 -0.79
N ASP B 39 4.40 12.39 -1.85
CA ASP B 39 4.30 11.35 -2.87
C ASP B 39 5.39 10.32 -2.58
N ALA B 40 4.99 9.19 -2.00
CA ALA B 40 5.95 8.17 -1.60
C ALA B 40 6.60 7.50 -2.80
N GLU B 41 5.92 7.46 -3.94
CA GLU B 41 6.51 6.83 -5.12
C GLU B 41 7.83 7.49 -5.49
N VAL B 42 7.91 8.81 -5.39
CA VAL B 42 9.11 9.57 -5.74
C VAL B 42 9.77 10.20 -4.53
N SER B 43 9.19 10.05 -3.34
CA SER B 43 9.77 10.61 -2.11
C SER B 43 9.93 12.12 -2.19
N GLN B 44 8.85 12.80 -2.62
CA GLN B 44 8.84 14.25 -2.72
C GLN B 44 7.56 14.80 -2.10
N TRP B 45 7.69 15.91 -1.39
CA TRP B 45 6.53 16.72 -1.04
C TRP B 45 6.07 17.45 -2.30
N LYS B 46 4.76 17.45 -2.54
CA LYS B 46 4.18 18.12 -3.70
C LYS B 46 3.14 19.13 -3.22
N GLU B 47 3.22 20.34 -3.75
CA GLU B 47 2.22 21.35 -3.42
C GLU B 47 0.84 20.78 -3.68
N ARG B 48 -0.04 20.95 -2.71
CA ARG B 48 -1.41 20.48 -2.83
C ARG B 48 -2.40 21.63 -3.03
N GLY B 49 -2.12 22.78 -2.48
CA GLY B 49 -3.00 23.91 -2.67
C GLY B 49 -2.65 25.06 -1.77
N LEU B 50 -3.30 26.18 -2.04
CA LEU B 50 -3.14 27.43 -1.29
C LEU B 50 -4.53 27.94 -0.95
N GLY B 51 -4.80 28.14 0.33
CA GLY B 51 -6.14 28.53 0.74
C GLY B 51 -6.29 28.48 2.25
N ASN B 52 -7.54 28.60 2.68
CA ASN B 52 -7.86 28.66 4.10
C ASN B 52 -8.03 27.26 4.65
N LEU B 53 -7.16 26.88 5.59
CA LEU B 53 -7.31 25.64 6.35
C LEU B 53 -8.22 25.92 7.54
N LYS B 54 -9.33 25.18 7.62
CA LYS B 54 -10.34 25.42 8.64
C LYS B 54 -10.51 24.20 9.53
N ILE B 55 -10.77 24.47 10.81
CA ILE B 55 -11.32 23.48 11.73
C ILE B 55 -12.80 23.81 11.88
N LEU B 56 -13.65 22.85 11.52
CA LEU B 56 -15.09 23.04 11.52
C LEU B 56 -15.74 22.12 12.55
N LYS B 57 -16.67 22.68 13.32
CA LYS B 57 -17.47 21.93 14.28
C LYS B 57 -18.91 21.87 13.77
N ASN B 58 -19.43 20.65 13.59
CA ASN B 58 -20.80 20.46 13.16
C ASN B 58 -21.73 20.69 14.34
N GLU B 59 -22.60 21.69 14.22
CA GLU B 59 -23.41 22.10 15.37
C GLU B 59 -24.51 21.09 15.70
N VAL B 60 -24.85 20.21 14.78
CA VAL B 60 -25.91 19.24 15.02
C VAL B 60 -25.39 17.99 15.72
N ASN B 61 -24.20 17.50 15.33
CA ASN B 61 -23.65 16.27 15.88
C ASN B 61 -22.29 16.46 16.54
N GLY B 62 -21.74 17.67 16.55
CA GLY B 62 -20.53 17.97 17.29
C GLY B 62 -19.24 17.48 16.67
N LYS B 63 -19.28 16.93 15.46
CA LYS B 63 -18.09 16.36 14.86
C LYS B 63 -17.13 17.44 14.38
N LEU B 64 -15.83 17.13 14.47
CA LEU B 64 -14.76 18.05 14.09
C LEU B 64 -14.04 17.51 12.85
N ARG B 65 -13.75 18.41 11.91
CA ARG B 65 -13.00 18.01 10.72
C ARG B 65 -12.11 19.14 10.25
N MET B 66 -11.11 18.77 9.47
CA MET B 66 -10.30 19.72 8.72
C MET B 66 -10.91 19.91 7.35
N LEU B 67 -10.96 21.16 6.88
CA LEU B 67 -11.47 21.46 5.56
C LEU B 67 -10.66 22.59 4.96
N MET B 68 -10.33 22.45 3.67
CA MET B 68 -9.55 23.44 2.96
C MET B 68 -9.92 23.37 1.49
N ARG B 69 -10.10 24.53 0.86
CA ARG B 69 -10.31 24.62 -0.57
C ARG B 69 -9.17 25.40 -1.21
N ARG B 70 -8.83 25.03 -2.44
CA ARG B 70 -7.81 25.71 -3.21
C ARG B 70 -8.36 27.02 -3.74
N GLU B 71 -7.52 28.05 -3.74
CA GLU B 71 -7.95 29.36 -4.22
C GLU B 71 -8.04 29.36 -5.75
N GLN B 72 -8.97 30.16 -6.27
CA GLN B 72 -9.22 30.33 -7.71
C GLN B 72 -9.98 29.13 -8.29
N VAL B 73 -9.42 27.92 -8.19
CA VAL B 73 -10.13 26.74 -8.66
C VAL B 73 -11.24 26.34 -7.67
N LEU B 74 -11.07 26.67 -6.39
CA LEU B 74 -12.11 26.44 -5.38
C LEU B 74 -12.41 24.96 -5.19
N LYS B 75 -11.41 24.10 -5.34
CA LYS B 75 -11.58 22.66 -5.15
C LYS B 75 -11.04 22.24 -3.79
N VAL B 76 -11.61 21.17 -3.25
CA VAL B 76 -11.21 20.69 -1.93
C VAL B 76 -9.85 20.01 -2.01
N CYS B 77 -8.95 20.38 -1.10
CA CYS B 77 -7.64 19.75 -1.00
C CYS B 77 -7.38 19.13 0.37
N ALA B 78 -8.23 19.38 1.37
CA ALA B 78 -8.18 18.66 2.63
C ALA B 78 -9.61 18.50 3.16
N ASN B 79 -9.97 17.28 3.55
CA ASN B 79 -11.32 17.00 4.06
C ASN B 79 -11.21 15.69 4.86
N HIS B 80 -10.99 15.81 6.17
CA HIS B 80 -10.83 14.63 7.00
C HIS B 80 -11.24 14.93 8.43
N TRP B 81 -11.77 13.91 9.11
CA TRP B 81 -12.12 14.05 10.52
C TRP B 81 -10.84 14.21 11.35
N ILE B 82 -10.91 15.05 12.38
CA ILE B 82 -9.84 15.11 13.37
C ILE B 82 -9.95 13.90 14.28
N THR B 83 -8.85 13.19 14.49
CA THR B 83 -8.82 12.04 15.38
C THR B 83 -7.76 12.26 16.45
N THR B 84 -7.92 11.54 17.57
CA THR B 84 -6.91 11.54 18.60
C THR B 84 -5.60 10.88 18.15
N THR B 85 -5.65 10.10 17.07
CA THR B 85 -4.46 9.41 16.59
C THR B 85 -3.52 10.36 15.84
N MET B 86 -4.03 11.46 15.31
CA MET B 86 -3.19 12.37 14.55
C MET B 86 -2.15 13.01 15.44
N ASN B 87 -0.93 13.14 14.90
CA ASN B 87 0.20 13.68 15.65
C ASN B 87 0.87 14.72 14.75
N LEU B 88 0.63 15.99 15.06
CA LEU B 88 1.30 17.07 14.35
C LEU B 88 2.79 17.04 14.66
N LYS B 89 3.61 16.82 13.63
CA LYS B 89 5.06 16.75 13.78
C LYS B 89 5.72 17.86 12.96
N PRO B 90 6.82 18.42 13.45
CA PRO B 90 7.55 19.42 12.66
C PRO B 90 8.32 18.77 11.52
N LEU B 91 8.68 19.60 10.55
CA LEU B 91 9.56 19.22 9.46
C LEU B 91 10.91 19.90 9.65
N SER B 92 11.98 19.18 9.29
CA SER B 92 13.32 19.71 9.52
C SER B 92 13.55 20.99 8.72
N GLY B 93 12.93 21.12 7.55
CA GLY B 93 13.17 22.24 6.68
C GLY B 93 12.36 23.50 6.94
N SER B 94 11.54 23.55 7.98
CA SER B 94 10.69 24.70 8.21
C SER B 94 10.54 24.99 9.68
N ASP B 95 10.42 26.28 10.00
CA ASP B 95 10.12 26.75 11.35
C ASP B 95 8.66 27.15 11.50
N ARG B 96 7.85 26.91 10.48
CA ARG B 96 6.44 27.30 10.50
C ARG B 96 5.61 26.28 9.71
N ALA B 97 5.73 25.00 10.07
CA ALA B 97 4.97 23.97 9.35
C ALA B 97 4.83 22.72 10.22
N TRP B 98 3.74 21.99 9.98
CA TRP B 98 3.49 20.71 10.63
C TRP B 98 3.10 19.68 9.58
N MET B 99 3.42 18.42 9.86
CA MET B 99 2.97 17.30 9.04
C MET B 99 2.12 16.36 9.90
N TRP B 100 1.23 15.62 9.25
CA TRP B 100 0.42 14.64 9.93
C TRP B 100 -0.20 13.70 8.91
N LEU B 101 -0.69 12.56 9.41
CA LEU B 101 -1.34 11.54 8.61
C LEU B 101 -2.85 11.64 8.75
N ALA B 102 -3.55 11.38 7.66
CA ALA B 102 -5.01 11.51 7.66
C ALA B 102 -5.59 10.65 6.55
N SER B 103 -6.82 10.17 6.80
CA SER B 103 -7.63 9.54 5.76
C SER B 103 -8.47 10.64 5.14
N ASP B 104 -8.06 11.11 3.96
CA ASP B 104 -8.62 12.30 3.35
C ASP B 104 -9.72 11.95 2.35
N PHE B 105 -10.70 12.86 2.25
CA PHE B 105 -11.89 12.66 1.42
C PHE B 105 -12.05 13.77 0.39
N SER B 106 -10.96 14.44 0.02
CA SER B 106 -11.05 15.56 -0.90
C SER B 106 -11.71 15.17 -2.21
N ASP B 107 -11.25 14.07 -2.82
CA ASP B 107 -11.73 13.64 -4.13
C ASP B 107 -12.96 12.75 -4.05
N GLY B 108 -13.69 12.78 -2.94
CA GLY B 108 -14.84 11.93 -2.76
C GLY B 108 -14.52 10.48 -2.47
N ASP B 109 -13.25 10.11 -2.41
CA ASP B 109 -12.81 8.76 -2.07
C ASP B 109 -11.83 8.85 -0.91
N ALA B 110 -11.96 7.94 0.04
CA ALA B 110 -11.06 7.92 1.18
C ALA B 110 -9.65 7.56 0.72
N LYS B 111 -8.67 8.39 1.07
CA LYS B 111 -7.28 8.18 0.70
C LYS B 111 -6.39 8.39 1.91
N LEU B 112 -5.49 7.45 2.15
CA LEU B 112 -4.48 7.60 3.19
C LEU B 112 -3.39 8.52 2.66
N GLU B 113 -3.21 9.67 3.30
CA GLU B 113 -2.34 10.71 2.79
C GLU B 113 -1.41 11.22 3.88
N GLN B 114 -0.18 11.54 3.48
CA GLN B 114 0.82 12.19 4.33
C GLN B 114 0.83 13.67 3.98
N LEU B 115 0.29 14.50 4.86
CA LEU B 115 0.09 15.91 4.58
C LEU B 115 1.05 16.78 5.37
N ALA B 116 1.17 18.03 4.92
CA ALA B 116 1.90 19.05 5.66
C ALA B 116 1.30 20.41 5.31
N ALA B 117 1.30 21.31 6.29
CA ALA B 117 0.82 22.67 6.10
C ALA B 117 1.88 23.65 6.58
N LYS B 118 2.14 24.67 5.76
CA LYS B 118 3.09 25.74 6.07
C LYS B 118 2.32 27.03 6.31
N PHE B 119 2.63 27.70 7.42
CA PHE B 119 1.96 28.93 7.81
C PHE B 119 2.82 30.14 7.52
N LYS B 120 2.22 31.32 7.65
CA LYS B 120 2.93 32.55 7.31
C LYS B 120 4.04 32.86 8.31
N THR B 121 3.86 32.50 9.57
CA THR B 121 4.82 32.78 10.62
C THR B 121 4.86 31.60 11.58
N PRO B 122 5.94 31.45 12.35
CA PRO B 122 5.95 30.40 13.38
C PRO B 122 4.89 30.60 14.44
N GLU B 123 4.57 31.86 14.76
CA GLU B 123 3.51 32.11 15.75
C GLU B 123 2.18 31.55 15.26
N LEU B 124 1.86 31.75 13.98
CA LEU B 124 0.60 31.23 13.45
C LEU B 124 0.59 29.71 13.43
N ALA B 125 1.75 29.09 13.17
CA ALA B 125 1.81 27.63 13.21
C ALA B 125 1.62 27.11 14.62
N GLU B 126 2.26 27.74 15.61
CA GLU B 126 2.04 27.36 16.99
C GLU B 126 0.59 27.55 17.39
N GLU B 127 -0.03 28.64 16.93
CA GLU B 127 -1.44 28.88 17.24
C GLU B 127 -2.31 27.74 16.71
N PHE B 128 -2.05 27.31 15.47
CA PHE B 128 -2.80 26.20 14.91
C PHE B 128 -2.60 24.93 15.74
N LYS B 129 -1.34 24.61 16.06
CA LYS B 129 -1.07 23.40 16.82
C LYS B 129 -1.79 23.42 18.16
N GLN B 130 -1.83 24.57 18.83
CA GLN B 130 -2.53 24.63 20.11
C GLN B 130 -4.02 24.43 19.91
N LYS B 131 -4.60 25.03 18.87
CA LYS B 131 -6.02 24.88 18.62
C LYS B 131 -6.36 23.46 18.18
N PHE B 132 -5.52 22.88 17.32
CA PHE B 132 -5.75 21.52 16.86
C PHE B 132 -5.69 20.53 18.01
N GLU B 133 -4.75 20.71 18.93
CA GLU B 133 -4.59 19.76 20.02
C GLU B 133 -5.58 20.00 21.15
N GLU B 134 -6.08 21.23 21.31
CA GLU B 134 -7.24 21.43 22.16
C GLU B 134 -8.42 20.61 21.68
N CYS B 135 -8.66 20.61 20.36
CA CYS B 135 -9.76 19.81 19.80
C CYS B 135 -9.53 18.31 20.06
N GLN B 136 -8.29 17.85 19.83
CA GLN B 136 -7.99 16.44 20.08
C GLN B 136 -8.30 16.05 21.52
N ARG B 137 -7.95 16.91 22.47
CA ARG B 137 -8.21 16.59 23.87
C ARG B 137 -9.69 16.50 24.15
N LEU B 138 -10.48 17.43 23.59
CA LEU B 138 -11.92 17.39 23.78
C LEU B 138 -12.52 16.08 23.28
N LEU B 139 -11.89 15.44 22.29
CA LEU B 139 -12.38 14.17 21.80
C LEU B 139 -12.21 13.06 22.83
N LEU B 140 -11.23 13.18 23.72
CA LEU B 140 -11.04 12.17 24.75
C LEU B 140 -12.18 12.19 25.76
N ASP B 141 -12.69 13.38 26.06
CA ASP B 141 -13.84 13.52 26.94
C ASP B 141 -15.03 12.72 26.43
N GLN C 9 29.35 -11.25 43.38
CA GLN C 9 28.69 -10.05 43.89
C GLN C 9 28.38 -10.22 45.38
N VAL C 10 28.16 -9.10 46.07
CA VAL C 10 27.79 -9.11 47.48
C VAL C 10 26.30 -9.42 47.58
N GLN C 11 25.98 -10.61 48.08
CA GLN C 11 24.60 -11.08 48.19
C GLN C 11 24.29 -11.43 49.65
N PHE C 12 23.03 -11.26 50.02
CA PHE C 12 22.56 -11.65 51.34
C PHE C 12 21.16 -12.23 51.23
N LYS C 13 20.89 -13.30 51.98
CA LYS C 13 19.56 -13.88 52.03
C LYS C 13 18.80 -13.21 53.17
N LEU C 14 17.64 -12.67 52.85
CA LEU C 14 16.79 -11.95 53.80
C LEU C 14 15.44 -12.65 53.84
N VAL C 15 15.01 -13.06 55.03
CA VAL C 15 13.70 -13.67 55.21
C VAL C 15 12.77 -12.63 55.80
N LEU C 16 11.62 -12.45 55.18
CA LEU C 16 10.61 -11.46 55.56
C LEU C 16 9.41 -12.22 56.09
N VAL C 17 9.06 -11.97 57.35
CA VAL C 17 8.05 -12.76 58.05
C VAL C 17 7.11 -11.83 58.81
N GLY C 18 5.93 -12.35 59.08
CA GLY C 18 4.91 -11.61 59.80
C GLY C 18 3.53 -12.10 59.46
N ASP C 19 2.57 -11.72 60.29
CA ASP C 19 1.19 -12.14 60.10
C ASP C 19 0.70 -11.78 58.71
N GLY C 20 -0.31 -12.51 58.26
CA GLY C 20 -0.91 -12.20 56.97
C GLY C 20 -1.54 -10.82 56.98
N GLY C 21 -1.45 -10.14 55.84
CA GLY C 21 -2.05 -8.83 55.67
C GLY C 21 -1.24 -7.67 56.19
N THR C 22 -0.07 -7.92 56.79
CA THR C 22 0.71 -6.84 57.37
C THR C 22 1.41 -5.98 56.33
N GLY C 23 1.54 -6.46 55.09
CA GLY C 23 2.10 -5.67 54.01
C GLY C 23 3.43 -6.16 53.49
N LYS C 24 3.84 -7.38 53.83
CA LYS C 24 5.14 -7.87 53.41
C LYS C 24 5.30 -7.81 51.91
N THR C 25 4.33 -8.37 51.18
CA THR C 25 4.45 -8.41 49.72
C THR C 25 4.29 -7.02 49.11
N THR C 26 3.34 -6.24 49.64
CA THR C 26 3.18 -4.86 49.18
C THR C 26 4.49 -4.10 49.32
N PHE C 27 5.14 -4.25 50.47
CA PHE C 27 6.44 -3.63 50.72
C PHE C 27 7.47 -4.04 49.67
N VAL C 28 7.63 -5.34 49.45
CA VAL C 28 8.61 -5.81 48.49
C VAL C 28 8.29 -5.29 47.09
N LYS C 29 7.01 -5.34 46.69
CA LYS C 29 6.65 -4.89 45.35
C LYS C 29 6.95 -3.40 45.18
N ARG C 30 6.64 -2.59 46.19
CA ARG C 30 7.00 -1.18 46.14
C ARG C 30 8.48 -1.00 45.83
N HIS C 31 9.34 -1.76 46.52
CA HIS C 31 10.78 -1.64 46.26
C HIS C 31 11.15 -2.10 44.86
N LEU C 32 10.51 -3.18 44.39
CA LEU C 32 10.86 -3.74 43.10
C LEU C 32 10.52 -2.79 41.96
N THR C 33 9.24 -2.42 41.85
CA THR C 33 8.71 -1.72 40.70
C THR C 33 8.26 -0.29 40.99
N GLY C 34 8.10 0.06 42.27
CA GLY C 34 7.54 1.35 42.63
C GLY C 34 6.04 1.40 42.74
N GLU C 35 5.34 0.31 42.40
CA GLU C 35 3.89 0.28 42.44
C GLU C 35 3.40 0.16 43.88
N PHE C 36 2.13 0.48 44.08
CA PHE C 36 1.44 0.21 45.33
C PHE C 36 0.25 -0.70 45.05
N GLU C 37 0.32 -1.93 45.55
CA GLU C 37 -0.73 -2.91 45.36
C GLU C 37 -1.78 -2.72 46.44
N LYS C 38 -3.01 -2.40 46.02
CA LYS C 38 -4.11 -2.17 46.95
C LYS C 38 -4.83 -3.45 47.35
N LYS C 39 -4.68 -4.51 46.58
CA LYS C 39 -5.35 -5.78 46.85
C LYS C 39 -4.52 -6.63 47.79
N TYR C 40 -5.20 -7.49 48.55
CA TYR C 40 -4.55 -8.49 49.39
C TYR C 40 -4.58 -9.82 48.64
N VAL C 41 -3.46 -10.17 48.01
CA VAL C 41 -3.29 -11.47 47.37
C VAL C 41 -2.33 -12.28 48.23
N ALA C 42 -2.87 -13.10 49.12
CA ALA C 42 -2.06 -13.86 50.07
C ALA C 42 -0.94 -14.61 49.35
N THR C 43 0.27 -14.50 49.90
CA THR C 43 1.40 -15.22 49.35
C THR C 43 1.27 -16.71 49.68
N LEU C 44 1.48 -17.55 48.67
CA LEU C 44 1.36 -19.00 48.83
C LEU C 44 2.77 -19.57 49.03
N GLY C 45 3.12 -19.85 50.28
CA GLY C 45 4.42 -20.42 50.57
C GLY C 45 5.50 -19.36 50.72
N VAL C 46 6.26 -19.12 49.66
CA VAL C 46 7.32 -18.10 49.67
C VAL C 46 7.56 -17.67 48.24
N GLU C 47 8.00 -16.42 48.08
CA GLU C 47 8.44 -15.89 46.78
C GLU C 47 9.76 -15.17 46.99
N VAL C 48 10.73 -15.44 46.12
CA VAL C 48 12.07 -14.89 46.24
C VAL C 48 12.23 -13.77 45.22
N HIS C 49 12.56 -12.57 45.69
CA HIS C 49 12.72 -11.40 44.84
C HIS C 49 14.07 -10.78 45.15
N PRO C 50 14.96 -10.60 44.17
CA PRO C 50 16.22 -9.90 44.43
C PRO C 50 16.02 -8.39 44.45
N LEU C 51 16.60 -7.74 45.46
CA LEU C 51 16.61 -6.29 45.57
C LEU C 51 18.04 -5.81 45.63
N VAL C 52 18.43 -4.94 44.70
CA VAL C 52 19.77 -4.38 44.64
C VAL C 52 19.72 -2.94 45.14
N PHE C 53 20.69 -2.58 45.98
CA PHE C 53 20.92 -1.20 46.37
C PHE C 53 22.38 -0.86 46.07
N HIS C 54 22.61 0.40 45.70
CA HIS C 54 23.95 0.87 45.41
C HIS C 54 24.46 1.71 46.57
N THR C 55 25.65 1.37 47.05
CA THR C 55 26.24 2.00 48.22
C THR C 55 27.56 2.66 47.84
N ASN C 56 28.07 3.47 48.77
CA ASN C 56 29.39 4.07 48.59
C ASN C 56 30.50 3.02 48.67
N ARG C 57 30.17 1.77 48.99
CA ARG C 57 31.10 0.65 48.91
C ARG C 57 30.70 -0.34 47.82
N GLY C 58 29.89 0.08 46.86
CA GLY C 58 29.48 -0.77 45.77
C GLY C 58 28.06 -1.30 45.95
N PRO C 59 27.60 -2.09 44.98
CA PRO C 59 26.23 -2.61 45.04
C PRO C 59 26.13 -3.82 45.95
N ILE C 60 24.99 -3.91 46.65
CA ILE C 60 24.67 -5.09 47.45
C ILE C 60 23.27 -5.55 47.08
N LYS C 61 23.10 -6.86 47.01
CA LYS C 61 21.84 -7.49 46.61
C LYS C 61 21.25 -8.23 47.80
N PHE C 62 20.01 -7.92 48.12
CA PHE C 62 19.24 -8.68 49.11
C PHE C 62 18.33 -9.65 48.36
N ASN C 63 18.57 -10.94 48.54
CA ASN C 63 17.65 -11.96 48.03
C ASN C 63 16.53 -12.12 49.05
N VAL C 64 15.40 -11.47 48.80
CA VAL C 64 14.33 -11.36 49.78
C VAL C 64 13.41 -12.56 49.65
N TRP C 65 13.24 -13.29 50.75
CA TRP C 65 12.33 -14.45 50.81
C TRP C 65 11.05 -13.99 51.49
N ASP C 66 10.09 -13.56 50.68
CA ASP C 66 8.81 -13.05 51.17
C ASP C 66 7.93 -14.25 51.52
N THR C 67 7.81 -14.53 52.82
CA THR C 67 7.12 -15.73 53.28
C THR C 67 5.64 -15.46 53.52
N ALA C 68 4.87 -16.54 53.59
CA ALA C 68 3.44 -16.45 53.84
C ALA C 68 3.14 -16.35 55.33
N GLY C 69 2.33 -15.37 55.72
CA GLY C 69 2.03 -15.17 57.12
C GLY C 69 0.97 -16.09 57.69
N GLN C 70 0.12 -16.67 56.84
CA GLN C 70 -0.93 -17.56 57.31
C GLN C 70 -0.35 -18.91 57.67
N GLU C 71 -0.85 -19.49 58.76
CA GLU C 71 -0.34 -20.77 59.24
C GLU C 71 -0.54 -21.87 58.19
N LYS C 72 -1.57 -21.73 57.35
CA LYS C 72 -1.85 -22.75 56.35
C LYS C 72 -0.64 -23.06 55.49
N PHE C 73 0.16 -22.04 55.16
CA PHE C 73 1.36 -22.21 54.35
C PHE C 73 2.62 -22.33 55.21
N GLY C 74 2.48 -22.46 56.52
CA GLY C 74 3.61 -22.58 57.42
C GLY C 74 4.35 -23.90 57.35
N GLY C 75 3.90 -24.83 56.53
CA GLY C 75 4.68 -26.04 56.30
C GLY C 75 5.99 -25.70 55.59
N LEU C 76 7.06 -26.33 56.05
CA LEU C 76 8.40 -26.08 55.51
C LEU C 76 8.85 -24.64 55.77
N ARG C 77 8.30 -24.00 56.82
CA ARG C 77 8.74 -22.64 57.13
C ARG C 77 10.20 -22.62 57.57
N ASP C 78 10.62 -23.66 58.32
CA ASP C 78 12.03 -23.77 58.66
C ASP C 78 12.90 -23.86 57.41
N GLY C 79 12.41 -24.53 56.37
CA GLY C 79 13.13 -24.57 55.12
C GLY C 79 13.46 -23.18 54.59
N TYR C 80 12.49 -22.27 54.65
CA TYR C 80 12.73 -20.91 54.19
C TYR C 80 13.88 -20.24 54.95
N TYR C 81 14.09 -20.61 56.20
CA TYR C 81 15.04 -19.90 57.05
C TYR C 81 16.48 -20.42 56.93
N ILE C 82 16.71 -21.53 56.25
CA ILE C 82 18.06 -22.09 56.21
C ILE C 82 18.99 -21.12 55.49
N GLN C 83 20.22 -21.02 55.99
CA GLN C 83 21.26 -20.17 55.41
C GLN C 83 20.85 -18.70 55.34
N ALA C 84 19.85 -18.30 56.13
CA ALA C 84 19.45 -16.91 56.15
C ALA C 84 20.51 -16.07 56.85
N GLN C 85 20.72 -14.85 56.34
CA GLN C 85 21.74 -13.96 56.87
C GLN C 85 21.16 -12.73 57.55
N CYS C 86 19.88 -12.44 57.36
CA CYS C 86 19.21 -11.33 58.02
C CYS C 86 17.71 -11.53 57.85
N ALA C 87 16.93 -10.71 58.54
CA ALA C 87 15.49 -10.89 58.51
C ALA C 87 14.80 -9.56 58.81
N ILE C 88 13.55 -9.49 58.39
CA ILE C 88 12.65 -8.39 58.71
C ILE C 88 11.37 -9.00 59.27
N ILE C 89 11.00 -8.60 60.49
CA ILE C 89 9.71 -8.94 61.06
C ILE C 89 8.81 -7.73 60.90
N MET C 90 7.64 -7.93 60.31
CA MET C 90 6.71 -6.86 60.05
C MET C 90 5.40 -7.10 60.78
N PHE C 91 4.79 -6.02 61.26
CA PHE C 91 3.44 -6.06 61.78
C PHE C 91 2.70 -4.82 61.29
N ASP C 92 1.41 -4.76 61.64
CA ASP C 92 0.48 -3.74 61.16
C ASP C 92 0.04 -2.90 62.35
N VAL C 93 0.36 -1.61 62.33
CA VAL C 93 0.13 -0.75 63.49
C VAL C 93 -1.35 -0.45 63.65
N THR C 94 -2.18 -0.95 62.74
CA THR C 94 -3.63 -0.85 62.88
C THR C 94 -4.27 -2.14 63.41
N SER C 95 -3.48 -3.16 63.70
CA SER C 95 -3.99 -4.45 64.16
C SER C 95 -3.11 -4.96 65.29
N ARG C 96 -3.63 -4.88 66.53
CA ARG C 96 -2.82 -5.21 67.69
C ARG C 96 -2.32 -6.65 67.65
N VAL C 97 -3.16 -7.57 67.15
CA VAL C 97 -2.80 -8.99 67.19
C VAL C 97 -1.52 -9.25 66.41
N THR C 98 -1.31 -8.51 65.31
CA THR C 98 -0.10 -8.73 64.53
C THR C 98 1.15 -8.36 65.32
N TYR C 99 1.06 -7.37 66.19
CA TYR C 99 2.18 -7.08 67.07
C TYR C 99 2.31 -8.15 68.15
N LYS C 100 1.17 -8.59 68.72
CA LYS C 100 1.22 -9.62 69.76
C LYS C 100 1.94 -10.87 69.27
N ASN C 101 1.93 -11.13 67.96
CA ASN C 101 2.55 -12.31 67.40
C ASN C 101 4.01 -12.09 67.00
N VAL C 102 4.51 -10.86 67.12
CA VAL C 102 5.92 -10.61 66.81
C VAL C 102 6.84 -11.57 67.57
N PRO C 103 6.69 -11.78 68.88
CA PRO C 103 7.60 -12.71 69.57
C PRO C 103 7.61 -14.10 68.99
N ASN C 104 6.46 -14.60 68.53
CA ASN C 104 6.42 -15.93 67.92
C ASN C 104 7.28 -15.99 66.66
N TRP C 105 7.22 -14.93 65.84
CA TRP C 105 8.05 -14.91 64.64
C TRP C 105 9.53 -14.85 65.01
N HIS C 106 9.87 -14.09 66.04
CA HIS C 106 11.27 -13.95 66.42
C HIS C 106 11.82 -15.25 66.99
N ARG C 107 11.00 -15.96 67.79
CA ARG C 107 11.43 -17.24 68.34
C ARG C 107 11.76 -18.22 67.23
N ASP C 108 10.84 -18.40 66.28
CA ASP C 108 11.07 -19.37 65.21
C ASP C 108 12.28 -19.01 64.36
N LEU C 109 12.47 -17.70 64.11
CA LEU C 109 13.65 -17.28 63.37
C LEU C 109 14.93 -17.60 64.14
N VAL C 110 14.95 -17.28 65.44
CA VAL C 110 16.15 -17.50 66.24
C VAL C 110 16.50 -18.97 66.31
N ARG C 111 15.50 -19.85 66.33
CA ARG C 111 15.76 -21.28 66.41
C ARG C 111 16.58 -21.77 65.22
N VAL C 112 16.28 -21.27 64.02
CA VAL C 112 16.95 -21.73 62.81
C VAL C 112 18.21 -20.91 62.52
N CYS C 113 18.18 -19.59 62.79
CA CYS C 113 19.26 -18.68 62.39
C CYS C 113 20.05 -18.10 63.55
N GLU C 114 19.51 -18.09 64.76
CA GLU C 114 20.23 -17.79 65.98
C GLU C 114 20.70 -16.34 66.11
N ASN C 115 21.76 -15.93 65.39
CA ASN C 115 22.38 -14.62 65.59
C ASN C 115 22.50 -13.88 64.25
N ILE C 116 21.35 -13.43 63.73
CA ILE C 116 21.31 -12.67 62.49
C ILE C 116 20.75 -11.28 62.80
N PRO C 117 21.19 -10.23 62.11
CA PRO C 117 20.55 -8.92 62.29
C PRO C 117 19.10 -8.97 61.85
N ILE C 118 18.21 -8.43 62.69
CA ILE C 118 16.78 -8.47 62.45
C ILE C 118 16.21 -7.07 62.67
N VAL C 119 15.43 -6.59 61.70
CA VAL C 119 14.75 -5.30 61.79
C VAL C 119 13.27 -5.55 62.02
N LEU C 120 12.67 -4.76 62.91
CA LEU C 120 11.24 -4.83 63.21
C LEU C 120 10.57 -3.60 62.60
N CYS C 121 9.50 -3.82 61.86
CA CYS C 121 8.83 -2.75 61.14
C CYS C 121 7.35 -2.74 61.50
N GLY C 122 6.89 -1.60 61.99
CA GLY C 122 5.46 -1.34 62.14
C GLY C 122 4.96 -0.63 60.90
N ASN C 123 4.14 -1.32 60.11
CA ASN C 123 3.71 -0.82 58.80
C ASN C 123 2.35 -0.14 58.89
N LYS C 124 2.02 0.61 57.85
CA LYS C 124 0.72 1.28 57.69
C LYS C 124 0.55 2.47 58.62
N VAL C 125 1.63 3.15 58.98
CA VAL C 125 1.54 4.34 59.82
C VAL C 125 0.89 5.50 59.08
N ASP C 126 0.61 5.33 57.78
CA ASP C 126 -0.09 6.36 57.04
C ASP C 126 -1.55 6.47 57.45
N ILE C 127 -2.10 5.46 58.11
CA ILE C 127 -3.50 5.47 58.50
C ILE C 127 -3.66 6.26 59.79
N LYS C 128 -4.67 7.14 59.83
CA LYS C 128 -4.83 8.02 60.98
C LYS C 128 -5.20 7.24 62.23
N ASP C 129 -6.14 6.31 62.11
CA ASP C 129 -6.61 5.54 63.27
C ASP C 129 -5.58 4.45 63.59
N ARG C 130 -4.43 4.91 64.09
CA ARG C 130 -3.40 3.99 64.56
C ARG C 130 -3.83 3.30 65.84
N LYS C 131 -3.57 1.99 65.93
CA LYS C 131 -3.99 1.20 67.07
C LYS C 131 -2.84 0.72 67.96
N VAL C 132 -1.67 0.43 67.37
CA VAL C 132 -0.51 0.02 68.14
C VAL C 132 0.31 1.27 68.43
N LYS C 133 0.09 1.87 69.59
CA LYS C 133 0.80 3.08 69.97
C LYS C 133 2.30 2.82 70.07
N ALA C 134 3.08 3.89 69.87
CA ALA C 134 4.53 3.75 69.91
C ALA C 134 5.01 3.18 71.23
N LYS C 135 4.36 3.56 72.33
CA LYS C 135 4.79 3.08 73.64
C LYS C 135 4.48 1.61 73.86
N SER C 136 3.51 1.05 73.12
CA SER C 136 3.26 -0.38 73.21
C SER C 136 4.41 -1.17 72.59
N ILE C 137 5.11 -0.59 71.62
CA ILE C 137 6.14 -1.28 70.87
C ILE C 137 7.40 -1.31 71.73
N VAL C 138 7.66 -2.48 72.33
CA VAL C 138 8.80 -2.66 73.21
C VAL C 138 9.66 -3.89 72.87
N PHE C 139 9.15 -4.78 72.01
CA PHE C 139 9.86 -6.04 71.78
C PHE C 139 11.24 -5.81 71.20
N HIS C 140 11.45 -4.70 70.47
CA HIS C 140 12.75 -4.46 69.86
C HIS C 140 13.81 -4.15 70.90
N ARG C 141 13.45 -3.46 71.98
CA ARG C 141 14.40 -3.23 73.05
C ARG C 141 14.73 -4.54 73.78
N LYS C 142 13.76 -5.45 73.87
CA LYS C 142 13.97 -6.70 74.59
C LYS C 142 14.95 -7.62 73.86
N LYS C 143 14.94 -7.61 72.53
CA LYS C 143 15.79 -8.50 71.74
C LYS C 143 16.89 -7.77 70.99
N ASN C 144 17.08 -6.47 71.25
CA ASN C 144 18.15 -5.70 70.63
C ASN C 144 17.94 -5.56 69.12
N LEU C 145 16.68 -5.43 68.71
CA LEU C 145 16.33 -5.22 67.31
C LEU C 145 16.23 -3.73 67.00
N GLN C 146 16.42 -3.41 65.72
CA GLN C 146 16.19 -2.06 65.23
C GLN C 146 14.73 -1.94 64.81
N TYR C 147 14.06 -0.88 65.27
CA TYR C 147 12.66 -0.65 64.93
C TYR C 147 12.51 0.56 64.02
N TYR C 148 11.53 0.48 63.11
CA TYR C 148 11.12 1.61 62.31
C TYR C 148 9.59 1.59 62.16
N ASP C 149 8.98 2.77 62.28
CA ASP C 149 7.70 3.02 61.63
C ASP C 149 7.94 3.08 60.13
N ILE C 150 7.09 2.40 59.35
CA ILE C 150 7.15 2.48 57.90
C ILE C 150 5.74 2.52 57.32
N SER C 151 5.66 3.01 56.08
CA SER C 151 4.44 2.95 55.30
C SER C 151 4.82 2.55 53.88
N ALA C 152 4.38 1.38 53.45
CA ALA C 152 4.55 1.01 52.05
C ALA C 152 3.75 1.92 51.14
N LYS C 153 2.68 2.52 51.66
CA LYS C 153 1.82 3.39 50.85
C LYS C 153 2.44 4.76 50.65
N SER C 154 2.87 5.40 51.74
CA SER C 154 3.47 6.72 51.67
C SER C 154 4.97 6.70 51.41
N ASN C 155 5.60 5.51 51.43
CA ASN C 155 7.04 5.32 51.33
C ASN C 155 7.78 5.84 52.57
N TYR C 156 7.06 6.23 53.61
CA TYR C 156 7.72 6.73 54.82
C TYR C 156 8.67 5.66 55.38
N ASN C 157 9.95 5.99 55.45
CA ASN C 157 10.99 5.16 56.03
C ASN C 157 11.16 3.83 55.33
N PHE C 158 10.55 3.63 54.16
CA PHE C 158 10.48 2.28 53.61
C PHE C 158 11.84 1.76 53.16
N GLU C 159 12.86 2.62 53.02
CA GLU C 159 14.20 2.16 52.69
C GLU C 159 15.08 1.93 53.91
N LYS C 160 14.67 2.39 55.09
CA LYS C 160 15.55 2.32 56.26
C LYS C 160 15.89 0.90 56.67
N PRO C 161 14.98 -0.08 56.64
CA PRO C 161 15.38 -1.43 57.05
C PRO C 161 16.57 -1.98 56.28
N PHE C 162 16.58 -1.78 54.96
CA PHE C 162 17.69 -2.30 54.15
C PHE C 162 18.97 -1.53 54.42
N LEU C 163 18.88 -0.23 54.64
CA LEU C 163 20.07 0.56 54.96
C LEU C 163 20.69 0.07 56.26
N TRP C 164 19.87 -0.10 57.30
CA TRP C 164 20.38 -0.58 58.58
C TRP C 164 21.00 -1.97 58.43
N LEU C 165 20.29 -2.88 57.77
CA LEU C 165 20.83 -4.23 57.57
C LEU C 165 22.12 -4.17 56.76
N ALA C 166 22.18 -3.31 55.74
CA ALA C 166 23.40 -3.19 54.95
C ALA C 166 24.57 -2.77 55.82
N ARG C 167 24.39 -1.73 56.64
CA ARG C 167 25.44 -1.31 57.55
C ARG C 167 25.84 -2.42 58.49
N LYS C 168 24.87 -3.15 59.04
CA LYS C 168 25.16 -4.25 59.95
C LYS C 168 25.94 -5.34 59.24
N LEU C 169 25.49 -5.75 58.05
CA LEU C 169 26.10 -6.88 57.37
C LEU C 169 27.47 -6.51 56.81
N ILE C 170 27.62 -5.29 56.30
CA ILE C 170 28.91 -4.86 55.78
C ILE C 170 29.87 -4.45 56.90
N GLY C 171 29.34 -4.09 58.08
CA GLY C 171 30.19 -3.66 59.16
C GLY C 171 30.67 -2.23 59.03
N ASP C 172 29.86 -1.36 58.44
CA ASP C 172 30.19 0.06 58.30
C ASP C 172 28.99 0.88 58.75
N PRO C 173 29.04 1.51 59.92
CA PRO C 173 27.90 2.30 60.39
C PRO C 173 27.61 3.53 59.55
N ASN C 174 28.53 3.91 58.66
CA ASN C 174 28.37 5.12 57.84
C ASN C 174 28.00 4.80 56.40
N LEU C 175 27.83 3.52 56.06
CA LEU C 175 27.44 3.15 54.72
C LEU C 175 26.25 3.99 54.25
N GLU C 176 26.34 4.48 53.02
CA GLU C 176 25.29 5.29 52.41
C GLU C 176 24.77 4.59 51.17
N PHE C 177 23.48 4.78 50.90
CA PHE C 177 22.92 4.45 49.60
C PHE C 177 23.21 5.61 48.64
N VAL C 178 23.54 5.27 47.40
CA VAL C 178 23.96 6.27 46.42
C VAL C 178 23.21 6.05 45.13
N ALA C 179 23.18 7.09 44.30
CA ALA C 179 22.46 7.05 43.04
C ALA C 179 22.90 5.87 42.19
N MET C 180 21.91 5.17 41.64
CA MET C 180 22.19 4.03 40.76
C MET C 180 22.82 4.53 39.47
N PRO C 181 23.93 3.93 39.02
CA PRO C 181 24.50 4.34 37.74
C PRO C 181 23.52 4.10 36.59
N ALA C 182 23.39 5.10 35.73
CA ALA C 182 22.47 5.05 34.60
C ALA C 182 23.31 5.02 33.33
N LEU C 183 23.67 3.81 32.90
CA LEU C 183 24.41 3.65 31.66
C LEU C 183 23.60 4.16 30.48
N ALA C 184 24.31 4.53 29.42
CA ALA C 184 23.64 4.96 28.21
C ALA C 184 22.84 3.81 27.61
N PRO C 185 21.58 4.03 27.25
CA PRO C 185 20.81 2.96 26.60
C PRO C 185 21.45 2.58 25.27
N PRO C 186 21.08 1.42 24.71
CA PRO C 186 21.49 1.10 23.35
C PRO C 186 20.70 1.92 22.33
N GLU C 187 21.22 1.98 21.11
CA GLU C 187 20.52 2.69 20.05
C GLU C 187 19.29 1.91 19.61
N VAL C 188 18.15 2.59 19.56
CA VAL C 188 16.87 1.90 19.39
C VAL C 188 16.87 1.11 18.10
N VAL C 189 16.46 -0.15 18.18
CA VAL C 189 16.21 -0.99 17.03
C VAL C 189 14.71 -1.19 16.83
N MET C 190 13.89 -0.31 17.40
CA MET C 190 12.45 -0.49 17.36
C MET C 190 11.93 -0.45 15.93
N ASP C 191 10.95 -1.28 15.65
CA ASP C 191 10.23 -1.32 14.39
C ASP C 191 8.73 -1.20 14.69
N PRO C 192 7.93 -0.76 13.72
CA PRO C 192 6.50 -0.58 14.00
C PRO C 192 5.78 -1.87 14.31
N ALA C 193 6.16 -2.97 13.65
CA ALA C 193 5.46 -4.23 13.83
C ALA C 193 5.60 -4.74 15.27
N LEU C 194 6.83 -4.85 15.76
CA LEU C 194 7.04 -5.29 17.14
C LEU C 194 6.40 -4.33 18.14
N ALA C 195 6.11 -3.11 17.73
CA ALA C 195 5.46 -2.12 18.57
C ALA C 195 3.95 -2.02 18.32
N ALA C 196 3.40 -2.93 17.51
CA ALA C 196 2.00 -2.78 17.10
C ALA C 196 1.03 -3.03 18.24
N GLN C 197 1.37 -3.96 19.14
CA GLN C 197 0.47 -4.25 20.26
C GLN C 197 0.26 -3.02 21.12
N TYR C 198 1.32 -2.26 21.39
CA TYR C 198 1.20 -1.09 22.24
C TYR C 198 0.34 -0.02 21.59
N GLU C 199 0.43 0.12 20.26
CA GLU C 199 -0.48 1.04 19.56
C GLU C 199 -1.92 0.60 19.74
N HIS C 200 -2.19 -0.70 19.66
CA HIS C 200 -3.53 -1.21 19.90
C HIS C 200 -3.94 -1.01 21.35
N ASP C 201 -2.99 -1.09 22.29
CA ASP C 201 -3.26 -0.86 23.70
C ASP C 201 -3.12 0.59 24.12
N LEU C 202 -2.61 1.46 23.25
CA LEU C 202 -2.45 2.85 23.62
C LEU C 202 -3.79 3.52 23.86
N GLU C 203 -4.82 3.13 23.11
CA GLU C 203 -6.14 3.73 23.29
C GLU C 203 -6.71 3.39 24.66
N VAL C 204 -6.43 2.17 25.15
CA VAL C 204 -6.89 1.78 26.47
C VAL C 204 -6.17 2.59 27.54
N ALA C 205 -4.84 2.64 27.46
CA ALA C 205 -4.05 3.39 28.43
C ALA C 205 -4.46 4.85 28.44
N GLN C 206 -4.72 5.42 27.26
CA GLN C 206 -5.06 6.84 27.19
C GLN C 206 -6.38 7.14 27.88
N THR C 207 -7.30 6.18 27.89
CA THR C 207 -8.61 6.34 28.50
C THR C 207 -8.70 5.69 29.87
N THR C 208 -7.59 5.18 30.40
CA THR C 208 -7.56 4.55 31.71
C THR C 208 -7.06 5.55 32.74
N ALA C 209 -7.74 5.60 33.89
CA ALA C 209 -7.41 6.56 34.92
C ALA C 209 -6.10 6.23 35.62
N LEU C 210 -5.34 7.27 35.98
CA LEU C 210 -4.15 7.06 36.79
C LEU C 210 -4.58 6.69 38.21
N PRO C 211 -3.82 5.82 38.90
CA PRO C 211 -4.29 5.31 40.21
C PRO C 211 -4.39 6.38 41.28
N ASP C 212 -3.64 7.47 41.18
CA ASP C 212 -3.66 8.48 42.24
C ASP C 212 -4.90 9.36 42.16
N GLU C 213 -5.18 9.91 40.97
CA GLU C 213 -6.28 10.84 40.75
C GLU C 213 -6.67 11.63 42.00
N GLN D 11 37.65 -8.48 54.42
CA GLN D 11 36.45 -8.98 53.77
C GLN D 11 35.54 -7.84 53.33
N MET D 12 35.70 -6.68 53.96
CA MET D 12 34.80 -5.56 53.69
C MET D 12 35.03 -5.03 52.29
N PRO D 13 33.97 -4.76 51.52
CA PRO D 13 34.16 -4.07 50.24
C PRO D 13 34.74 -2.68 50.45
N GLU D 14 35.71 -2.33 49.61
CA GLU D 14 36.38 -1.04 49.73
C GLU D 14 35.54 0.05 49.09
N LYS D 15 35.79 1.30 49.50
CA LYS D 15 35.04 2.43 48.98
C LYS D 15 35.36 2.64 47.49
N VAL D 16 34.31 2.92 46.72
CA VAL D 16 34.40 2.92 45.26
C VAL D 16 34.21 4.35 44.74
N GLU D 17 34.66 4.55 43.50
CA GLU D 17 34.48 5.82 42.81
C GLU D 17 33.03 5.94 42.34
N LEU D 18 32.32 6.94 42.84
CA LEU D 18 30.90 7.09 42.53
C LEU D 18 30.74 7.46 41.05
N VAL D 19 30.12 6.56 40.29
CA VAL D 19 29.88 6.75 38.87
C VAL D 19 28.38 6.91 38.67
N THR D 20 27.97 8.07 38.16
CA THR D 20 26.55 8.36 37.94
C THR D 20 26.08 7.93 36.56
N GLY D 21 26.98 7.91 35.57
CA GLY D 21 26.58 7.75 34.19
C GLY D 21 26.13 9.02 33.51
N GLU D 22 26.18 10.15 34.22
CA GLU D 22 25.80 11.45 33.69
C GLU D 22 27.00 12.38 33.53
N GLU D 23 28.21 11.83 33.54
CA GLU D 23 29.41 12.65 33.61
C GLU D 23 29.66 13.41 32.31
N ASP D 24 29.18 12.89 31.18
CA ASP D 24 29.35 13.54 29.89
C ASP D 24 28.13 14.35 29.48
N GLU D 25 27.21 14.62 30.40
CA GLU D 25 25.90 15.16 30.08
C GLU D 25 25.62 16.44 30.86
N LYS D 26 24.67 17.21 30.35
CA LYS D 26 24.26 18.50 30.91
C LYS D 26 22.75 18.52 31.05
N VAL D 27 22.27 19.02 32.17
CA VAL D 27 20.83 18.98 32.46
C VAL D 27 20.15 20.13 31.72
N LEU D 28 19.27 19.78 30.79
CA LEU D 28 18.45 20.78 30.10
C LEU D 28 17.14 21.06 30.82
N TYR D 29 16.72 20.18 31.72
CA TYR D 29 15.42 20.29 32.37
C TYR D 29 15.38 19.30 33.51
N SER D 30 14.71 19.68 34.60
CA SER D 30 14.59 18.81 35.77
C SER D 30 13.40 19.25 36.59
N GLN D 31 12.37 18.41 36.64
CA GLN D 31 11.14 18.71 37.37
C GLN D 31 10.72 17.48 38.13
N ARG D 32 10.23 17.68 39.35
CA ARG D 32 9.76 16.57 40.18
C ARG D 32 8.38 16.13 39.69
N VAL D 33 8.25 14.84 39.41
CA VAL D 33 7.02 14.27 38.88
C VAL D 33 6.74 12.94 39.57
N LYS D 34 5.56 12.42 39.33
CA LYS D 34 5.23 11.04 39.64
C LYS D 34 5.10 10.30 38.31
N LEU D 35 5.93 9.28 38.12
CA LEU D 35 5.96 8.51 36.88
C LEU D 35 5.11 7.26 37.03
N PHE D 36 4.44 6.88 35.93
CA PHE D 36 3.57 5.72 35.89
C PHE D 36 3.94 4.85 34.70
N ARG D 37 3.62 3.56 34.81
CA ARG D 37 3.84 2.60 33.75
C ARG D 37 2.58 1.77 33.59
N PHE D 38 2.11 1.64 32.35
CA PHE D 38 0.87 0.92 32.08
C PHE D 38 1.15 -0.59 32.04
N ASP D 39 0.33 -1.35 32.75
CA ASP D 39 0.40 -2.81 32.75
C ASP D 39 -0.75 -3.31 31.89
N ALA D 40 -0.46 -3.58 30.60
CA ALA D 40 -1.50 -4.01 29.68
C ALA D 40 -2.17 -5.29 30.15
N GLU D 41 -1.41 -6.19 30.77
CA GLU D 41 -1.96 -7.48 31.18
C GLU D 41 -3.18 -7.31 32.10
N VAL D 42 -3.22 -6.22 32.86
CA VAL D 42 -4.35 -5.94 33.75
C VAL D 42 -5.04 -4.62 33.40
N SER D 43 -4.54 -3.89 32.41
CA SER D 43 -5.14 -2.63 31.99
C SER D 43 -5.19 -1.62 33.13
N GLN D 44 -4.04 -1.44 33.80
CA GLN D 44 -3.94 -0.54 34.94
C GLN D 44 -2.66 0.27 34.85
N TRP D 45 -2.76 1.57 35.12
CA TRP D 45 -1.59 2.39 35.35
C TRP D 45 -1.05 2.09 36.74
N LYS D 46 0.24 1.79 36.83
CA LYS D 46 0.90 1.50 38.09
C LYS D 46 1.96 2.55 38.38
N GLU D 47 2.02 3.02 39.63
N GLU D 47 2.00 3.01 39.63
CA GLU D 47 3.03 3.98 40.00
CA GLU D 47 3.04 3.94 40.03
C GLU D 47 4.40 3.37 39.78
C GLU D 47 4.41 3.35 39.74
N ARG D 48 5.31 4.17 39.22
CA ARG D 48 6.65 3.73 38.88
C ARG D 48 7.72 4.42 39.71
N GLY D 49 7.49 5.67 40.10
CA GLY D 49 8.47 6.37 40.90
C GLY D 49 8.07 7.82 41.13
N LEU D 50 8.65 8.38 42.18
CA LEU D 50 8.49 9.78 42.53
C LEU D 50 9.90 10.38 42.58
N GLY D 51 10.17 11.34 41.72
CA GLY D 51 11.50 11.91 41.66
C GLY D 51 11.60 12.94 40.56
N ASN D 52 12.84 13.33 40.27
CA ASN D 52 13.13 14.37 39.31
C ASN D 52 13.25 13.77 37.91
N LEU D 53 12.35 14.18 37.01
CA LEU D 53 12.41 13.78 35.61
C LEU D 53 13.29 14.78 34.88
N LYS D 54 14.37 14.30 34.27
CA LYS D 54 15.39 15.15 33.70
C LYS D 54 15.55 14.88 32.20
N ILE D 55 15.84 15.93 31.46
CA ILE D 55 16.29 15.83 30.07
C ILE D 55 17.78 16.15 30.06
N LEU D 56 18.58 15.20 29.59
CA LEU D 56 20.03 15.35 29.56
C LEU D 56 20.51 15.46 28.12
N LYS D 57 21.54 16.27 27.91
CA LYS D 57 22.24 16.34 26.63
C LYS D 57 23.70 15.99 26.85
N ASN D 58 24.22 15.08 26.03
CA ASN D 58 25.64 14.75 26.07
C ASN D 58 26.44 15.86 25.39
N GLU D 59 27.39 16.44 26.13
CA GLU D 59 28.18 17.53 25.59
C GLU D 59 29.12 17.11 24.49
N VAL D 60 29.46 15.82 24.40
CA VAL D 60 30.40 15.37 23.40
C VAL D 60 29.71 15.08 22.07
N ASN D 61 28.58 14.36 22.10
CA ASN D 61 27.91 13.94 20.88
C ASN D 61 26.51 14.50 20.71
N GLY D 62 26.02 15.29 21.65
CA GLY D 62 24.73 15.96 21.50
C GLY D 62 23.50 15.10 21.68
N LYS D 63 23.65 13.86 22.11
CA LYS D 63 22.51 12.97 22.25
C LYS D 63 21.65 13.37 23.46
N LEU D 64 20.35 13.14 23.33
CA LEU D 64 19.37 13.52 24.35
C LEU D 64 18.67 12.29 24.90
N ARG D 65 18.44 12.29 26.22
CA ARG D 65 17.71 11.20 26.84
C ARG D 65 16.93 11.70 28.05
N MET D 66 15.88 10.95 28.38
CA MET D 66 15.15 11.13 29.63
C MET D 66 15.81 10.29 30.73
N LEU D 67 15.92 10.87 31.93
CA LEU D 67 16.49 10.16 33.06
C LEU D 67 15.73 10.55 34.32
N MET D 68 15.42 9.56 35.15
CA MET D 68 14.69 9.79 36.39
C MET D 68 15.04 8.70 37.38
N ARG D 69 15.28 9.12 38.63
CA ARG D 69 15.55 8.20 39.72
C ARG D 69 14.50 8.39 40.81
N ARG D 70 14.20 7.29 41.49
CA ARG D 70 13.23 7.31 42.58
C ARG D 70 13.86 7.88 43.84
N GLU D 71 13.10 8.71 44.55
CA GLU D 71 13.58 9.22 45.83
C GLU D 71 13.79 8.08 46.82
N GLN D 72 14.69 8.32 47.78
CA GLN D 72 14.93 7.42 48.91
C GLN D 72 15.72 6.18 48.51
N VAL D 73 15.25 5.44 47.50
CA VAL D 73 16.00 4.27 47.06
C VAL D 73 16.94 4.58 45.89
N LEU D 74 16.74 5.71 45.21
CA LEU D 74 17.68 6.23 44.23
C LEU D 74 17.84 5.32 43.02
N LYS D 75 16.86 4.46 42.76
CA LYS D 75 16.94 3.52 41.65
C LYS D 75 16.34 4.15 40.40
N VAL D 76 16.93 3.83 39.23
CA VAL D 76 16.46 4.39 37.97
C VAL D 76 15.07 3.85 37.67
N CYS D 77 14.17 4.76 37.25
CA CYS D 77 12.84 4.37 36.79
C CYS D 77 12.52 4.94 35.41
N ALA D 78 13.40 5.73 34.82
CA ALA D 78 13.28 6.13 33.42
C ALA D 78 14.67 6.35 32.86
N ASN D 79 14.94 5.77 31.69
CA ASN D 79 16.24 5.93 31.06
C ASN D 79 16.10 5.50 29.60
N HIS D 80 15.89 6.47 28.71
CA HIS D 80 15.69 6.16 27.30
C HIS D 80 16.00 7.37 26.45
N TRP D 81 16.55 7.10 25.26
CA TRP D 81 16.81 8.18 24.31
C TRP D 81 15.52 8.88 23.94
N ILE D 82 15.61 10.20 23.74
CA ILE D 82 14.53 10.94 23.11
C ILE D 82 14.62 10.71 21.61
N THR D 83 13.52 10.29 21.00
CA THR D 83 13.42 10.08 19.57
C THR D 83 12.41 11.05 18.97
N THR D 84 12.44 11.15 17.65
CA THR D 84 11.42 11.91 16.94
C THR D 84 10.11 11.15 16.83
N THR D 85 10.12 9.84 17.06
CA THR D 85 8.90 9.04 17.00
C THR D 85 7.99 9.31 18.19
N MET D 86 8.56 9.72 19.33
CA MET D 86 7.77 9.87 20.53
C MET D 86 6.70 10.95 20.35
N ASN D 87 5.58 10.76 21.04
CA ASN D 87 4.42 11.63 20.89
C ASN D 87 3.76 11.78 22.26
N LEU D 88 4.04 12.90 22.93
CA LEU D 88 3.39 13.19 24.20
C LEU D 88 1.88 13.35 23.97
N LYS D 89 1.11 12.48 24.61
CA LYS D 89 -0.33 12.50 24.46
C LYS D 89 -1.00 12.80 25.79
N PRO D 90 -2.15 13.48 25.78
CA PRO D 90 -2.88 13.70 27.01
C PRO D 90 -3.65 12.46 27.44
N LEU D 91 -3.97 12.42 28.74
CA LEU D 91 -4.80 11.38 29.32
C LEU D 91 -6.17 11.96 29.64
N SER D 92 -7.22 11.18 29.39
CA SER D 92 -8.57 11.71 29.53
C SER D 92 -8.93 12.08 30.97
N GLY D 93 -8.17 11.59 31.95
CA GLY D 93 -8.47 11.83 33.34
C GLY D 93 -7.62 12.87 34.05
N SER D 94 -6.83 13.66 33.31
CA SER D 94 -5.92 14.59 33.96
C SER D 94 -5.72 15.82 33.08
N ASP D 95 -5.46 16.96 33.73
CA ASP D 95 -5.08 18.19 33.05
C ASP D 95 -3.63 18.57 33.33
N ARG D 96 -2.83 17.63 33.83
CA ARG D 96 -1.44 17.91 34.18
C ARG D 96 -0.62 16.62 34.08
N ALA D 97 -0.74 15.92 32.96
CA ALA D 97 0.04 14.71 32.73
C ALA D 97 0.13 14.42 31.25
N TRP D 98 1.18 13.69 30.88
CA TRP D 98 1.37 13.25 29.50
C TRP D 98 1.77 11.78 29.50
N MET D 99 1.42 11.08 28.44
CA MET D 99 1.83 9.70 28.22
C MET D 99 2.66 9.63 26.95
N TRP D 100 3.55 8.65 26.90
CA TRP D 100 4.33 8.44 25.70
C TRP D 100 4.90 7.02 25.72
N LEU D 101 5.36 6.60 24.55
CA LEU D 101 5.90 5.26 24.34
C LEU D 101 7.42 5.34 24.29
N ALA D 102 8.08 4.48 25.06
CA ALA D 102 9.53 4.53 25.15
C ALA D 102 10.11 3.11 25.22
N SER D 103 11.29 2.96 24.63
CA SER D 103 12.13 1.79 24.83
C SER D 103 13.04 2.08 26.02
N ASP D 104 12.65 1.61 27.19
CA ASP D 104 13.26 2.01 28.45
C ASP D 104 14.32 1.03 28.89
N PHE D 105 15.31 1.54 29.64
CA PHE D 105 16.51 0.80 30.01
C PHE D 105 16.72 0.78 31.52
N SER D 106 15.68 1.06 32.30
CA SER D 106 15.85 1.20 33.74
C SER D 106 16.41 -0.07 34.38
N ASP D 107 15.98 -1.23 33.88
CA ASP D 107 16.39 -2.52 34.43
C ASP D 107 17.62 -3.09 33.74
N GLY D 108 18.35 -2.28 32.97
CA GLY D 108 19.49 -2.75 32.22
C GLY D 108 19.16 -3.49 30.95
N ASP D 109 17.89 -3.85 30.74
CA ASP D 109 17.43 -4.48 29.51
C ASP D 109 16.40 -3.57 28.86
N ALA D 110 16.43 -3.51 27.53
CA ALA D 110 15.49 -2.65 26.82
C ALA D 110 14.10 -3.23 26.86
N LYS D 111 13.12 -2.41 27.25
CA LYS D 111 11.72 -2.80 27.30
C LYS D 111 10.87 -1.70 26.71
N LEU D 112 9.92 -2.07 25.86
CA LEU D 112 8.96 -1.11 25.32
C LEU D 112 7.86 -0.90 26.37
N GLU D 113 7.71 0.33 26.83
CA GLU D 113 6.83 0.64 27.93
C GLU D 113 5.98 1.85 27.61
N GLN D 114 4.73 1.82 28.07
N GLN D 114 4.73 1.82 28.08
CA GLN D 114 3.85 2.99 28.04
CA GLN D 114 3.86 2.99 28.03
C GLN D 114 4.02 3.71 29.37
C GLN D 114 3.99 3.72 29.37
N LEU D 115 4.59 4.90 29.33
CA LEU D 115 4.86 5.69 30.52
C LEU D 115 3.94 6.89 30.60
N ALA D 116 3.82 7.44 31.80
CA ALA D 116 3.06 8.66 32.01
C ALA D 116 3.69 9.44 33.16
N ALA D 117 3.71 10.76 33.02
CA ALA D 117 4.24 11.64 34.05
C ALA D 117 3.14 12.61 34.49
N LYS D 118 2.92 12.68 35.80
CA LYS D 118 1.99 13.63 36.39
C LYS D 118 2.78 14.78 37.02
N PHE D 119 2.39 16.00 36.71
CA PHE D 119 3.04 17.20 37.21
C PHE D 119 2.14 17.88 38.23
N LYS D 120 2.76 18.73 39.06
CA LYS D 120 2.04 19.36 40.15
C LYS D 120 0.88 20.22 39.64
N THR D 121 1.08 20.91 38.52
CA THR D 121 0.08 21.81 37.98
C THR D 121 0.02 21.66 36.46
N PRO D 122 -1.08 22.11 35.84
CA PRO D 122 -1.11 22.13 34.36
C PRO D 122 0.00 22.96 33.77
N GLU D 123 0.26 24.14 34.32
CA GLU D 123 1.34 24.98 33.82
C GLU D 123 2.64 24.20 33.73
N LEU D 124 2.99 23.47 34.79
CA LEU D 124 4.23 22.70 34.77
C LEU D 124 4.17 21.59 33.72
N ALA D 125 3.01 20.94 33.58
CA ALA D 125 2.85 19.93 32.53
C ALA D 125 3.07 20.54 31.16
N GLU D 126 2.54 21.75 30.93
CA GLU D 126 2.71 22.40 29.64
C GLU D 126 4.17 22.80 29.40
N GLU D 127 4.86 23.24 30.45
N GLU D 127 4.86 23.24 30.45
CA GLU D 127 6.27 23.60 30.31
CA GLU D 127 6.27 23.59 30.29
C GLU D 127 7.09 22.39 29.84
C GLU D 127 7.09 22.39 29.83
N PHE D 128 6.81 21.22 30.40
CA PHE D 128 7.54 20.02 29.99
C PHE D 128 7.27 19.67 28.54
N LYS D 129 6.03 19.82 28.09
CA LYS D 129 5.71 19.53 26.70
C LYS D 129 6.45 20.48 25.76
N GLN D 130 6.38 21.78 26.06
CA GLN D 130 7.18 22.74 25.29
C GLN D 130 8.64 22.31 25.24
N LYS D 131 9.24 22.07 26.40
CA LYS D 131 10.66 21.76 26.46
C LYS D 131 10.96 20.43 25.77
N PHE D 132 10.13 19.41 26.01
CA PHE D 132 10.36 18.12 25.39
C PHE D 132 10.32 18.24 23.87
N GLU D 133 9.37 19.01 23.34
CA GLU D 133 9.19 19.06 21.89
C GLU D 133 10.19 19.98 21.22
N GLU D 134 10.70 20.98 21.93
CA GLU D 134 11.85 21.73 21.41
C GLU D 134 13.04 20.80 21.20
N CYS D 135 13.31 19.93 22.19
CA CYS D 135 14.40 18.96 22.04
C CYS D 135 14.14 18.02 20.88
N GLN D 136 12.88 17.62 20.68
CA GLN D 136 12.56 16.76 19.54
C GLN D 136 12.90 17.44 18.22
N ARG D 137 12.67 18.76 18.12
CA ARG D 137 12.96 19.46 16.88
C ARG D 137 14.45 19.64 16.66
N LEU D 138 15.23 19.76 17.75
CA LEU D 138 16.69 19.85 17.60
C LEU D 138 17.26 18.58 17.00
N LEU D 139 16.65 17.42 17.27
CA LEU D 139 17.13 16.17 16.67
C LEU D 139 16.97 16.18 15.16
N LEU D 140 15.90 16.81 14.66
CA LEU D 140 15.73 16.96 13.22
C LEU D 140 16.76 17.94 12.65
N ASP D 141 17.05 18.99 13.39
CA ASP D 141 18.03 20.00 12.98
C ASP D 141 19.43 19.40 12.94
N GLN E 9 -10.19 23.11 -46.47
CA GLN E 9 -10.59 21.75 -46.79
C GLN E 9 -11.40 21.72 -48.09
N VAL E 10 -11.36 20.57 -48.78
CA VAL E 10 -12.08 20.41 -50.04
C VAL E 10 -13.49 19.95 -49.70
N GLN E 11 -14.45 20.88 -49.78
CA GLN E 11 -15.82 20.66 -49.34
C GLN E 11 -16.80 20.85 -50.50
N PHE E 12 -17.75 19.92 -50.63
CA PHE E 12 -18.79 19.99 -51.64
C PHE E 12 -20.15 19.79 -51.00
N LYS E 13 -21.13 20.58 -51.43
CA LYS E 13 -22.51 20.42 -50.98
C LYS E 13 -23.22 19.44 -51.90
N LEU E 14 -23.74 18.37 -51.33
CA LEU E 14 -24.46 17.33 -52.06
C LEU E 14 -25.88 17.25 -51.52
N VAL E 15 -26.87 17.37 -52.43
CA VAL E 15 -28.28 17.25 -52.06
C VAL E 15 -28.75 15.86 -52.46
N LEU E 16 -29.43 15.19 -51.53
CA LEU E 16 -29.91 13.83 -51.72
C LEU E 16 -31.44 13.87 -51.75
N VAL E 17 -32.01 13.46 -52.88
CA VAL E 17 -33.44 13.64 -53.14
C VAL E 17 -34.02 12.35 -53.69
N GLY E 18 -35.32 12.20 -53.52
CA GLY E 18 -36.05 11.04 -53.97
C GLY E 18 -37.28 10.78 -53.14
N ASP E 19 -38.18 9.97 -53.68
CA ASP E 19 -39.46 9.70 -53.03
C ASP E 19 -39.24 9.18 -51.62
N GLY E 20 -40.25 9.38 -50.77
CA GLY E 20 -40.18 8.89 -49.41
C GLY E 20 -40.13 7.37 -49.37
N GLY E 21 -39.27 6.85 -48.51
CA GLY E 21 -39.11 5.42 -48.34
C GLY E 21 -38.13 4.76 -49.28
N THR E 22 -37.43 5.54 -50.13
CA THR E 22 -36.44 4.97 -51.03
C THR E 22 -35.13 4.61 -50.32
N GLY E 23 -34.95 5.04 -49.08
CA GLY E 23 -33.78 4.68 -48.31
C GLY E 23 -32.68 5.72 -48.28
N LYS E 24 -33.00 7.00 -48.49
CA LYS E 24 -31.98 8.03 -48.48
C LYS E 24 -31.28 8.12 -47.12
N THR E 25 -32.06 8.24 -46.05
CA THR E 25 -31.47 8.37 -44.72
C THR E 25 -30.71 7.10 -44.32
N THR E 26 -31.24 5.94 -44.70
CA THR E 26 -30.52 4.69 -44.42
C THR E 26 -29.19 4.66 -45.14
N PHE E 27 -29.16 5.10 -46.40
CA PHE E 27 -27.91 5.18 -47.14
C PHE E 27 -26.90 6.08 -46.44
N VAL E 28 -27.34 7.26 -46.01
CA VAL E 28 -26.43 8.19 -45.36
C VAL E 28 -25.93 7.62 -44.03
N LYS E 29 -26.83 7.11 -43.20
CA LYS E 29 -26.42 6.58 -41.91
C LYS E 29 -25.43 5.44 -42.07
N ARG E 30 -25.66 4.56 -43.04
CA ARG E 30 -24.71 3.48 -43.31
C ARG E 30 -23.30 4.03 -43.54
N HIS E 31 -23.20 5.13 -44.30
CA HIS E 31 -21.90 5.74 -44.54
C HIS E 31 -21.34 6.39 -43.27
N LEU E 32 -22.20 7.06 -42.50
CA LEU E 32 -21.73 7.77 -41.31
C LEU E 32 -21.18 6.82 -40.27
N THR E 33 -22.01 5.90 -39.79
CA THR E 33 -21.68 5.07 -38.64
C THR E 33 -21.49 3.60 -38.97
N GLY E 34 -21.84 3.17 -40.18
CA GLY E 34 -21.81 1.77 -40.52
C GLY E 34 -23.07 1.00 -40.16
N GLU E 35 -24.00 1.63 -39.43
CA GLU E 35 -25.21 0.95 -39.03
C GLU E 35 -26.16 0.80 -40.21
N PHE E 36 -27.12 -0.11 -40.05
CA PHE E 36 -28.23 -0.25 -40.99
C PHE E 36 -29.52 0.03 -40.24
N GLU E 37 -30.17 1.14 -40.59
CA GLU E 37 -31.42 1.54 -39.96
C GLU E 37 -32.57 0.78 -40.59
N LYS E 38 -33.16 -0.16 -39.84
CA LYS E 38 -34.28 -0.94 -40.34
C LYS E 38 -35.59 -0.16 -40.32
N LYS E 39 -35.70 0.86 -39.48
CA LYS E 39 -36.94 1.59 -39.33
C LYS E 39 -37.05 2.67 -40.42
N TYR E 40 -38.29 3.07 -40.68
CA TYR E 40 -38.61 4.13 -41.64
C TYR E 40 -39.13 5.32 -40.84
N VAL E 41 -38.21 6.17 -40.37
CA VAL E 41 -38.55 7.40 -39.67
C VAL E 41 -38.35 8.53 -40.68
N ALA E 42 -39.47 9.03 -41.22
CA ALA E 42 -39.40 10.01 -42.29
C ALA E 42 -38.58 11.22 -41.88
N THR E 43 -37.72 11.67 -42.78
CA THR E 43 -36.96 12.89 -42.57
C THR E 43 -37.87 14.10 -42.66
N LEU E 44 -37.71 15.04 -41.75
CA LEU E 44 -38.51 16.26 -41.70
C LEU E 44 -37.64 17.42 -42.16
N GLY E 45 -37.98 17.98 -43.32
CA GLY E 45 -37.19 19.06 -43.89
C GLY E 45 -35.89 18.59 -44.52
N VAL E 46 -34.75 18.96 -43.90
CA VAL E 46 -33.44 18.51 -44.36
C VAL E 46 -32.56 18.33 -43.15
N GLU E 47 -31.68 17.34 -43.21
CA GLU E 47 -30.66 17.09 -42.19
C GLU E 47 -29.33 16.98 -42.92
N VAL E 48 -28.33 17.77 -42.51
CA VAL E 48 -27.05 17.84 -43.20
C VAL E 48 -26.02 17.03 -42.43
N HIS E 49 -25.36 16.10 -43.12
CA HIS E 49 -24.36 15.23 -42.52
C HIS E 49 -23.07 15.32 -43.30
N PRO E 50 -21.93 15.61 -42.66
CA PRO E 50 -20.66 15.60 -43.39
C PRO E 50 -20.11 14.18 -43.54
N LEU E 51 -19.68 13.84 -44.75
CA LEU E 51 -18.98 12.59 -45.02
C LEU E 51 -17.60 12.92 -45.58
N VAL E 52 -16.57 12.28 -45.03
CA VAL E 52 -15.20 12.46 -45.48
C VAL E 52 -14.72 11.16 -46.09
N PHE E 53 -14.14 11.24 -47.28
CA PHE E 53 -13.44 10.13 -47.90
C PHE E 53 -12.00 10.53 -48.13
N HIS E 54 -11.09 9.57 -47.98
CA HIS E 54 -9.68 9.79 -48.20
C HIS E 54 -9.29 9.26 -49.58
N THR E 55 -8.74 10.14 -50.41
CA THR E 55 -8.33 9.79 -51.75
C THR E 55 -6.83 10.00 -51.91
N ASN E 56 -6.30 9.54 -53.04
CA ASN E 56 -4.89 9.71 -53.32
C ASN E 56 -4.51 11.17 -53.56
N ARG E 57 -5.48 12.08 -53.60
CA ARG E 57 -5.22 13.51 -53.70
C ARG E 57 -5.60 14.25 -52.43
N GLY E 58 -5.74 13.53 -51.31
CA GLY E 58 -6.10 14.13 -50.05
C GLY E 58 -7.51 13.78 -49.64
N PRO E 59 -7.94 14.31 -48.50
CA PRO E 59 -9.32 14.09 -48.07
C PRO E 59 -10.28 15.05 -48.77
N ILE E 60 -11.50 14.59 -48.99
CA ILE E 60 -12.58 15.44 -49.46
C ILE E 60 -13.82 15.16 -48.63
N LYS E 61 -14.60 16.21 -48.39
CA LYS E 61 -15.76 16.14 -47.53
C LYS E 61 -17.00 16.41 -48.35
N PHE E 62 -17.99 15.52 -48.25
CA PHE E 62 -19.31 15.74 -48.81
C PHE E 62 -20.25 16.16 -47.69
N ASN E 63 -20.79 17.37 -47.79
CA ASN E 63 -21.84 17.83 -46.88
C ASN E 63 -23.17 17.38 -47.48
N VAL E 64 -23.67 16.25 -47.00
CA VAL E 64 -24.83 15.61 -47.59
C VAL E 64 -26.10 16.23 -47.02
N TRP E 65 -26.90 16.84 -47.88
CA TRP E 65 -28.19 17.41 -47.49
C TRP E 65 -29.25 16.32 -47.72
N ASP E 66 -29.53 15.56 -46.67
CA ASP E 66 -30.53 14.49 -46.73
C ASP E 66 -31.92 15.13 -46.63
N THR E 67 -32.61 15.20 -47.76
CA THR E 67 -33.89 15.90 -47.82
C THR E 67 -35.05 14.93 -47.62
N ALA E 68 -36.24 15.49 -47.46
CA ALA E 68 -37.46 14.73 -47.22
C ALA E 68 -38.16 14.49 -48.55
N GLY E 69 -38.53 13.24 -48.82
CA GLY E 69 -39.21 12.90 -50.05
C GLY E 69 -40.70 13.21 -50.05
N GLN E 70 -41.31 13.38 -48.89
CA GLN E 70 -42.76 13.54 -48.81
C GLN E 70 -43.22 14.80 -49.52
N GLU E 71 -44.40 14.71 -50.15
CA GLU E 71 -44.95 15.85 -50.88
C GLU E 71 -45.27 17.03 -49.96
N LYS E 72 -45.45 16.78 -48.66
CA LYS E 72 -45.65 17.86 -47.71
C LYS E 72 -44.58 18.93 -47.87
N PHE E 73 -43.36 18.51 -48.17
CA PHE E 73 -42.21 19.40 -48.30
C PHE E 73 -41.94 19.80 -49.74
N GLY E 74 -42.95 19.65 -50.61
CA GLY E 74 -42.79 19.93 -52.04
C GLY E 74 -42.74 21.40 -52.41
N GLY E 75 -42.94 22.29 -51.45
CA GLY E 75 -42.79 23.71 -51.70
C GLY E 75 -41.41 24.20 -51.33
N LEU E 76 -40.82 23.59 -50.30
CA LEU E 76 -39.65 24.14 -49.63
C LEU E 76 -38.31 23.53 -50.06
N ARG E 77 -38.32 22.52 -50.93
CA ARG E 77 -37.07 21.86 -51.26
C ARG E 77 -36.19 22.70 -52.17
N ASP E 78 -36.76 23.63 -52.95
CA ASP E 78 -35.96 24.42 -53.87
C ASP E 78 -34.90 25.22 -53.14
N GLY E 79 -35.23 25.76 -51.96
CA GLY E 79 -34.25 26.50 -51.19
C GLY E 79 -33.07 25.65 -50.74
N TYR E 80 -33.33 24.37 -50.43
CA TYR E 80 -32.25 23.47 -50.07
C TYR E 80 -31.32 23.21 -51.24
N TYR E 81 -31.81 23.35 -52.49
CA TYR E 81 -31.01 23.01 -53.66
C TYR E 81 -30.01 24.11 -54.02
N ILE E 82 -30.18 25.32 -53.49
CA ILE E 82 -29.27 26.42 -53.81
C ILE E 82 -27.87 26.12 -53.29
N GLN E 83 -26.86 26.62 -53.99
CA GLN E 83 -25.45 26.41 -53.68
C GLN E 83 -25.04 24.95 -53.84
N ALA E 84 -25.91 24.09 -54.37
CA ALA E 84 -25.57 22.68 -54.51
C ALA E 84 -24.55 22.50 -55.63
N GLN E 85 -23.54 21.68 -55.36
CA GLN E 85 -22.49 21.38 -56.32
C GLN E 85 -22.58 19.97 -56.89
N CYS E 86 -23.42 19.12 -56.32
CA CYS E 86 -23.67 17.79 -56.86
C CYS E 86 -24.95 17.27 -56.21
N ALA E 87 -25.48 16.17 -56.76
CA ALA E 87 -26.72 15.63 -56.27
C ALA E 87 -26.76 14.13 -56.50
N ILE E 88 -27.57 13.45 -55.69
CA ILE E 88 -27.91 12.06 -55.87
C ILE E 88 -29.43 11.97 -55.93
N ILE E 89 -29.95 11.38 -56.99
CA ILE E 89 -31.37 11.05 -57.11
C ILE E 89 -31.52 9.57 -56.79
N MET E 90 -32.36 9.25 -55.83
CA MET E 90 -32.55 7.88 -55.38
C MET E 90 -33.97 7.43 -55.65
N PHE E 91 -34.11 6.18 -56.09
CA PHE E 91 -35.42 5.53 -56.18
C PHE E 91 -35.28 4.12 -55.65
N ASP E 92 -36.40 3.41 -55.59
CA ASP E 92 -36.50 2.09 -54.98
C ASP E 92 -36.86 1.09 -56.07
N VAL E 93 -35.95 0.17 -56.37
CA VAL E 93 -36.18 -0.80 -57.43
C VAL E 93 -37.32 -1.76 -57.12
N THR E 94 -37.89 -1.69 -55.91
CA THR E 94 -39.05 -2.49 -55.56
C THR E 94 -40.35 -1.69 -55.64
N SER E 95 -40.32 -0.46 -56.14
CA SER E 95 -41.51 0.38 -56.24
C SER E 95 -41.44 1.19 -57.53
N ARG E 96 -42.30 0.86 -58.48
CA ARG E 96 -42.22 1.48 -59.80
C ARG E 96 -42.49 2.98 -59.74
N VAL E 97 -43.41 3.40 -58.87
CA VAL E 97 -43.75 4.82 -58.80
C VAL E 97 -42.51 5.66 -58.51
N THR E 98 -41.62 5.17 -57.64
CA THR E 98 -40.45 5.95 -57.29
C THR E 98 -39.54 6.19 -58.49
N TYR E 99 -39.53 5.27 -59.45
CA TYR E 99 -38.77 5.50 -60.67
C TYR E 99 -39.53 6.43 -61.62
N LYS E 100 -40.86 6.30 -61.66
CA LYS E 100 -41.65 7.18 -62.52
C LYS E 100 -41.51 8.64 -62.12
N ASN E 101 -41.14 8.92 -60.88
CA ASN E 101 -40.98 10.28 -60.42
C ASN E 101 -39.54 10.79 -60.55
N VAL E 102 -38.59 9.91 -60.91
CA VAL E 102 -37.22 10.36 -61.15
C VAL E 102 -37.17 11.58 -62.07
N PRO E 103 -37.89 11.62 -63.19
CA PRO E 103 -37.82 12.81 -64.05
C PRO E 103 -38.21 14.09 -63.32
N ASN E 104 -39.23 14.02 -62.46
CA ASN E 104 -39.63 15.20 -61.69
C ASN E 104 -38.51 15.65 -60.75
N TRP E 105 -37.90 14.71 -60.04
CA TRP E 105 -36.78 15.05 -59.17
C TRP E 105 -35.66 15.71 -59.96
N HIS E 106 -35.35 15.19 -61.15
CA HIS E 106 -34.32 15.81 -61.98
C HIS E 106 -34.74 17.21 -62.40
N ARG E 107 -35.99 17.36 -62.88
CA ARG E 107 -36.48 18.66 -63.29
C ARG E 107 -36.32 19.69 -62.16
N ASP E 108 -36.77 19.32 -60.95
CA ASP E 108 -36.67 20.25 -59.83
C ASP E 108 -35.23 20.66 -59.56
N LEU E 109 -34.29 19.70 -59.68
CA LEU E 109 -32.90 20.02 -59.43
C LEU E 109 -32.36 20.97 -60.49
N VAL E 110 -32.57 20.64 -61.77
CA VAL E 110 -31.97 21.41 -62.86
C VAL E 110 -32.52 22.83 -62.89
N ARG E 111 -33.74 23.03 -62.39
CA ARG E 111 -34.30 24.39 -62.33
C ARG E 111 -33.44 25.30 -61.47
N VAL E 112 -32.87 24.76 -60.39
CA VAL E 112 -32.13 25.57 -59.42
C VAL E 112 -30.63 25.54 -59.68
N CYS E 113 -30.06 24.39 -60.06
CA CYS E 113 -28.62 24.22 -60.15
C CYS E 113 -28.08 24.10 -61.57
N GLU E 114 -28.83 23.52 -62.49
CA GLU E 114 -28.57 23.59 -63.93
C GLU E 114 -27.39 22.75 -64.42
N ASN E 115 -26.16 23.01 -63.96
CA ASN E 115 -24.97 22.31 -64.46
C ASN E 115 -24.18 21.73 -63.29
N ILE E 116 -24.73 20.67 -62.69
CA ILE E 116 -24.06 19.96 -61.61
C ILE E 116 -24.00 18.48 -61.93
N PRO E 117 -22.96 17.75 -61.50
CA PRO E 117 -22.96 16.30 -61.67
C PRO E 117 -24.03 15.64 -60.81
N ILE E 118 -24.78 14.71 -61.42
CA ILE E 118 -25.89 14.04 -60.76
C ILE E 118 -25.74 12.54 -60.95
N VAL E 119 -25.90 11.78 -59.86
CA VAL E 119 -25.91 10.34 -59.89
C VAL E 119 -27.33 9.86 -59.61
N LEU E 120 -27.76 8.83 -60.34
CA LEU E 120 -29.05 8.20 -60.14
C LEU E 120 -28.82 6.83 -59.52
N CYS E 121 -29.49 6.56 -58.40
CA CYS E 121 -29.27 5.34 -57.63
C CYS E 121 -30.57 4.58 -57.49
N GLY E 122 -30.58 3.34 -57.95
CA GLY E 122 -31.67 2.41 -57.67
C GLY E 122 -31.32 1.57 -56.46
N ASN E 123 -31.98 1.86 -55.34
CA ASN E 123 -31.66 1.24 -54.06
C ASN E 123 -32.49 -0.01 -53.84
N LYS E 124 -32.08 -0.81 -52.84
CA LYS E 124 -32.81 -2.01 -52.40
C LYS E 124 -32.72 -3.12 -53.45
N VAL E 125 -31.57 -3.22 -54.13
CA VAL E 125 -31.36 -4.31 -55.09
C VAL E 125 -31.08 -5.62 -54.37
N ASP E 126 -30.91 -5.59 -53.05
CA ASP E 126 -30.78 -6.81 -52.27
C ASP E 126 -32.05 -7.63 -52.21
N ILE E 127 -33.19 -7.07 -52.64
CA ILE E 127 -34.48 -7.74 -52.55
C ILE E 127 -34.73 -8.48 -53.85
N LYS E 128 -35.10 -9.76 -53.76
CA LYS E 128 -35.28 -10.59 -54.94
C LYS E 128 -36.42 -10.07 -55.81
N ASP E 129 -37.57 -9.77 -55.20
CA ASP E 129 -38.77 -9.38 -55.93
C ASP E 129 -38.63 -7.94 -56.42
N ARG E 130 -37.77 -7.78 -57.43
CA ARG E 130 -37.47 -6.48 -58.02
C ARG E 130 -38.55 -6.11 -59.03
N LYS E 131 -39.08 -4.89 -58.92
CA LYS E 131 -40.16 -4.43 -59.79
C LYS E 131 -39.69 -3.53 -60.91
N VAL E 132 -38.57 -2.85 -60.76
CA VAL E 132 -38.02 -1.97 -61.78
C VAL E 132 -36.86 -2.72 -62.43
N LYS E 133 -37.12 -3.32 -63.58
CA LYS E 133 -36.13 -4.14 -64.24
C LYS E 133 -35.02 -3.27 -64.83
N ALA E 134 -33.82 -3.87 -64.94
CA ALA E 134 -32.67 -3.15 -65.44
C ALA E 134 -32.94 -2.53 -66.81
N LYS E 135 -33.75 -3.21 -67.64
CA LYS E 135 -34.02 -2.70 -68.98
C LYS E 135 -34.95 -1.48 -68.96
N SER E 136 -35.76 -1.32 -67.91
CA SER E 136 -36.64 -0.16 -67.80
C SER E 136 -35.90 1.10 -67.38
N ILE E 137 -34.68 0.97 -66.87
CA ILE E 137 -33.94 2.10 -66.32
C ILE E 137 -33.19 2.75 -67.48
N VAL E 138 -33.75 3.84 -68.00
CA VAL E 138 -33.22 4.52 -69.18
C VAL E 138 -33.03 6.01 -68.99
N PHE E 139 -33.60 6.63 -67.97
CA PHE E 139 -33.61 8.08 -67.87
C PHE E 139 -32.19 8.66 -67.82
N HIS E 140 -31.24 7.94 -67.25
CA HIS E 140 -29.89 8.49 -67.11
C HIS E 140 -29.23 8.73 -68.47
N ARG E 141 -29.44 7.81 -69.43
CA ARG E 141 -28.88 8.02 -70.76
C ARG E 141 -29.43 9.28 -71.40
N LYS E 142 -30.72 9.55 -71.19
CA LYS E 142 -31.36 10.70 -71.80
C LYS E 142 -30.72 12.00 -71.35
N LYS E 143 -30.30 12.09 -70.09
CA LYS E 143 -29.85 13.35 -69.50
C LYS E 143 -28.38 13.34 -69.10
N ASN E 144 -27.60 12.35 -69.54
CA ASN E 144 -26.18 12.26 -69.24
C ASN E 144 -25.92 12.23 -67.73
N LEU E 145 -26.54 11.24 -67.08
CA LEU E 145 -26.34 10.99 -65.65
C LEU E 145 -25.68 9.63 -65.47
N GLN E 146 -24.91 9.48 -64.40
CA GLN E 146 -24.31 8.19 -64.04
C GLN E 146 -25.30 7.42 -63.18
N TYR E 147 -25.51 6.15 -63.51
CA TYR E 147 -26.43 5.29 -62.76
C TYR E 147 -25.65 4.22 -62.01
N TYR E 148 -26.24 3.77 -60.90
CA TYR E 148 -25.72 2.65 -60.12
C TYR E 148 -26.86 1.90 -59.45
N ASP E 149 -26.83 0.58 -59.54
CA ASP E 149 -27.59 -0.27 -58.63
C ASP E 149 -26.87 -0.28 -57.28
N ILE E 150 -27.61 0.02 -56.21
CA ILE E 150 -27.01 0.04 -54.88
C ILE E 150 -27.95 -0.65 -53.90
N SER E 151 -27.38 -1.02 -52.75
CA SER E 151 -28.14 -1.54 -51.62
C SER E 151 -27.48 -1.01 -50.35
N ALA E 152 -28.21 -0.20 -49.59
CA ALA E 152 -27.70 0.21 -48.29
C ALA E 152 -27.62 -0.97 -47.32
N LYS E 153 -28.38 -2.03 -47.57
CA LYS E 153 -28.38 -3.18 -46.66
C LYS E 153 -27.17 -4.09 -46.91
N SER E 154 -26.95 -4.47 -48.16
CA SER E 154 -25.82 -5.33 -48.50
C SER E 154 -24.52 -4.57 -48.72
N ASN E 155 -24.57 -3.23 -48.78
CA ASN E 155 -23.46 -2.35 -49.12
C ASN E 155 -23.05 -2.43 -50.59
N TYR E 156 -23.86 -3.06 -51.43
CA TYR E 156 -23.51 -3.20 -52.84
C TYR E 156 -23.41 -1.83 -53.49
N ASN E 157 -22.24 -1.51 -54.04
CA ASN E 157 -21.99 -0.30 -54.80
C ASN E 157 -22.18 0.98 -54.00
N PHE E 158 -22.36 0.89 -52.68
CA PHE E 158 -22.82 2.07 -51.95
C PHE E 158 -21.75 3.15 -51.86
N GLU E 159 -20.49 2.85 -52.19
CA GLU E 159 -19.45 3.86 -52.23
C GLU E 159 -19.30 4.51 -53.60
N LYS E 160 -19.89 3.92 -54.64
CA LYS E 160 -19.67 4.33 -56.02
C LYS E 160 -20.24 5.72 -56.33
N PRO E 161 -21.44 6.06 -55.83
CA PRO E 161 -21.95 7.41 -56.11
C PRO E 161 -21.01 8.52 -55.66
N PHE E 162 -20.30 8.31 -54.55
CA PHE E 162 -19.37 9.33 -54.08
C PHE E 162 -18.06 9.28 -54.85
N LEU E 163 -17.57 8.07 -55.14
CA LEU E 163 -16.35 7.94 -55.94
C LEU E 163 -16.53 8.63 -57.29
N TRP E 164 -17.66 8.37 -57.96
CA TRP E 164 -17.91 9.01 -59.24
C TRP E 164 -17.96 10.52 -59.12
N LEU E 165 -18.71 11.03 -58.13
CA LEU E 165 -18.83 12.47 -57.97
C LEU E 165 -17.49 13.09 -57.62
N ALA E 166 -16.73 12.45 -56.74
CA ALA E 166 -15.39 12.96 -56.43
C ALA E 166 -14.55 13.09 -57.69
N ARG E 167 -14.62 12.09 -58.57
CA ARG E 167 -13.84 12.14 -59.80
C ARG E 167 -14.26 13.30 -60.69
N LYS E 168 -15.57 13.48 -60.87
CA LYS E 168 -16.05 14.58 -61.72
C LYS E 168 -15.71 15.94 -61.10
N LEU E 169 -15.96 16.09 -59.80
CA LEU E 169 -15.76 17.38 -59.15
C LEU E 169 -14.27 17.76 -59.12
N ILE E 170 -13.41 16.82 -58.76
CA ILE E 170 -11.98 17.10 -58.75
C ILE E 170 -11.44 17.17 -60.17
N GLY E 171 -12.08 16.47 -61.11
CA GLY E 171 -11.61 16.45 -62.49
C GLY E 171 -10.54 15.43 -62.78
N ASP E 172 -10.45 14.37 -61.99
CA ASP E 172 -9.46 13.30 -62.18
C ASP E 172 -10.18 11.97 -62.30
N PRO E 173 -10.34 11.44 -63.52
CA PRO E 173 -11.07 10.17 -63.67
C PRO E 173 -10.39 8.98 -63.00
N ASN E 174 -9.15 9.13 -62.54
CA ASN E 174 -8.40 8.06 -61.89
C ASN E 174 -8.31 8.24 -60.38
N LEU E 175 -9.13 9.12 -59.80
CA LEU E 175 -9.17 9.29 -58.36
C LEU E 175 -9.56 7.99 -57.67
N GLU E 176 -8.80 7.61 -56.64
CA GLU E 176 -9.03 6.38 -55.90
C GLU E 176 -9.30 6.71 -54.45
N PHE E 177 -10.23 5.98 -53.84
CA PHE E 177 -10.38 6.01 -52.39
C PHE E 177 -9.24 5.20 -51.78
N VAL E 178 -8.69 5.71 -50.69
CA VAL E 178 -7.55 5.08 -50.03
C VAL E 178 -7.86 4.93 -48.55
N ALA E 179 -7.08 4.06 -47.90
CA ALA E 179 -7.28 3.81 -46.48
C ALA E 179 -7.17 5.09 -45.68
N MET E 180 -8.02 5.23 -44.69
CA MET E 180 -7.98 6.40 -43.81
C MET E 180 -6.79 6.30 -42.88
N PRO E 181 -6.01 7.37 -42.69
CA PRO E 181 -4.90 7.31 -41.73
C PRO E 181 -5.40 6.99 -40.33
N ALA E 182 -4.74 6.04 -39.67
CA ALA E 182 -5.12 5.58 -38.34
C ALA E 182 -4.07 6.07 -37.35
N LEU E 183 -4.28 7.27 -36.80
CA LEU E 183 -3.39 7.80 -35.79
C LEU E 183 -3.31 6.86 -34.59
N ALA E 184 -2.25 7.01 -33.83
CA ALA E 184 -2.13 6.26 -32.58
C ALA E 184 -3.20 6.75 -31.61
N PRO E 185 -3.96 5.86 -30.98
CA PRO E 185 -5.00 6.32 -30.06
C PRO E 185 -4.40 7.09 -28.91
N PRO E 186 -5.08 8.13 -28.42
CA PRO E 186 -4.59 8.84 -27.23
C PRO E 186 -4.58 7.91 -26.02
N GLU E 187 -3.86 8.34 -24.99
CA GLU E 187 -3.85 7.67 -23.69
C GLU E 187 -4.79 8.42 -22.77
N VAL E 188 -5.80 7.74 -22.25
CA VAL E 188 -6.79 8.34 -21.35
C VAL E 188 -6.34 8.06 -19.93
N VAL E 189 -5.87 9.11 -19.24
CA VAL E 189 -5.42 9.01 -17.85
C VAL E 189 -6.63 9.24 -16.95
N MET E 190 -7.56 8.29 -16.97
CA MET E 190 -8.81 8.38 -16.21
C MET E 190 -8.65 7.61 -14.91
N ASP E 191 -9.25 8.12 -13.84
CA ASP E 191 -9.21 7.43 -12.57
C ASP E 191 -9.89 6.07 -12.73
N PRO E 192 -9.32 4.99 -12.16
CA PRO E 192 -9.97 3.67 -12.31
C PRO E 192 -11.38 3.67 -11.76
N ALA E 193 -11.63 4.40 -10.67
CA ALA E 193 -12.98 4.52 -10.13
C ALA E 193 -13.89 5.24 -11.12
N LEU E 194 -13.37 6.27 -11.79
CA LEU E 194 -14.16 6.97 -12.81
C LEU E 194 -14.48 6.05 -13.98
N ALA E 195 -13.54 5.18 -14.35
CA ALA E 195 -13.81 4.17 -15.38
C ALA E 195 -14.82 3.15 -14.88
N ALA E 196 -14.77 2.81 -13.60
CA ALA E 196 -15.70 1.83 -13.04
C ALA E 196 -17.15 2.30 -13.15
N GLN E 197 -17.37 3.62 -13.11
CA GLN E 197 -18.72 4.15 -13.33
C GLN E 197 -19.28 3.67 -14.66
N TYR E 198 -18.44 3.70 -15.70
CA TYR E 198 -18.87 3.27 -17.03
C TYR E 198 -19.04 1.75 -17.10
N GLU E 199 -18.30 1.01 -16.26
CA GLU E 199 -18.51 -0.43 -16.17
C GLU E 199 -19.91 -0.79 -15.69
N HIS E 200 -20.60 0.14 -15.02
CA HIS E 200 -21.93 -0.16 -14.49
C HIS E 200 -22.90 -0.50 -15.62
N ASP E 201 -22.80 0.20 -16.75
CA ASP E 201 -23.63 -0.10 -17.91
C ASP E 201 -23.21 -1.37 -18.63
N LEU E 202 -22.02 -1.91 -18.33
CA LEU E 202 -21.53 -3.06 -19.06
C LEU E 202 -22.51 -4.23 -19.00
N GLU E 203 -23.20 -4.39 -17.86
CA GLU E 203 -24.09 -5.53 -17.68
C GLU E 203 -25.19 -5.52 -18.73
N VAL E 204 -25.69 -4.34 -19.10
CA VAL E 204 -26.78 -4.26 -20.08
C VAL E 204 -26.34 -4.84 -21.42
N ALA E 205 -25.21 -4.35 -21.96
CA ALA E 205 -24.79 -4.75 -23.30
C ALA E 205 -24.47 -6.24 -23.38
N GLN E 206 -23.97 -6.83 -22.31
CA GLN E 206 -23.66 -8.25 -22.34
C GLN E 206 -24.92 -9.10 -22.46
N THR E 207 -26.01 -8.64 -21.84
CA THR E 207 -27.28 -9.35 -21.88
C THR E 207 -28.17 -8.90 -23.04
N THR E 208 -27.60 -8.27 -24.06
CA THR E 208 -28.34 -7.82 -25.23
C THR E 208 -27.78 -8.53 -26.46
N ALA E 209 -28.68 -9.16 -27.23
CA ALA E 209 -28.27 -9.92 -28.39
C ALA E 209 -27.97 -8.99 -29.57
N LEU E 210 -27.19 -9.49 -30.51
CA LEU E 210 -26.94 -8.75 -31.73
C LEU E 210 -28.20 -8.73 -32.60
N PRO E 211 -28.51 -7.59 -33.23
CA PRO E 211 -29.62 -7.61 -34.21
C PRO E 211 -29.32 -8.51 -35.39
N ASP E 212 -28.03 -8.72 -35.68
CA ASP E 212 -27.59 -9.52 -36.82
C ASP E 212 -27.93 -10.99 -36.62
N GLN F 11 -6.96 24.80 -59.89
CA GLN F 11 -7.10 24.78 -58.44
C GLN F 11 -7.45 23.37 -57.95
N MET F 12 -6.77 22.37 -58.53
CA MET F 12 -6.97 20.97 -58.20
C MET F 12 -6.00 20.55 -57.09
N PRO F 13 -6.43 19.70 -56.15
CA PRO F 13 -5.48 19.20 -55.15
C PRO F 13 -4.35 18.43 -55.80
N GLU F 14 -3.17 18.51 -55.19
CA GLU F 14 -1.99 17.81 -55.66
C GLU F 14 -1.92 16.42 -55.02
N LYS F 15 -1.28 15.49 -55.74
CA LYS F 15 -1.14 14.13 -55.22
C LYS F 15 -0.30 14.13 -53.95
N VAL F 16 -0.76 13.38 -52.96
CA VAL F 16 -0.24 13.47 -51.60
C VAL F 16 0.50 12.18 -51.26
N GLU F 17 1.35 12.28 -50.23
CA GLU F 17 2.03 11.12 -49.68
C GLU F 17 1.05 10.28 -48.89
N LEU F 18 0.89 9.01 -49.27
CA LEU F 18 -0.09 8.14 -48.63
C LEU F 18 0.44 7.70 -47.27
N VAL F 19 -0.21 8.18 -46.21
CA VAL F 19 0.15 7.85 -44.83
C VAL F 19 -0.92 6.92 -44.28
N THR F 20 -0.50 5.77 -43.75
CA THR F 20 -1.41 4.83 -43.12
C THR F 20 -1.48 4.99 -41.62
N GLY F 21 -0.46 5.57 -40.99
CA GLY F 21 -0.35 5.57 -39.55
C GLY F 21 0.12 4.28 -38.95
N GLU F 22 0.41 3.27 -39.79
CA GLU F 22 0.87 1.96 -39.34
C GLU F 22 2.32 1.70 -39.73
N GLU F 23 3.06 2.74 -40.14
CA GLU F 23 4.40 2.55 -40.67
C GLU F 23 5.33 1.90 -39.65
N ASP F 24 5.16 2.25 -38.36
CA ASP F 24 6.03 1.76 -37.31
C ASP F 24 5.53 0.47 -36.66
N GLU F 25 4.55 -0.19 -37.26
CA GLU F 25 3.87 -1.32 -36.62
C GLU F 25 3.91 -2.55 -37.52
N LYS F 26 3.78 -3.70 -36.87
CA LYS F 26 3.82 -5.01 -37.53
C LYS F 26 2.52 -5.75 -37.23
N VAL F 27 1.91 -6.32 -38.26
CA VAL F 27 0.62 -6.99 -38.10
C VAL F 27 0.85 -8.33 -37.44
N LEU F 28 0.26 -8.52 -36.25
CA LEU F 28 0.31 -9.79 -35.55
C LEU F 28 -0.91 -10.67 -35.81
N TYR F 29 -1.94 -10.13 -36.46
CA TYR F 29 -3.19 -10.85 -36.66
C TYR F 29 -4.04 -10.03 -37.61
N SER F 30 -4.83 -10.73 -38.43
CA SER F 30 -5.75 -10.06 -39.35
C SER F 30 -6.79 -11.07 -39.77
N GLN F 31 -8.07 -10.75 -39.55
CA GLN F 31 -9.15 -11.68 -39.86
C GLN F 31 -10.39 -10.88 -40.19
N ARG F 32 -11.11 -11.32 -41.21
CA ARG F 32 -12.34 -10.63 -41.62
C ARG F 32 -13.43 -10.89 -40.59
N VAL F 33 -14.05 -9.82 -40.11
CA VAL F 33 -15.11 -9.88 -39.11
C VAL F 33 -16.13 -8.79 -39.40
N LYS F 34 -17.28 -8.88 -38.75
CA LYS F 34 -18.27 -7.82 -38.72
C LYS F 34 -18.25 -7.19 -37.34
N LEU F 35 -17.95 -5.90 -37.28
CA LEU F 35 -17.84 -5.19 -36.01
C LEU F 35 -19.17 -4.55 -35.63
N PHE F 36 -19.42 -4.49 -34.33
CA PHE F 36 -20.60 -3.83 -33.79
C PHE F 36 -20.19 -2.89 -32.67
N ARG F 37 -21.07 -1.94 -32.35
CA ARG F 37 -20.85 -0.99 -31.26
C ARG F 37 -22.17 -0.78 -30.54
N PHE F 38 -22.13 -0.89 -29.21
CA PHE F 38 -23.35 -0.80 -28.42
C PHE F 38 -23.76 0.64 -28.21
N ASP F 39 -25.01 0.94 -28.52
CA ASP F 39 -25.60 2.27 -28.31
C ASP F 39 -26.36 2.23 -26.99
N ALA F 40 -25.76 2.78 -25.94
CA ALA F 40 -26.37 2.73 -24.62
C ALA F 40 -27.65 3.57 -24.57
N GLU F 41 -27.74 4.63 -25.36
CA GLU F 41 -28.91 5.49 -25.30
C GLU F 41 -30.19 4.74 -25.66
N VAL F 42 -30.08 3.73 -26.54
CA VAL F 42 -31.23 2.92 -26.94
C VAL F 42 -31.04 1.44 -26.60
N SER F 43 -29.92 1.07 -25.99
CA SER F 43 -29.64 -0.32 -25.60
C SER F 43 -29.78 -1.26 -26.80
N GLN F 44 -29.01 -0.96 -27.84
CA GLN F 44 -28.99 -1.78 -29.05
C GLN F 44 -27.57 -1.88 -29.58
N TRP F 45 -27.21 -3.06 -30.04
CA TRP F 45 -26.00 -3.23 -30.83
C TRP F 45 -26.26 -2.74 -32.24
N LYS F 46 -25.28 -2.05 -32.82
CA LYS F 46 -25.39 -1.51 -34.16
C LYS F 46 -24.18 -1.93 -34.99
N GLU F 47 -24.43 -2.32 -36.24
CA GLU F 47 -23.34 -2.59 -37.16
C GLU F 47 -22.42 -1.37 -37.23
N ARG F 48 -21.11 -1.64 -37.19
CA ARG F 48 -20.10 -0.61 -37.31
C ARG F 48 -19.28 -0.72 -38.59
N GLY F 49 -19.03 -1.94 -39.07
CA GLY F 49 -18.28 -2.10 -40.29
C GLY F 49 -18.01 -3.57 -40.57
N LEU F 50 -17.54 -3.82 -41.79
CA LEU F 50 -17.15 -5.14 -42.25
C LEU F 50 -15.75 -5.03 -42.83
N GLY F 51 -14.79 -5.75 -42.25
CA GLY F 51 -13.43 -5.65 -42.71
C GLY F 51 -12.49 -6.51 -41.89
N ASN F 52 -11.19 -6.28 -42.08
CA ASN F 52 -10.15 -7.07 -41.43
C ASN F 52 -9.82 -6.45 -40.08
N LEU F 53 -10.14 -7.17 -39.01
CA LEU F 53 -9.75 -6.76 -37.67
C LEU F 53 -8.31 -7.16 -37.43
N LYS F 54 -7.47 -6.19 -37.05
CA LYS F 54 -6.03 -6.40 -37.01
C LYS F 54 -5.48 -6.02 -35.64
N ILE F 55 -4.45 -6.77 -35.23
CA ILE F 55 -3.67 -6.48 -34.03
C ILE F 55 -2.29 -5.99 -34.49
N LEU F 56 -1.92 -4.80 -34.06
CA LEU F 56 -0.68 -4.15 -34.49
C LEU F 56 0.25 -4.00 -33.30
N LYS F 57 1.55 -4.24 -33.52
CA LYS F 57 2.57 -4.06 -32.51
C LYS F 57 3.59 -3.05 -33.02
N ASN F 58 3.81 -1.98 -32.25
CA ASN F 58 4.78 -0.97 -32.63
C ASN F 58 6.19 -1.50 -32.40
N GLU F 59 6.99 -1.51 -33.47
CA GLU F 59 8.34 -2.06 -33.36
C GLU F 59 9.22 -1.22 -32.43
N VAL F 60 8.92 0.08 -32.31
CA VAL F 60 9.80 0.97 -31.55
C VAL F 60 9.52 0.86 -30.06
N ASN F 61 8.24 1.00 -29.66
CA ASN F 61 7.88 1.02 -28.25
C ASN F 61 7.04 -0.18 -27.82
N GLY F 62 6.76 -1.11 -28.72
CA GLY F 62 6.09 -2.34 -28.34
C GLY F 62 4.65 -2.19 -27.91
N LYS F 63 3.97 -1.12 -28.34
CA LYS F 63 2.57 -0.93 -27.98
C LYS F 63 1.67 -1.72 -28.91
N LEU F 64 0.58 -2.27 -28.36
CA LEU F 64 -0.38 -3.07 -29.10
C LEU F 64 -1.68 -2.29 -29.26
N ARG F 65 -2.33 -2.47 -30.41
CA ARG F 65 -3.63 -1.85 -30.62
C ARG F 65 -4.46 -2.67 -31.58
N MET F 66 -5.78 -2.54 -31.47
CA MET F 66 -6.71 -3.06 -32.46
C MET F 66 -6.93 -2.01 -33.53
N LEU F 67 -6.97 -2.46 -34.78
CA LEU F 67 -7.22 -1.56 -35.90
C LEU F 67 -8.12 -2.26 -36.91
N MET F 68 -9.10 -1.53 -37.42
CA MET F 68 -10.03 -2.08 -38.40
C MET F 68 -10.55 -0.97 -39.27
N ARG F 69 -10.65 -1.25 -40.57
CA ARG F 69 -11.20 -0.32 -41.54
C ARG F 69 -12.34 -0.98 -42.28
N ARG F 70 -13.30 -0.16 -42.70
CA ARG F 70 -14.47 -0.67 -43.41
C ARG F 70 -14.13 -0.91 -44.88
N GLU F 71 -14.67 -2.00 -45.42
CA GLU F 71 -14.47 -2.30 -46.84
C GLU F 71 -15.18 -1.24 -47.69
N GLN F 72 -14.67 -1.09 -48.92
CA GLN F 72 -15.25 -0.19 -49.93
C GLN F 72 -15.02 1.28 -49.62
N VAL F 73 -15.32 1.73 -48.40
CA VAL F 73 -15.08 3.12 -48.03
C VAL F 73 -13.77 3.31 -47.27
N LEU F 74 -13.21 2.26 -46.69
CA LEU F 74 -11.84 2.27 -46.16
C LEU F 74 -11.67 3.24 -45.00
N LYS F 75 -12.73 3.49 -44.25
CA LYS F 75 -12.67 4.36 -43.07
C LYS F 75 -12.52 3.53 -41.81
N VAL F 76 -11.90 4.14 -40.79
CA VAL F 76 -11.58 3.44 -39.56
C VAL F 76 -12.85 3.24 -38.73
N CYS F 77 -13.08 2.01 -38.29
CA CYS F 77 -14.19 1.69 -37.42
C CYS F 77 -13.75 1.10 -36.09
N ALA F 78 -12.45 0.87 -35.89
CA ALA F 78 -11.92 0.45 -34.60
C ALA F 78 -10.46 0.89 -34.52
N ASN F 79 -10.11 1.56 -33.42
CA ASN F 79 -8.75 2.08 -33.26
C ASN F 79 -8.56 2.39 -31.78
N HIS F 80 -7.98 1.43 -31.05
CA HIS F 80 -7.82 1.57 -29.62
C HIS F 80 -6.67 0.71 -29.14
N TRP F 81 -6.02 1.16 -28.07
CA TRP F 81 -4.94 0.40 -27.47
C TRP F 81 -5.48 -0.89 -26.86
N ILE F 82 -4.65 -1.94 -26.91
CA ILE F 82 -4.91 -3.14 -26.12
C ILE F 82 -4.26 -2.94 -24.76
N THR F 83 -5.00 -3.29 -23.71
CA THR F 83 -4.53 -3.14 -22.34
C THR F 83 -4.55 -4.49 -21.64
N THR F 84 -3.98 -4.53 -20.45
CA THR F 84 -4.07 -5.71 -19.61
C THR F 84 -5.44 -5.83 -18.94
N THR F 85 -6.17 -4.72 -18.83
CA THR F 85 -7.49 -4.76 -18.20
C THR F 85 -8.53 -5.45 -19.07
N MET F 86 -8.36 -5.40 -20.39
CA MET F 86 -9.42 -5.84 -21.29
C MET F 86 -9.78 -7.30 -21.05
N ASN F 87 -11.03 -7.62 -21.32
CA ASN F 87 -11.57 -8.97 -21.13
C ASN F 87 -12.52 -9.26 -22.28
N LEU F 88 -12.19 -10.28 -23.08
CA LEU F 88 -13.11 -10.75 -24.10
C LEU F 88 -14.26 -11.51 -23.44
N LYS F 89 -15.49 -11.05 -23.65
CA LYS F 89 -16.66 -11.69 -23.06
C LYS F 89 -17.63 -12.14 -24.15
N PRO F 90 -18.33 -13.24 -23.94
CA PRO F 90 -19.25 -13.73 -24.97
C PRO F 90 -20.53 -12.91 -25.00
N LEU F 91 -21.26 -13.05 -26.11
CA LEU F 91 -22.53 -12.37 -26.30
C LEU F 91 -23.68 -13.36 -26.12
N SER F 92 -24.75 -12.89 -25.48
CA SER F 92 -25.81 -13.78 -25.00
C SER F 92 -26.50 -14.56 -26.11
N GLY F 93 -26.35 -14.14 -27.36
CA GLY F 93 -27.06 -14.78 -28.44
C GLY F 93 -26.18 -15.29 -29.58
N SER F 94 -24.93 -15.62 -29.28
CA SER F 94 -24.01 -16.05 -30.33
C SER F 94 -22.95 -16.98 -29.74
N ASP F 95 -22.38 -17.80 -30.61
CA ASP F 95 -21.28 -18.68 -30.27
C ASP F 95 -19.96 -18.23 -30.88
N ARG F 96 -19.98 -17.27 -31.80
CA ARG F 96 -18.81 -16.89 -32.59
C ARG F 96 -18.57 -15.40 -32.53
N ALA F 97 -18.88 -14.77 -31.40
CA ALA F 97 -18.76 -13.32 -31.27
C ALA F 97 -18.25 -12.98 -29.88
N TRP F 98 -17.28 -12.07 -29.82
CA TRP F 98 -16.72 -11.56 -28.58
C TRP F 98 -17.03 -10.07 -28.45
N MET F 99 -17.36 -9.64 -27.24
CA MET F 99 -17.52 -8.23 -26.93
C MET F 99 -16.47 -7.80 -25.91
N TRP F 100 -16.11 -6.53 -25.94
CA TRP F 100 -15.13 -6.01 -25.00
C TRP F 100 -15.32 -4.51 -24.87
N LEU F 101 -14.59 -3.94 -23.91
CA LEU F 101 -14.65 -2.52 -23.60
C LEU F 101 -13.38 -1.85 -24.10
N ALA F 102 -13.52 -0.69 -24.74
CA ALA F 102 -12.38 -0.06 -25.38
C ALA F 102 -12.58 1.44 -25.47
N SER F 103 -11.49 2.18 -25.32
CA SER F 103 -11.48 3.63 -25.54
C SER F 103 -11.16 3.85 -27.01
N ASP F 104 -12.20 3.86 -27.85
CA ASP F 104 -12.01 3.83 -29.29
C ASP F 104 -11.78 5.24 -29.84
N PHE F 105 -10.94 5.32 -30.88
CA PHE F 105 -10.54 6.58 -31.48
C PHE F 105 -11.00 6.71 -32.92
N SER F 106 -11.87 5.82 -33.40
CA SER F 106 -12.29 5.84 -34.79
C SER F 106 -12.82 7.22 -35.21
N ASP F 107 -13.68 7.80 -34.37
CA ASP F 107 -14.35 9.05 -34.71
C ASP F 107 -13.62 10.29 -34.22
N GLY F 108 -12.40 10.14 -33.73
CA GLY F 108 -11.60 11.26 -33.28
C GLY F 108 -11.70 11.57 -31.80
N ASP F 109 -12.60 10.93 -31.07
CA ASP F 109 -12.73 11.12 -29.63
C ASP F 109 -12.22 9.87 -28.92
N ALA F 110 -12.01 10.00 -27.61
CA ALA F 110 -11.52 8.91 -26.78
C ALA F 110 -12.58 8.59 -25.72
N LYS F 111 -13.67 7.98 -26.14
CA LYS F 111 -14.78 7.65 -25.27
C LYS F 111 -14.83 6.15 -25.06
N LEU F 112 -15.18 5.73 -23.85
CA LEU F 112 -15.37 4.30 -23.58
C LEU F 112 -16.56 3.79 -24.37
N GLU F 113 -16.32 2.79 -25.21
CA GLU F 113 -17.35 2.16 -26.03
C GLU F 113 -17.29 0.66 -25.83
N GLN F 114 -18.42 -0.01 -26.09
CA GLN F 114 -18.51 -1.46 -26.03
C GLN F 114 -18.61 -1.99 -27.45
N LEU F 115 -17.59 -2.74 -27.87
CA LEU F 115 -17.50 -3.26 -29.22
C LEU F 115 -17.71 -4.76 -29.21
N ALA F 116 -18.05 -5.30 -30.37
CA ALA F 116 -18.25 -6.74 -30.54
C ALA F 116 -17.92 -7.12 -31.97
N ALA F 117 -17.23 -8.24 -32.13
CA ALA F 117 -16.77 -8.72 -33.43
C ALA F 117 -17.29 -10.14 -33.64
N LYS F 118 -18.07 -10.33 -34.71
CA LYS F 118 -18.60 -11.64 -35.07
C LYS F 118 -17.72 -12.26 -36.14
N PHE F 119 -17.33 -13.52 -35.94
CA PHE F 119 -16.46 -14.25 -36.85
C PHE F 119 -17.27 -15.25 -37.65
N LYS F 120 -16.71 -15.64 -38.80
CA LYS F 120 -17.42 -16.56 -39.69
C LYS F 120 -17.76 -17.86 -38.99
N THR F 121 -16.81 -18.42 -38.23
CA THR F 121 -16.96 -19.71 -37.58
C THR F 121 -16.60 -19.60 -36.12
N PRO F 122 -17.13 -20.48 -35.27
CA PRO F 122 -16.66 -20.52 -33.87
C PRO F 122 -15.18 -20.76 -33.75
N GLU F 123 -14.59 -21.54 -34.66
CA GLU F 123 -13.15 -21.76 -34.63
C GLU F 123 -12.39 -20.44 -34.74
N LEU F 124 -12.72 -19.64 -35.76
CA LEU F 124 -12.05 -18.36 -35.94
C LEU F 124 -12.24 -17.47 -34.72
N ALA F 125 -13.40 -17.55 -34.08
CA ALA F 125 -13.63 -16.76 -32.87
C ALA F 125 -12.68 -17.19 -31.76
N GLU F 126 -12.52 -18.49 -31.56
CA GLU F 126 -11.60 -18.98 -30.53
C GLU F 126 -10.16 -18.64 -30.90
N GLU F 127 -9.77 -18.84 -32.16
CA GLU F 127 -8.43 -18.49 -32.59
C GLU F 127 -8.10 -17.04 -32.25
N PHE F 128 -9.07 -16.15 -32.40
CA PHE F 128 -8.86 -14.74 -32.06
C PHE F 128 -8.62 -14.57 -30.58
N LYS F 129 -9.49 -15.15 -29.75
CA LYS F 129 -9.32 -15.06 -28.30
C LYS F 129 -7.95 -15.57 -27.88
N GLN F 130 -7.53 -16.72 -28.43
CA GLN F 130 -6.19 -17.22 -28.13
C GLN F 130 -5.13 -16.20 -28.51
N LYS F 131 -5.22 -15.64 -29.71
CA LYS F 131 -4.21 -14.67 -30.15
C LYS F 131 -4.31 -13.38 -29.35
N PHE F 132 -5.53 -12.94 -29.05
CA PHE F 132 -5.70 -11.71 -28.28
C PHE F 132 -5.05 -11.84 -26.90
N GLU F 133 -5.24 -12.98 -26.24
CA GLU F 133 -4.67 -13.14 -24.90
C GLU F 133 -3.17 -13.36 -24.95
N GLU F 134 -2.66 -13.99 -26.01
CA GLU F 134 -1.21 -14.06 -26.19
C GLU F 134 -0.60 -12.66 -26.28
N CYS F 135 -1.22 -11.79 -27.08
CA CYS F 135 -0.73 -10.41 -27.19
C CYS F 135 -0.82 -9.71 -25.84
N GLN F 136 -1.87 -9.97 -25.07
CA GLN F 136 -1.97 -9.40 -23.74
C GLN F 136 -0.81 -9.88 -22.86
N ARG F 137 -0.44 -11.16 -22.97
CA ARG F 137 0.69 -11.67 -22.20
C ARG F 137 1.97 -10.95 -22.58
N LEU F 138 2.12 -10.58 -23.86
CA LEU F 138 3.33 -9.87 -24.28
C LEU F 138 3.46 -8.53 -23.55
N LEU F 139 2.33 -7.89 -23.23
CA LEU F 139 2.38 -6.67 -22.44
C LEU F 139 2.96 -6.93 -21.05
N LEU F 140 2.56 -8.04 -20.43
CA LEU F 140 2.98 -8.34 -19.06
C LEU F 140 4.47 -8.66 -18.98
N ASP F 141 5.00 -9.33 -19.99
CA ASP F 141 6.43 -9.66 -20.05
C ASP F 141 7.27 -8.39 -19.93
N GLN G 9 19.52 -2.70 4.82
CA GLN G 9 18.82 -3.98 4.72
C GLN G 9 17.93 -4.00 3.48
N VAL G 10 17.89 -5.14 2.80
CA VAL G 10 17.07 -5.32 1.61
C VAL G 10 15.64 -5.62 2.06
N GLN G 11 14.73 -4.69 1.83
CA GLN G 11 13.33 -4.83 2.23
C GLN G 11 12.42 -4.80 1.01
N PHE G 12 11.28 -5.47 1.12
CA PHE G 12 10.25 -5.45 0.09
C PHE G 12 8.88 -5.47 0.75
N LYS G 13 7.99 -4.59 0.29
CA LYS G 13 6.61 -4.65 0.74
C LYS G 13 5.86 -5.68 -0.10
N LEU G 14 5.14 -6.57 0.58
CA LEU G 14 4.37 -7.63 -0.06
C LEU G 14 2.95 -7.58 0.48
N VAL G 15 1.98 -7.42 -0.41
CA VAL G 15 0.57 -7.43 -0.04
C VAL G 15 0.01 -8.82 -0.28
N LEU G 16 -0.66 -9.37 0.74
CA LEU G 16 -1.25 -10.70 0.69
C LEU G 16 -2.76 -10.54 0.63
N VAL G 17 -3.38 -11.06 -0.43
CA VAL G 17 -4.79 -10.86 -0.69
C VAL G 17 -5.43 -12.19 -1.05
N GLY G 18 -6.75 -12.24 -0.95
CA GLY G 18 -7.53 -13.42 -1.21
C GLY G 18 -8.81 -13.43 -0.39
N ASP G 19 -9.75 -14.29 -0.81
CA ASP G 19 -11.02 -14.38 -0.12
C ASP G 19 -10.83 -14.73 1.35
N GLY G 20 -11.86 -14.42 2.15
CA GLY G 20 -11.81 -14.73 3.55
C GLY G 20 -11.82 -16.22 3.79
N GLY G 21 -10.96 -16.66 4.72
CA GLY G 21 -10.89 -18.06 5.10
C GLY G 21 -9.98 -18.92 4.26
N THR G 22 -9.26 -18.34 3.30
CA THR G 22 -8.39 -19.12 2.44
C THR G 22 -7.08 -19.52 3.10
N GLY G 23 -6.74 -18.95 4.23
CA GLY G 23 -5.54 -19.29 4.96
C GLY G 23 -4.41 -18.27 4.90
N LYS G 24 -4.70 -17.03 4.52
CA LYS G 24 -3.65 -16.02 4.43
C LYS G 24 -2.95 -15.82 5.76
N THR G 25 -3.72 -15.56 6.82
CA THR G 25 -3.13 -15.31 8.13
C THR G 25 -2.49 -16.56 8.71
N THR G 26 -3.13 -17.71 8.55
CA THR G 26 -2.51 -18.97 8.97
C THR G 26 -1.17 -19.18 8.27
N PHE G 27 -1.10 -18.83 6.97
CA PHE G 27 0.14 -18.96 6.21
C PHE G 27 1.23 -18.06 6.79
N VAL G 28 0.89 -16.81 7.11
CA VAL G 28 1.86 -15.89 7.67
C VAL G 28 2.33 -16.35 9.04
N LYS G 29 1.38 -16.72 9.91
CA LYS G 29 1.76 -17.16 11.26
C LYS G 29 2.72 -18.34 11.19
N ARG G 30 2.43 -19.31 10.32
CA ARG G 30 3.32 -20.46 10.16
C ARG G 30 4.75 -20.00 9.88
N HIS G 31 4.91 -19.03 8.98
CA HIS G 31 6.24 -18.51 8.70
C HIS G 31 6.83 -17.76 9.87
N LEU G 32 5.99 -17.06 10.65
CA LEU G 32 6.48 -16.24 11.74
C LEU G 32 6.98 -17.11 12.90
N THR G 33 6.12 -17.97 13.42
CA THR G 33 6.41 -18.72 14.64
C THR G 33 6.54 -20.21 14.42
N GLY G 34 6.14 -20.73 13.26
CA GLY G 34 6.05 -22.16 13.06
C GLY G 34 4.76 -22.80 13.54
N GLU G 35 3.84 -22.03 14.12
CA GLU G 35 2.60 -22.57 14.63
C GLU G 35 1.59 -22.81 13.52
N PHE G 36 0.58 -23.62 13.82
CA PHE G 36 -0.56 -23.80 12.93
C PHE G 36 -1.82 -23.40 13.67
N GLU G 37 -2.41 -22.27 13.29
CA GLU G 37 -3.64 -21.80 13.91
C GLU G 37 -4.83 -22.52 13.28
N LYS G 38 -5.55 -23.30 14.08
CA LYS G 38 -6.72 -24.02 13.60
C LYS G 38 -7.96 -23.15 13.54
N LYS G 39 -8.01 -22.08 14.34
CA LYS G 39 -9.19 -21.24 14.40
C LYS G 39 -9.19 -20.21 13.27
N TYR G 40 -10.38 -19.77 12.90
CA TYR G 40 -10.55 -18.68 11.94
C TYR G 40 -10.84 -17.41 12.72
N VAL G 41 -9.83 -16.57 12.86
CA VAL G 41 -9.97 -15.24 13.43
C VAL G 41 -9.79 -14.25 12.29
N ALA G 42 -10.91 -13.82 11.70
CA ALA G 42 -10.86 -12.94 10.55
C ALA G 42 -10.00 -11.71 10.85
N THR G 43 -9.19 -11.33 9.88
CA THR G 43 -8.34 -10.16 10.03
C THR G 43 -9.17 -8.89 9.89
N LEU G 44 -8.85 -7.89 10.70
CA LEU G 44 -9.56 -6.61 10.71
C LEU G 44 -8.66 -5.59 9.99
N GLY G 45 -8.98 -5.31 8.73
CA GLY G 45 -8.20 -4.38 7.94
C GLY G 45 -6.95 -5.00 7.37
N VAL G 46 -5.82 -4.77 8.02
CA VAL G 46 -4.53 -5.31 7.59
C VAL G 46 -3.65 -5.46 8.81
N GLU G 47 -2.74 -6.43 8.76
CA GLU G 47 -1.74 -6.65 9.81
C GLU G 47 -0.41 -6.86 9.13
N VAL G 48 0.58 -6.05 9.49
CA VAL G 48 1.89 -6.05 8.83
C VAL G 48 2.85 -6.89 9.65
N HIS G 49 3.46 -7.89 9.02
CA HIS G 49 4.36 -8.82 9.68
C HIS G 49 5.64 -8.92 8.87
N PRO G 50 6.81 -8.68 9.46
CA PRO G 50 8.06 -8.86 8.74
C PRO G 50 8.51 -10.31 8.74
N LEU G 51 8.96 -10.78 7.58
CA LEU G 51 9.53 -12.11 7.42
C LEU G 51 10.91 -11.97 6.81
N VAL G 52 11.93 -12.48 7.52
CA VAL G 52 13.30 -12.43 7.08
C VAL G 52 13.69 -13.82 6.57
N PHE G 53 14.27 -13.87 5.37
CA PHE G 53 14.90 -15.07 4.84
C PHE G 53 16.36 -14.75 4.55
N HIS G 54 17.23 -15.71 4.84
CA HIS G 54 18.66 -15.57 4.54
C HIS G 54 18.95 -16.23 3.21
N THR G 55 19.65 -15.50 2.34
CA THR G 55 19.96 -15.96 1.00
C THR G 55 21.47 -15.99 0.81
N ASN G 56 21.91 -16.67 -0.23
CA ASN G 56 23.33 -16.65 -0.56
C ASN G 56 23.80 -15.25 -0.98
N ARG G 57 22.87 -14.33 -1.24
CA ARG G 57 23.20 -12.93 -1.50
C ARG G 57 22.87 -12.03 -0.31
N GLY G 58 22.77 -12.60 0.89
CA GLY G 58 22.49 -11.84 2.07
C GLY G 58 21.04 -11.92 2.49
N PRO G 59 20.71 -11.38 3.66
CA PRO G 59 19.34 -11.47 4.16
C PRO G 59 18.42 -10.49 3.44
N ILE G 60 17.19 -10.94 3.20
CA ILE G 60 16.14 -10.08 2.66
C ILE G 60 14.94 -10.15 3.59
N LYS G 61 14.16 -9.07 3.59
CA LYS G 61 13.01 -8.94 4.48
C LYS G 61 11.77 -8.64 3.65
N PHE G 62 10.72 -9.44 3.84
CA PHE G 62 9.41 -9.18 3.29
C PHE G 62 8.53 -8.58 4.37
N ASN G 63 8.02 -7.38 4.13
CA ASN G 63 7.03 -6.76 5.01
C ASN G 63 5.67 -7.16 4.49
N VAL G 64 5.11 -8.22 5.07
CA VAL G 64 3.89 -8.83 4.55
C VAL G 64 2.68 -8.07 5.09
N TRP G 65 1.92 -7.46 4.20
CA TRP G 65 0.67 -6.80 4.55
C TRP G 65 -0.46 -7.82 4.40
N ASP G 66 -0.84 -8.43 5.52
CA ASP G 66 -1.88 -9.46 5.55
C ASP G 66 -3.23 -8.76 5.53
N THR G 67 -3.86 -8.70 4.36
CA THR G 67 -5.09 -7.94 4.20
C THR G 67 -6.31 -8.81 4.47
N ALA G 68 -7.38 -8.17 4.91
CA ALA G 68 -8.66 -8.85 5.13
C ALA G 68 -9.34 -9.13 3.81
N GLY G 69 -9.98 -10.29 3.72
CA GLY G 69 -10.68 -10.70 2.51
C GLY G 69 -12.17 -10.47 2.56
N GLN G 70 -12.69 -10.11 3.73
CA GLN G 70 -14.11 -9.79 3.87
C GLN G 70 -14.38 -8.38 3.37
N GLU G 71 -15.53 -8.20 2.71
CA GLU G 71 -15.83 -6.93 2.09
C GLU G 71 -15.90 -5.79 3.11
N LYS G 72 -16.22 -6.12 4.37
CA LYS G 72 -16.35 -5.08 5.39
C LYS G 72 -15.10 -4.22 5.50
N PHE G 73 -13.94 -4.80 5.27
CA PHE G 73 -12.66 -4.11 5.46
C PHE G 73 -12.03 -3.68 4.15
N GLY G 74 -12.77 -3.70 3.05
CA GLY G 74 -12.27 -3.19 1.78
C GLY G 74 -11.97 -1.71 1.79
N GLY G 75 -12.45 -0.98 2.79
CA GLY G 75 -12.09 0.43 2.91
C GLY G 75 -10.60 0.60 3.15
N LEU G 76 -10.01 1.58 2.47
CA LEU G 76 -8.58 1.84 2.51
C LEU G 76 -7.78 0.64 2.02
N ARG G 77 -8.43 -0.31 1.32
CA ARG G 77 -7.70 -1.46 0.79
C ARG G 77 -6.67 -1.03 -0.25
N ASP G 78 -7.02 -0.07 -1.11
CA ASP G 78 -6.04 0.46 -2.04
C ASP G 78 -4.91 1.19 -1.31
N GLY G 79 -5.22 1.75 -0.13
CA GLY G 79 -4.15 2.29 0.70
C GLY G 79 -3.15 1.23 1.12
N TYR G 80 -3.65 0.01 1.39
CA TYR G 80 -2.75 -1.10 1.66
C TYR G 80 -1.97 -1.48 0.41
N TYR G 81 -2.60 -1.39 -0.77
CA TYR G 81 -1.95 -1.82 -2.01
C TYR G 81 -0.86 -0.85 -2.47
N ILE G 82 -0.89 0.39 -1.99
CA ILE G 82 0.02 1.42 -2.51
C ILE G 82 1.44 1.14 -2.02
N GLN G 83 2.42 1.31 -2.93
CA GLN G 83 3.85 1.10 -2.69
C GLN G 83 4.23 -0.37 -2.58
N ALA G 84 3.32 -1.28 -2.89
CA ALA G 84 3.65 -2.70 -2.87
C ALA G 84 4.64 -3.02 -3.98
N GLN G 85 5.63 -3.86 -3.66
CA GLN G 85 6.63 -4.29 -4.63
C GLN G 85 6.38 -5.72 -5.11
N CYS G 86 5.43 -6.43 -4.52
CA CYS G 86 5.09 -7.79 -4.91
C CYS G 86 3.77 -8.13 -4.23
N ALA G 87 3.24 -9.32 -4.54
CA ALA G 87 1.96 -9.72 -3.96
C ALA G 87 1.79 -11.22 -4.10
N ILE G 88 1.03 -11.80 -3.17
CA ILE G 88 0.58 -13.18 -3.22
C ILE G 88 -0.95 -13.17 -3.27
N ILE G 89 -1.51 -13.91 -4.21
CA ILE G 89 -2.96 -14.11 -4.30
C ILE G 89 -3.25 -15.54 -3.87
N MET G 90 -4.04 -15.69 -2.82
CA MET G 90 -4.32 -17.00 -2.25
C MET G 90 -5.78 -17.36 -2.43
N PHE G 91 -6.02 -18.62 -2.77
CA PHE G 91 -7.37 -19.19 -2.77
C PHE G 91 -7.32 -20.55 -2.09
N ASP G 92 -8.49 -21.15 -1.95
CA ASP G 92 -8.69 -22.38 -1.18
C ASP G 92 -9.15 -23.46 -2.15
N VAL G 93 -8.37 -24.51 -2.28
CA VAL G 93 -8.67 -25.56 -3.25
C VAL G 93 -9.91 -26.37 -2.88
N THR G 94 -10.49 -26.12 -1.71
CA THR G 94 -11.72 -26.77 -1.29
C THR G 94 -12.94 -25.87 -1.45
N SER G 95 -12.79 -24.70 -2.09
CA SER G 95 -13.89 -23.76 -2.23
C SER G 95 -13.74 -23.06 -3.58
N ARG G 96 -14.49 -23.55 -4.58
CA ARG G 96 -14.32 -23.04 -5.93
C ARG G 96 -14.60 -21.55 -6.03
N VAL G 97 -15.45 -21.01 -5.15
CA VAL G 97 -15.77 -19.58 -5.23
C VAL G 97 -14.53 -18.74 -4.97
N THR G 98 -13.59 -19.23 -4.16
CA THR G 98 -12.38 -18.48 -3.88
C THR G 98 -11.44 -18.45 -5.08
N TYR G 99 -11.54 -19.44 -5.97
CA TYR G 99 -10.80 -19.38 -7.22
C TYR G 99 -11.52 -18.52 -8.25
N LYS G 100 -12.86 -18.58 -8.27
CA LYS G 100 -13.63 -17.73 -9.16
C LYS G 100 -13.34 -16.26 -8.92
N ASN G 101 -12.94 -15.89 -7.70
CA ASN G 101 -12.68 -14.50 -7.36
C ASN G 101 -11.24 -14.07 -7.60
N VAL G 102 -10.34 -15.02 -7.89
CA VAL G 102 -8.95 -14.65 -8.17
C VAL G 102 -8.86 -13.53 -9.18
N PRO G 103 -9.53 -13.58 -10.33
CA PRO G 103 -9.43 -12.47 -11.30
C PRO G 103 -9.74 -11.11 -10.68
N ASN G 104 -10.71 -11.05 -9.76
CA ASN G 104 -11.07 -9.76 -9.17
C ASN G 104 -9.91 -9.18 -8.35
N TRP G 105 -9.22 -10.03 -7.58
CA TRP G 105 -8.08 -9.55 -6.80
C TRP G 105 -6.93 -9.10 -7.72
N HIS G 106 -6.67 -9.86 -8.79
CA HIS G 106 -5.63 -9.48 -9.73
C HIS G 106 -5.94 -8.12 -10.36
N ARG G 107 -7.21 -7.90 -10.72
CA ARG G 107 -7.62 -6.61 -11.29
C ARG G 107 -7.37 -5.48 -10.30
N ASP G 108 -7.82 -5.65 -9.06
CA ASP G 108 -7.64 -4.60 -8.06
C ASP G 108 -6.16 -4.37 -7.76
N LEU G 109 -5.36 -5.44 -7.78
CA LEU G 109 -3.92 -5.30 -7.53
C LEU G 109 -3.23 -4.58 -8.68
N VAL G 110 -3.54 -4.98 -9.93
CA VAL G 110 -2.90 -4.37 -11.09
C VAL G 110 -3.26 -2.89 -11.18
N ARG G 111 -4.44 -2.53 -10.68
CA ARG G 111 -4.90 -1.15 -10.73
C ARG G 111 -3.94 -0.20 -10.04
N VAL G 112 -3.45 -0.58 -8.85
CA VAL G 112 -2.60 0.29 -8.05
C VAL G 112 -1.11 0.03 -8.29
N CYS G 113 -0.73 -1.24 -8.55
CA CYS G 113 0.66 -1.64 -8.58
C CYS G 113 1.17 -2.06 -9.95
N GLU G 114 0.28 -2.39 -10.89
CA GLU G 114 0.54 -2.50 -12.32
C GLU G 114 1.48 -3.63 -12.75
N ASN G 115 2.76 -3.60 -12.38
CA ASN G 115 3.75 -4.51 -12.95
C ASN G 115 4.46 -5.33 -11.87
N ILE G 116 3.88 -5.42 -10.68
CA ILE G 116 4.55 -6.12 -9.58
C ILE G 116 4.55 -7.62 -9.84
N PRO G 117 5.61 -8.33 -9.47
CA PRO G 117 5.56 -9.81 -9.56
C PRO G 117 4.55 -10.37 -8.58
N ILE G 118 3.75 -11.32 -9.05
CA ILE G 118 2.61 -11.85 -8.29
C ILE G 118 2.67 -13.38 -8.33
N VAL G 119 2.54 -14.01 -7.17
CA VAL G 119 2.46 -15.45 -7.02
C VAL G 119 1.03 -15.83 -6.70
N LEU G 120 0.51 -16.86 -7.37
CA LEU G 120 -0.81 -17.42 -7.09
C LEU G 120 -0.66 -18.72 -6.32
N CYS G 121 -1.37 -18.82 -5.19
CA CYS G 121 -1.26 -19.96 -4.30
C CYS G 121 -2.62 -20.60 -4.09
N GLY G 122 -2.75 -21.88 -4.43
CA GLY G 122 -3.88 -22.68 -4.00
C GLY G 122 -3.58 -23.41 -2.71
N ASN G 123 -4.20 -22.98 -1.61
CA ASN G 123 -3.90 -23.49 -0.28
C ASN G 123 -4.82 -24.67 0.08
N LYS G 124 -4.48 -25.34 1.18
CA LYS G 124 -5.26 -26.44 1.75
C LYS G 124 -5.25 -27.69 0.87
N VAL G 125 -4.13 -27.94 0.18
CA VAL G 125 -4.01 -29.13 -0.63
C VAL G 125 -3.82 -30.38 0.21
N ASP G 126 -3.63 -30.22 1.52
CA ASP G 126 -3.60 -31.36 2.44
C ASP G 126 -4.95 -32.08 2.51
N ILE G 127 -6.03 -31.38 2.23
CA ILE G 127 -7.36 -31.97 2.35
C ILE G 127 -7.61 -32.87 1.14
N LYS G 128 -8.08 -34.09 1.40
CA LYS G 128 -8.21 -35.09 0.35
C LYS G 128 -9.33 -34.74 -0.63
N ASP G 129 -10.48 -34.30 -0.12
CA ASP G 129 -11.63 -33.93 -0.95
C ASP G 129 -11.37 -32.56 -1.57
N ARG G 130 -10.50 -32.55 -2.58
CA ARG G 130 -10.13 -31.32 -3.28
C ARG G 130 -11.17 -31.00 -4.35
N LYS G 131 -11.63 -29.75 -4.38
CA LYS G 131 -12.66 -29.32 -5.31
C LYS G 131 -12.11 -28.54 -6.51
N VAL G 132 -11.11 -27.68 -6.31
CA VAL G 132 -10.48 -26.93 -7.41
C VAL G 132 -9.34 -27.80 -7.93
N LYS G 133 -9.67 -28.72 -8.83
CA LYS G 133 -8.69 -29.67 -9.35
C LYS G 133 -7.63 -28.94 -10.18
N ALA G 134 -6.47 -29.59 -10.33
CA ALA G 134 -5.36 -28.98 -11.04
C ALA G 134 -5.74 -28.55 -12.44
N LYS G 135 -6.63 -29.29 -13.11
CA LYS G 135 -6.99 -28.96 -14.48
C LYS G 135 -7.71 -27.63 -14.58
N SER G 136 -8.50 -27.27 -13.56
CA SER G 136 -9.26 -26.04 -13.60
C SER G 136 -8.41 -24.80 -13.41
N ILE G 137 -7.20 -24.96 -12.86
CA ILE G 137 -6.35 -23.81 -12.54
C ILE G 137 -5.62 -23.38 -13.80
N VAL G 138 -6.00 -22.23 -14.34
CA VAL G 138 -5.47 -21.76 -15.62
C VAL G 138 -5.12 -20.28 -15.56
N PHE G 139 -5.62 -19.57 -14.54
CA PHE G 139 -5.47 -18.12 -14.52
C PHE G 139 -4.00 -17.70 -14.50
N HIS G 140 -3.12 -18.56 -13.98
CA HIS G 140 -1.71 -18.18 -13.91
C HIS G 140 -1.08 -18.11 -15.30
N ARG G 141 -1.44 -19.05 -16.19
CA ARG G 141 -0.99 -18.95 -17.58
C ARG G 141 -1.52 -17.68 -18.23
N LYS G 142 -2.80 -17.40 -18.02
CA LYS G 142 -3.44 -16.25 -18.65
C LYS G 142 -2.72 -14.95 -18.33
N LYS G 143 -2.17 -14.82 -17.12
CA LYS G 143 -1.55 -13.59 -16.67
C LYS G 143 -0.05 -13.74 -16.40
N ASN G 144 0.55 -14.85 -16.82
CA ASN G 144 2.00 -15.03 -16.69
C ASN G 144 2.45 -15.00 -15.22
N LEU G 145 1.62 -15.51 -14.32
CA LEU G 145 1.97 -15.60 -12.92
C LEU G 145 2.61 -16.95 -12.61
N GLN G 146 3.33 -17.00 -11.50
CA GLN G 146 3.81 -18.26 -10.93
C GLN G 146 2.71 -18.84 -10.04
N TYR G 147 2.45 -20.13 -10.19
CA TYR G 147 1.47 -20.82 -9.36
C TYR G 147 2.13 -21.90 -8.52
N TYR G 148 1.60 -22.09 -7.30
CA TYR G 148 2.00 -23.19 -6.43
C TYR G 148 0.78 -23.76 -5.72
N ASP G 149 0.67 -25.08 -5.72
CA ASP G 149 -0.09 -25.77 -4.68
C ASP G 149 0.65 -25.61 -3.35
N ILE G 150 -0.08 -25.24 -2.29
CA ILE G 150 0.53 -25.11 -0.97
C ILE G 150 -0.41 -25.62 0.12
N SER G 151 0.17 -25.91 1.28
CA SER G 151 -0.58 -26.21 2.48
C SER G 151 0.13 -25.57 3.67
N ALA G 152 -0.52 -24.61 4.32
CA ALA G 152 0.02 -24.10 5.57
C ALA G 152 0.05 -25.19 6.64
N LYS G 153 -0.83 -26.18 6.53
CA LYS G 153 -0.93 -27.21 7.56
C LYS G 153 0.22 -28.20 7.47
N SER G 154 0.52 -28.69 6.26
CA SER G 154 1.58 -29.66 6.08
C SER G 154 2.90 -29.03 5.67
N ASN G 155 2.93 -27.72 5.45
CA ASN G 155 4.10 -26.96 5.01
C ASN G 155 4.47 -27.24 3.55
N TYR G 156 3.63 -27.95 2.81
CA TYR G 156 3.94 -28.28 1.43
C TYR G 156 4.13 -27.03 0.58
N ASN G 157 5.35 -26.81 0.09
CA ASN G 157 5.70 -25.71 -0.79
C ASN G 157 5.55 -24.34 -0.15
N PHE G 158 5.33 -24.27 1.16
CA PHE G 158 4.94 -22.98 1.74
C PHE G 158 6.07 -21.96 1.71
N GLU G 159 7.30 -22.35 1.38
CA GLU G 159 8.38 -21.38 1.21
C GLU G 159 8.56 -20.94 -0.24
N LYS G 160 8.00 -21.65 -1.20
CA LYS G 160 8.25 -21.36 -2.61
C LYS G 160 7.80 -19.97 -3.04
N PRO G 161 6.64 -19.46 -2.60
CA PRO G 161 6.27 -18.10 -3.03
C PRO G 161 7.30 -17.05 -2.68
N PHE G 162 7.89 -17.13 -1.48
CA PHE G 162 8.91 -16.15 -1.10
C PHE G 162 10.21 -16.38 -1.86
N LEU G 163 10.54 -17.63 -2.13
CA LEU G 163 11.73 -17.92 -2.93
C LEU G 163 11.59 -17.36 -4.34
N TRP G 164 10.45 -17.63 -4.98
CA TRP G 164 10.25 -17.14 -6.34
C TRP G 164 10.30 -15.62 -6.39
N LEU G 165 9.54 -14.95 -5.53
CA LEU G 165 9.53 -13.49 -5.53
C LEU G 165 10.92 -12.93 -5.27
N ALA G 166 11.65 -13.51 -4.31
CA ALA G 166 13.02 -13.07 -4.06
C ALA G 166 13.86 -13.16 -5.33
N ARG G 167 13.74 -14.27 -6.06
CA ARG G 167 14.48 -14.42 -7.31
C ARG G 167 14.05 -13.37 -8.32
N LYS G 168 12.73 -13.17 -8.46
CA LYS G 168 12.24 -12.16 -9.40
C LYS G 168 12.73 -10.77 -9.00
N LEU G 169 12.53 -10.40 -7.73
CA LEU G 169 12.88 -9.05 -7.28
C LEU G 169 14.38 -8.83 -7.37
N ILE G 170 15.18 -9.76 -6.86
CA ILE G 170 16.63 -9.61 -6.95
C ILE G 170 17.09 -9.79 -8.39
N GLY G 171 16.34 -10.54 -9.19
CA GLY G 171 16.76 -10.82 -10.55
C GLY G 171 17.86 -11.86 -10.65
N ASP G 172 17.83 -12.86 -9.77
CA ASP G 172 18.84 -13.92 -9.74
C ASP G 172 18.10 -15.26 -9.74
N PRO G 173 17.92 -15.88 -10.91
CA PRO G 173 17.19 -17.16 -10.94
C PRO G 173 17.77 -18.21 -10.02
N ASN G 174 19.05 -18.11 -9.68
CA ASN G 174 19.74 -19.13 -8.91
C ASN G 174 19.82 -18.78 -7.42
N LEU G 175 19.09 -17.75 -6.97
CA LEU G 175 19.08 -17.41 -5.56
C LEU G 175 18.63 -18.61 -4.74
N GLU G 176 19.22 -18.77 -3.57
CA GLU G 176 18.91 -19.89 -2.69
C GLU G 176 18.65 -19.36 -1.28
N PHE G 177 17.76 -20.05 -0.57
CA PHE G 177 17.64 -19.86 0.86
C PHE G 177 18.72 -20.68 1.55
N VAL G 178 19.39 -20.06 2.52
CA VAL G 178 20.50 -20.68 3.23
C VAL G 178 20.22 -20.62 4.72
N ALA G 179 20.97 -21.43 5.47
CA ALA G 179 20.78 -21.53 6.90
C ALA G 179 20.92 -20.16 7.56
N MET G 180 19.95 -19.80 8.37
CA MET G 180 20.05 -18.58 9.15
C MET G 180 21.24 -18.69 10.11
N PRO G 181 22.10 -17.67 10.21
CA PRO G 181 23.22 -17.75 11.15
C PRO G 181 22.71 -17.86 12.58
N ALA G 182 23.36 -18.73 13.35
CA ALA G 182 22.97 -19.01 14.73
C ALA G 182 24.12 -18.56 15.64
N LEU G 183 24.10 -17.30 16.03
CA LEU G 183 25.13 -16.76 16.91
C LEU G 183 25.03 -17.37 18.30
N ALA G 184 26.14 -17.33 19.02
CA ALA G 184 26.19 -17.93 20.35
C ALA G 184 25.23 -17.17 21.27
N PRO G 185 24.39 -17.88 22.03
CA PRO G 185 23.53 -17.18 23.00
C PRO G 185 24.38 -16.43 24.02
N PRO G 186 23.81 -15.43 24.69
CA PRO G 186 24.54 -14.77 25.77
C PRO G 186 24.61 -15.66 27.00
N GLU G 187 25.54 -15.32 27.89
CA GLU G 187 25.68 -16.08 29.13
C GLU G 187 24.42 -15.95 29.97
N VAL G 188 23.98 -17.08 30.53
CA VAL G 188 22.67 -17.14 31.18
C VAL G 188 22.60 -16.13 32.31
N VAL G 189 21.54 -15.32 32.30
CA VAL G 189 21.24 -14.36 33.36
C VAL G 189 20.04 -14.81 34.18
N MET G 190 19.60 -16.05 34.01
CA MET G 190 18.36 -16.54 34.60
C MET G 190 18.56 -16.79 36.08
N ASP G 191 18.09 -15.85 36.90
CA ASP G 191 17.96 -16.13 38.32
C ASP G 191 16.82 -17.13 38.53
N PRO G 192 16.92 -17.99 39.55
CA PRO G 192 15.77 -18.86 39.86
C PRO G 192 14.54 -18.07 40.23
N ALA G 193 14.71 -16.83 40.66
CA ALA G 193 13.57 -16.00 41.04
C ALA G 193 12.74 -15.61 39.82
N LEU G 194 13.40 -15.18 38.74
CA LEU G 194 12.68 -14.72 37.57
C LEU G 194 12.03 -15.85 36.78
N ALA G 195 12.36 -17.10 37.10
CA ALA G 195 11.76 -18.26 36.43
C ALA G 195 10.69 -18.93 37.27
N ALA G 196 10.30 -18.33 38.40
CA ALA G 196 9.34 -18.98 39.29
C ALA G 196 7.98 -19.19 38.61
N GLN G 197 7.54 -18.22 37.82
CA GLN G 197 6.25 -18.33 37.16
C GLN G 197 6.23 -19.52 36.21
N TYR G 198 7.28 -19.69 35.40
CA TYR G 198 7.29 -20.78 34.42
C TYR G 198 7.38 -22.14 35.10
N GLU G 199 8.10 -22.24 36.22
CA GLU G 199 8.09 -23.48 36.98
C GLU G 199 6.70 -23.79 37.52
N HIS G 200 5.92 -22.76 37.83
CA HIS G 200 4.54 -22.97 38.23
C HIS G 200 3.66 -23.34 37.05
N ASP G 201 3.91 -22.71 35.89
CA ASP G 201 3.20 -23.08 34.67
C ASP G 201 3.66 -24.42 34.11
N LEU G 202 4.74 -24.99 34.65
CA LEU G 202 5.24 -26.25 34.12
C LEU G 202 4.27 -27.38 34.36
N GLU G 203 3.56 -27.36 35.49
CA GLU G 203 2.60 -28.43 35.78
C GLU G 203 1.47 -28.42 34.76
N VAL G 204 1.04 -27.22 34.34
CA VAL G 204 0.01 -27.13 33.31
C VAL G 204 0.53 -27.67 31.99
N ALA G 205 1.70 -27.19 31.56
CA ALA G 205 2.26 -27.61 30.27
C ALA G 205 2.50 -29.11 30.24
N GLN G 206 3.00 -29.67 31.35
CA GLN G 206 3.30 -31.10 31.39
C GLN G 206 2.04 -31.94 31.17
N THR G 207 0.90 -31.46 31.63
CA THR G 207 -0.37 -32.17 31.49
C THR G 207 -1.20 -31.68 30.31
N THR G 208 -0.70 -30.73 29.53
CA THR G 208 -1.41 -30.25 28.36
C THR G 208 -0.97 -31.04 27.12
N ALA G 209 -1.95 -31.38 26.28
CA ALA G 209 -1.70 -32.23 25.12
C ALA G 209 -1.01 -31.44 24.00
N LEU G 210 -0.11 -32.12 23.30
CA LEU G 210 0.49 -31.53 22.11
C LEU G 210 -0.56 -31.43 21.00
N PRO G 211 -0.54 -30.37 20.19
CA PRO G 211 -1.64 -30.14 19.25
C PRO G 211 -1.78 -31.18 18.15
N ASP G 212 -0.68 -31.85 17.77
CA ASP G 212 -0.71 -32.80 16.65
C ASP G 212 -0.89 -34.23 17.13
N GLU G 213 -1.43 -34.43 18.34
CA GLU G 213 -1.49 -35.78 18.92
C GLU G 213 -2.15 -36.77 17.97
N ASP G 214 -3.25 -36.38 17.33
CA ASP G 214 -3.88 -37.24 16.34
C ASP G 214 -3.12 -37.24 15.01
N ASP G 215 -2.64 -36.07 14.60
CA ASP G 215 -1.94 -35.94 13.32
C ASP G 215 -0.46 -36.24 13.48
N MET H 12 20.68 -5.10 -6.81
CA MET H 12 21.16 -6.47 -6.61
C MET H 12 22.30 -6.51 -5.60
N PRO H 13 22.08 -7.16 -4.45
CA PRO H 13 23.17 -7.37 -3.50
C PRO H 13 24.24 -8.28 -4.09
N GLU H 14 25.35 -8.38 -3.36
CA GLU H 14 26.47 -9.21 -3.75
C GLU H 14 26.34 -10.60 -3.13
N LYS H 15 27.06 -11.56 -3.71
CA LYS H 15 27.16 -12.88 -3.12
C LYS H 15 28.11 -12.81 -1.93
N VAL H 16 27.64 -13.31 -0.78
CA VAL H 16 28.29 -13.06 0.49
C VAL H 16 28.87 -14.34 1.07
N GLU H 17 29.77 -14.19 2.03
CA GLU H 17 30.31 -15.32 2.77
C GLU H 17 29.22 -15.93 3.63
N LEU H 18 28.91 -17.20 3.38
CA LEU H 18 27.85 -17.88 4.11
C LEU H 18 28.35 -18.23 5.50
N VAL H 19 27.77 -17.59 6.52
CA VAL H 19 28.16 -17.77 7.91
C VAL H 19 27.08 -18.58 8.61
N THR H 20 27.49 -19.60 9.36
CA THR H 20 26.56 -20.46 10.07
C THR H 20 26.49 -20.17 11.56
N GLY H 21 27.58 -19.69 12.17
CA GLY H 21 27.70 -19.63 13.60
C GLY H 21 28.14 -20.92 14.24
N GLU H 22 28.35 -21.97 13.45
CA GLU H 22 28.75 -23.29 13.95
C GLU H 22 30.16 -23.66 13.52
N GLU H 23 30.91 -22.72 12.95
CA GLU H 23 32.24 -23.05 12.44
C GLU H 23 33.15 -23.60 13.53
N ASP H 24 32.99 -23.13 14.77
CA ASP H 24 33.85 -23.51 15.88
C ASP H 24 33.29 -24.69 16.66
N GLU H 25 32.27 -25.37 16.16
CA GLU H 25 31.55 -26.38 16.94
C GLU H 25 31.52 -27.71 16.22
N LYS H 26 31.31 -28.75 17.02
CA LYS H 26 31.23 -30.14 16.55
C LYS H 26 29.88 -30.72 16.94
N VAL H 27 29.30 -31.50 16.04
CA VAL H 27 27.98 -32.07 16.27
C VAL H 27 28.13 -33.35 17.09
N LEU H 28 27.59 -33.34 18.31
CA LEU H 28 27.55 -34.54 19.13
C LEU H 28 26.29 -35.36 18.92
N TYR H 29 25.22 -34.74 18.43
CA TYR H 29 23.93 -35.41 18.28
C TYR H 29 23.10 -34.61 17.28
N SER H 30 22.34 -35.32 16.45
CA SER H 30 21.44 -34.67 15.51
C SER H 30 20.37 -35.66 15.10
N GLN H 31 19.12 -35.33 15.37
CA GLN H 31 17.98 -36.13 14.97
C GLN H 31 16.84 -35.21 14.57
N ARG H 32 15.95 -35.73 13.73
CA ARG H 32 14.82 -34.95 13.24
C ARG H 32 13.69 -35.03 14.25
N VAL H 33 13.22 -33.86 14.70
CA VAL H 33 12.17 -33.77 15.71
C VAL H 33 11.18 -32.69 15.30
N LYS H 34 10.01 -32.72 15.93
CA LYS H 34 9.06 -31.62 15.87
C LYS H 34 9.14 -30.87 17.20
N LEU H 35 9.44 -29.58 17.13
CA LEU H 35 9.61 -28.75 18.32
C LEU H 35 8.33 -27.97 18.59
N PHE H 36 8.00 -27.84 19.87
CA PHE H 36 6.83 -27.11 20.32
C PHE H 36 7.26 -26.06 21.34
N ARG H 37 6.41 -25.06 21.51
CA ARG H 37 6.63 -24.04 22.52
C ARG H 37 5.31 -23.76 23.21
N PHE H 38 5.32 -23.79 24.54
CA PHE H 38 4.10 -23.58 25.31
C PHE H 38 3.78 -22.09 25.36
N ASP H 39 2.53 -21.76 25.03
CA ASP H 39 2.01 -20.41 25.15
C ASP H 39 1.19 -20.35 26.45
N ALA H 40 1.81 -19.86 27.52
CA ALA H 40 1.14 -19.83 28.81
C ALA H 40 -0.10 -18.96 28.77
N GLU H 41 -0.09 -17.89 27.95
CA GLU H 41 -1.24 -16.99 27.90
C GLU H 41 -2.51 -17.72 27.54
N VAL H 42 -2.42 -18.70 26.63
CA VAL H 42 -3.58 -19.47 26.18
C VAL H 42 -3.56 -20.90 26.67
N SER H 43 -2.51 -21.32 27.39
CA SER H 43 -2.43 -22.66 27.96
C SER H 43 -2.46 -23.74 26.86
N GLN H 44 -1.71 -23.50 25.79
CA GLN H 44 -1.66 -24.43 24.67
C GLN H 44 -0.21 -24.61 24.22
N TRP H 45 0.12 -25.84 23.82
CA TRP H 45 1.35 -26.09 23.10
C TRP H 45 1.16 -25.67 21.65
N LYS H 46 2.18 -25.03 21.08
CA LYS H 46 2.14 -24.60 19.69
C LYS H 46 3.34 -25.16 18.96
N GLU H 47 3.12 -25.65 17.75
N GLU H 47 3.12 -25.66 17.75
CA GLU H 47 4.22 -26.10 16.91
CA GLU H 47 4.24 -26.12 16.94
C GLU H 47 5.20 -24.96 16.72
C GLU H 47 5.21 -24.97 16.71
N ARG H 48 6.49 -25.27 16.80
CA ARG H 48 7.55 -24.28 16.66
C ARG H 48 8.44 -24.54 15.45
N GLY H 49 8.68 -25.80 15.10
CA GLY H 49 9.46 -26.09 13.93
C GLY H 49 9.59 -27.60 13.74
N LEU H 50 9.94 -27.95 12.51
CA LEU H 50 10.24 -29.33 12.12
C LEU H 50 11.63 -29.33 11.50
N GLY H 51 12.57 -30.04 12.12
CA GLY H 51 13.93 -30.05 11.63
C GLY H 51 14.83 -30.87 12.52
N ASN H 52 16.13 -30.68 12.34
CA ASN H 52 17.13 -31.46 13.06
C ASN H 52 17.52 -30.74 14.36
N LEU H 53 17.24 -31.40 15.48
CA LEU H 53 17.65 -30.89 16.80
C LEU H 53 19.06 -31.38 17.07
N LYS H 54 19.97 -30.45 17.32
CA LYS H 54 21.39 -30.74 17.40
C LYS H 54 21.95 -30.34 18.75
N ILE H 55 22.93 -31.12 19.21
CA ILE H 55 23.76 -30.77 20.35
C ILE H 55 25.15 -30.47 19.81
N LEU H 56 25.59 -29.23 19.98
CA LEU H 56 26.89 -28.79 19.50
C LEU H 56 27.84 -28.62 20.68
N LYS H 57 29.12 -28.91 20.43
CA LYS H 57 30.19 -28.67 21.40
C LYS H 57 31.21 -27.75 20.76
N ASN H 58 31.50 -26.63 21.42
CA ASN H 58 32.54 -25.72 20.94
C ASN H 58 33.91 -26.35 21.17
N GLU H 59 34.66 -26.54 20.08
CA GLU H 59 35.97 -27.17 20.19
C GLU H 59 36.92 -26.35 21.03
N VAL H 60 36.80 -25.02 20.99
CA VAL H 60 37.80 -24.16 21.61
C VAL H 60 37.57 -24.04 23.11
N ASN H 61 36.32 -23.84 23.53
CA ASN H 61 36.01 -23.62 24.94
C ASN H 61 35.13 -24.71 25.54
N GLY H 62 34.75 -25.73 24.77
CA GLY H 62 34.03 -26.86 25.30
C GLY H 62 32.59 -26.61 25.68
N LYS H 63 32.03 -25.46 25.32
CA LYS H 63 30.65 -25.15 25.67
C LYS H 63 29.68 -25.94 24.80
N LEU H 64 28.52 -26.25 25.38
CA LEU H 64 27.49 -27.03 24.73
C LEU H 64 26.23 -26.20 24.53
N ARG H 65 25.55 -26.41 23.41
CA ARG H 65 24.28 -25.73 23.19
C ARG H 65 23.38 -26.60 22.33
N MET H 66 22.07 -26.39 22.49
CA MET H 66 21.09 -26.92 21.57
C MET H 66 20.94 -25.98 20.38
N LEU H 67 20.86 -26.55 19.19
CA LEU H 67 20.61 -25.76 17.99
C LEU H 67 19.69 -26.53 17.05
N MET H 68 18.70 -25.82 16.51
CA MET H 68 17.74 -26.41 15.59
C MET H 68 17.30 -25.35 14.61
N ARG H 69 17.18 -25.74 13.34
CA ARG H 69 16.64 -24.87 12.31
C ARG H 69 15.43 -25.54 11.66
N ARG H 70 14.49 -24.71 11.22
CA ARG H 70 13.28 -25.18 10.57
C ARG H 70 13.58 -25.59 9.13
N GLU H 71 12.94 -26.66 8.68
CA GLU H 71 13.10 -27.10 7.31
C GLU H 71 12.50 -26.08 6.34
N GLN H 72 13.00 -26.10 5.10
CA GLN H 72 12.46 -25.31 3.99
C GLN H 72 12.75 -23.82 4.15
N VAL H 73 12.39 -23.21 5.29
CA VAL H 73 12.71 -21.81 5.50
C VAL H 73 14.05 -21.60 6.19
N LEU H 74 14.54 -22.59 6.94
CA LEU H 74 15.91 -22.60 7.46
C LEU H 74 16.15 -21.60 8.57
N LYS H 75 15.10 -21.19 9.28
CA LYS H 75 15.25 -20.23 10.37
C LYS H 75 15.40 -20.95 11.71
N VAL H 76 16.17 -20.34 12.60
CA VAL H 76 16.46 -20.94 13.89
C VAL H 76 15.19 -20.96 14.73
N CYS H 77 14.91 -22.12 15.34
CA CYS H 77 13.79 -22.25 16.27
C CYS H 77 14.23 -22.79 17.63
N ALA H 78 15.54 -22.95 17.84
CA ALA H 78 16.09 -23.32 19.15
C ALA H 78 17.56 -22.94 19.15
N ASN H 79 17.97 -22.17 20.18
CA ASN H 79 19.37 -21.75 20.31
C ASN H 79 19.56 -21.38 21.79
N HIS H 80 20.05 -22.35 22.59
CA HIS H 80 20.23 -22.10 24.01
C HIS H 80 21.33 -23.00 24.55
N TRP H 81 22.17 -22.42 25.43
CA TRP H 81 23.20 -23.21 26.12
C TRP H 81 22.55 -24.34 26.89
N ILE H 82 23.26 -25.47 26.95
CA ILE H 82 22.86 -26.56 27.84
C ILE H 82 23.44 -26.28 29.22
N THR H 83 22.58 -26.32 30.24
CA THR H 83 22.98 -26.08 31.62
C THR H 83 22.69 -27.32 32.47
N THR H 84 23.26 -27.32 33.67
CA THR H 84 22.94 -28.36 34.64
C THR H 84 21.56 -28.18 35.24
N THR H 85 21.00 -26.97 35.16
CA THR H 85 19.67 -26.71 35.69
C THR H 85 18.59 -27.38 34.85
N MET H 86 18.80 -27.51 33.55
CA MET H 86 17.78 -28.08 32.68
C MET H 86 17.43 -29.50 33.11
N ASN H 87 16.16 -29.84 32.92
CA ASN H 87 15.61 -31.10 33.39
C ASN H 87 14.61 -31.59 32.34
N LEU H 88 15.04 -32.55 31.52
CA LEU H 88 14.13 -33.18 30.58
C LEU H 88 13.03 -33.92 31.32
N LYS H 89 11.79 -33.48 31.12
CA LYS H 89 10.66 -34.11 31.79
C LYS H 89 9.70 -34.69 30.76
N PRO H 90 8.97 -35.75 31.10
CA PRO H 90 8.01 -36.32 30.17
C PRO H 90 6.71 -35.54 30.15
N LEU H 91 5.91 -35.79 29.11
CA LEU H 91 4.59 -35.22 28.98
C LEU H 91 3.56 -36.33 29.12
N SER H 92 2.44 -36.02 29.79
CA SER H 92 1.44 -37.04 30.06
C SER H 92 0.81 -37.61 28.80
N GLY H 93 0.88 -36.88 27.68
CA GLY H 93 0.22 -37.28 26.46
C GLY H 93 1.06 -38.00 25.44
N SER H 94 2.35 -38.25 25.73
CA SER H 94 3.23 -38.83 24.73
C SER H 94 4.25 -39.74 25.38
N ASP H 95 4.59 -40.81 24.66
CA ASP H 95 5.65 -41.73 25.06
C ASP H 95 6.94 -41.48 24.29
N ARG H 96 7.04 -40.37 23.57
CA ARG H 96 8.20 -40.09 22.74
C ARG H 96 8.44 -38.58 22.66
N ALA H 97 8.43 -37.92 23.82
CA ALA H 97 8.62 -36.47 23.85
C ALA H 97 9.16 -36.07 25.21
N TRP H 98 9.94 -35.00 25.22
CA TRP H 98 10.43 -34.39 26.45
C TRP H 98 10.16 -32.90 26.41
N MET H 99 9.93 -32.33 27.59
CA MET H 99 9.80 -30.88 27.73
C MET H 99 10.92 -30.37 28.63
N TRP H 100 11.29 -29.11 28.44
CA TRP H 100 12.32 -28.52 29.28
C TRP H 100 12.22 -27.00 29.18
N LEU H 101 12.88 -26.33 30.11
CA LEU H 101 12.88 -24.89 30.24
C LEU H 101 14.23 -24.35 29.78
N ALA H 102 14.21 -23.31 28.94
CA ALA H 102 15.42 -22.85 28.30
C ALA H 102 15.33 -21.36 28.01
N SER H 103 16.48 -20.68 28.11
CA SER H 103 16.60 -19.27 27.75
C SER H 103 17.02 -19.22 26.29
N ASP H 104 16.03 -19.13 25.40
CA ASP H 104 16.26 -19.35 23.99
C ASP H 104 16.61 -18.05 23.26
N PHE H 105 17.49 -18.18 22.27
CA PHE H 105 18.03 -17.03 21.54
C PHE H 105 17.67 -17.08 20.06
N SER H 106 16.59 -17.78 19.70
CA SER H 106 16.24 -17.95 18.30
C SER H 106 15.99 -16.61 17.61
N ASP H 107 15.36 -15.68 18.32
CA ASP H 107 15.03 -14.37 17.75
C ASP H 107 16.09 -13.33 18.01
N GLY H 108 17.31 -13.74 18.35
CA GLY H 108 18.36 -12.80 18.68
C GLY H 108 18.17 -12.06 19.98
N ASP H 109 17.06 -12.29 20.67
CA ASP H 109 16.82 -11.77 22.01
C ASP H 109 16.53 -12.95 22.93
N ALA H 110 17.12 -12.93 24.12
CA ALA H 110 16.96 -14.03 25.06
C ALA H 110 15.55 -14.04 25.64
N LYS H 111 14.88 -15.18 25.54
CA LYS H 111 13.52 -15.36 26.04
C LYS H 111 13.43 -16.66 26.82
N LEU H 112 12.77 -16.60 27.96
CA LEU H 112 12.48 -17.81 28.72
C LEU H 112 11.30 -18.53 28.07
N GLU H 113 11.49 -19.81 27.77
CA GLU H 113 10.51 -20.57 27.02
C GLU H 113 10.41 -21.99 27.55
N GLN H 114 9.18 -22.51 27.60
CA GLN H 114 8.95 -23.92 27.84
C GLN H 114 8.86 -24.63 26.49
N LEU H 115 9.82 -25.50 26.21
CA LEU H 115 9.90 -26.18 24.92
C LEU H 115 9.59 -27.65 25.09
N ALA H 116 9.25 -28.29 23.97
CA ALA H 116 9.06 -29.74 23.94
C ALA H 116 9.50 -30.24 22.58
N ALA H 117 10.11 -31.44 22.57
CA ALA H 117 10.55 -32.07 21.34
C ALA H 117 9.91 -33.45 21.26
N LYS H 118 9.23 -33.71 20.14
CA LYS H 118 8.62 -35.01 19.89
C LYS H 118 9.45 -35.75 18.85
N PHE H 119 9.69 -37.04 19.11
CA PHE H 119 10.54 -37.87 18.29
C PHE H 119 9.72 -38.93 17.57
N LYS H 120 10.31 -39.52 16.54
CA LYS H 120 9.57 -40.48 15.72
C LYS H 120 9.19 -41.72 16.51
N THR H 121 10.04 -42.15 17.44
CA THR H 121 9.81 -43.35 18.22
C THR H 121 10.27 -43.11 19.65
N PRO H 122 9.74 -43.87 20.61
CA PRO H 122 10.27 -43.75 21.98
C PRO H 122 11.76 -44.03 22.04
N GLU H 123 12.23 -45.02 21.29
CA GLU H 123 13.66 -45.33 21.28
C GLU H 123 14.49 -44.10 20.93
N LEU H 124 14.09 -43.36 19.89
CA LEU H 124 14.80 -42.13 19.56
C LEU H 124 14.71 -41.11 20.68
N ALA H 125 13.53 -41.02 21.32
CA ALA H 125 13.38 -40.11 22.45
C ALA H 125 14.33 -40.48 23.57
N GLU H 126 14.38 -41.76 23.92
CA GLU H 126 15.25 -42.20 25.01
C GLU H 126 16.71 -41.97 24.67
N GLU H 127 17.11 -42.21 23.42
N GLU H 127 17.11 -42.21 23.42
CA GLU H 127 18.48 -41.96 23.02
CA GLU H 127 18.48 -41.96 23.02
C GLU H 127 18.84 -40.49 23.19
C GLU H 127 18.84 -40.49 23.21
N PHE H 128 17.90 -39.60 22.93
CA PHE H 128 18.16 -38.18 23.11
C PHE H 128 18.33 -37.82 24.58
N LYS H 129 17.43 -38.33 25.43
CA LYS H 129 17.56 -38.07 26.86
C LYS H 129 18.89 -38.57 27.39
N GLN H 130 19.25 -39.81 27.04
CA GLN H 130 20.54 -40.35 27.46
C GLN H 130 21.68 -39.46 26.99
N LYS H 131 21.63 -39.02 25.73
CA LYS H 131 22.73 -38.20 25.20
C LYS H 131 22.72 -36.82 25.83
N PHE H 132 21.54 -36.25 26.03
CA PHE H 132 21.45 -34.93 26.65
C PHE H 132 22.00 -34.96 28.07
N GLU H 133 21.74 -36.05 28.80
CA GLU H 133 22.16 -36.11 30.19
C GLU H 133 23.62 -36.53 30.32
N GLU H 134 24.16 -37.27 29.35
CA GLU H 134 25.60 -37.47 29.31
C GLU H 134 26.32 -36.13 29.19
N CYS H 135 25.81 -35.26 28.32
CA CYS H 135 26.42 -33.94 28.14
C CYS H 135 26.34 -33.12 29.43
N GLN H 136 25.20 -33.20 30.13
CA GLN H 136 25.05 -32.47 31.38
C GLN H 136 26.08 -32.92 32.41
N ARG H 137 26.29 -34.24 32.51
CA ARG H 137 27.30 -34.74 33.45
C ARG H 137 28.68 -34.25 33.06
N LEU H 138 28.97 -34.21 31.75
CA LEU H 138 30.26 -33.67 31.31
C LEU H 138 30.40 -32.20 31.69
N LEU H 139 29.29 -31.47 31.74
CA LEU H 139 29.36 -30.07 32.13
C LEU H 139 29.79 -29.88 33.58
N LEU H 140 29.63 -30.90 34.40
CA LEU H 140 30.11 -30.86 35.78
C LEU H 140 31.63 -30.96 35.81
N GLN I 9 -44.15 -20.09 29.88
CA GLN I 9 -43.75 -21.20 29.03
C GLN I 9 -42.76 -22.13 29.74
N VAL I 10 -42.79 -23.40 29.36
CA VAL I 10 -41.82 -24.37 29.89
C VAL I 10 -40.44 -24.06 29.32
N GLN I 11 -39.49 -23.77 30.21
CA GLN I 11 -38.14 -23.42 29.82
C GLN I 11 -37.13 -24.26 30.60
N PHE I 12 -35.96 -24.49 30.00
CA PHE I 12 -34.88 -25.20 30.65
C PHE I 12 -33.55 -24.58 30.24
N LYS I 13 -32.64 -24.47 31.20
CA LYS I 13 -31.29 -24.02 30.93
C LYS I 13 -30.43 -25.24 30.62
N LEU I 14 -29.86 -25.27 29.42
CA LEU I 14 -28.97 -26.34 28.98
C LEU I 14 -27.61 -25.74 28.72
N VAL I 15 -26.59 -26.27 29.38
CA VAL I 15 -25.21 -25.85 29.14
C VAL I 15 -24.55 -26.85 28.20
N LEU I 16 -23.87 -26.33 27.19
CA LEU I 16 -23.22 -27.12 26.16
C LEU I 16 -21.72 -26.96 26.33
N VAL I 17 -21.02 -28.06 26.61
CA VAL I 17 -19.61 -28.02 26.98
C VAL I 17 -18.86 -29.08 26.20
N GLY I 18 -17.55 -28.87 26.09
CA GLY I 18 -16.67 -29.77 25.37
C GLY I 18 -15.47 -29.04 24.82
N ASP I 19 -14.48 -29.82 24.42
CA ASP I 19 -13.24 -29.24 23.92
C ASP I 19 -13.49 -28.32 22.73
N GLY I 20 -12.61 -27.34 22.56
CA GLY I 20 -12.71 -26.45 21.43
C GLY I 20 -12.58 -27.21 20.12
N GLY I 21 -13.43 -26.85 19.16
CA GLY I 21 -13.43 -27.47 17.85
C GLY I 21 -14.25 -28.73 17.73
N THR I 22 -14.94 -29.15 18.80
CA THR I 22 -15.74 -30.36 18.71
C THR I 22 -17.03 -30.14 17.92
N GLY I 23 -17.45 -28.90 17.74
CA GLY I 23 -18.61 -28.61 16.90
C GLY I 23 -19.85 -28.19 17.67
N LYS I 24 -19.66 -27.63 18.86
CA LYS I 24 -20.80 -27.21 19.67
C LYS I 24 -21.60 -26.11 18.99
N THR I 25 -20.91 -25.05 18.54
CA THR I 25 -21.61 -23.94 17.90
C THR I 25 -22.23 -24.36 16.57
N THR I 26 -21.49 -25.15 15.78
CA THR I 26 -22.06 -25.68 14.54
C THR I 26 -23.33 -26.46 14.83
N PHE I 27 -23.34 -27.22 15.93
CA PHE I 27 -24.51 -28.00 16.31
C PHE I 27 -25.70 -27.10 16.64
N VAL I 28 -25.47 -26.04 17.42
CA VAL I 28 -26.56 -25.16 17.80
C VAL I 28 -27.06 -24.37 16.59
N LYS I 29 -26.15 -23.84 15.78
CA LYS I 29 -26.56 -23.09 14.60
C LYS I 29 -27.42 -23.95 13.68
N ARG I 30 -27.04 -25.21 13.49
CA ARG I 30 -27.86 -26.10 12.67
C ARG I 30 -29.28 -26.17 13.21
N HIS I 31 -29.43 -26.33 14.53
CA HIS I 31 -30.77 -26.37 15.11
C HIS I 31 -31.48 -25.03 14.96
N LEU I 32 -30.76 -23.93 15.15
CA LEU I 32 -31.41 -22.62 15.18
C LEU I 32 -31.87 -22.18 13.80
N THR I 33 -30.96 -22.16 12.82
CA THR I 33 -31.26 -21.67 11.49
C THR I 33 -31.33 -22.77 10.43
N GLY I 34 -30.80 -23.95 10.70
CA GLY I 34 -30.69 -24.98 9.70
C GLY I 34 -29.44 -24.90 8.85
N GLU I 35 -28.61 -23.89 9.05
CA GLU I 35 -27.37 -23.74 8.30
C GLU I 35 -26.32 -24.71 8.81
N PHE I 36 -25.27 -24.90 8.00
CA PHE I 36 -24.10 -25.66 8.42
C PHE I 36 -22.88 -24.74 8.33
N GLU I 37 -22.35 -24.35 9.48
CA GLU I 37 -21.17 -23.50 9.52
C GLU I 37 -19.93 -24.36 9.27
N LYS I 38 -19.21 -24.07 8.20
CA LYS I 38 -18.02 -24.84 7.86
C LYS I 38 -16.77 -24.32 8.56
N LYS I 39 -16.78 -23.09 9.05
CA LYS I 39 -15.60 -22.46 9.62
C LYS I 39 -15.56 -22.66 11.13
N TYR I 40 -14.35 -22.61 11.68
CA TYR I 40 -14.11 -22.74 13.12
C TYR I 40 -13.86 -21.34 13.68
N VAL I 41 -14.93 -20.66 14.03
CA VAL I 41 -14.87 -19.35 14.69
C VAL I 41 -15.10 -19.60 16.17
N ALA I 42 -14.01 -19.63 16.94
CA ALA I 42 -14.11 -19.99 18.36
C ALA I 42 -15.10 -19.09 19.09
N THR I 43 -15.84 -19.69 20.01
CA THR I 43 -16.77 -18.95 20.84
C THR I 43 -16.03 -18.23 21.95
N LEU I 44 -16.41 -16.98 22.20
CA LEU I 44 -15.81 -16.16 23.24
C LEU I 44 -16.77 -16.12 24.42
N GLY I 45 -16.34 -16.68 25.55
CA GLY I 45 -17.20 -16.76 26.71
C GLY I 45 -18.33 -17.75 26.53
N VAL I 46 -19.57 -17.24 26.49
CA VAL I 46 -20.75 -18.06 26.27
C VAL I 46 -21.74 -17.28 25.42
N GLU I 47 -22.53 -18.00 24.63
CA GLU I 47 -23.65 -17.43 23.90
C GLU I 47 -24.89 -18.28 24.18
N VAL I 48 -26.02 -17.61 24.39
CA VAL I 48 -27.27 -18.26 24.74
C VAL I 48 -28.22 -18.17 23.56
N HIS I 49 -28.72 -19.32 23.13
CA HIS I 49 -29.60 -19.42 21.97
C HIS I 49 -30.83 -20.21 22.37
N PRO I 50 -32.04 -19.65 22.26
CA PRO I 50 -33.24 -20.42 22.61
C PRO I 50 -33.61 -21.35 21.46
N LEU I 51 -33.90 -22.61 21.80
CA LEU I 51 -34.40 -23.59 20.86
C LEU I 51 -35.75 -24.07 21.34
N VAL I 52 -36.78 -23.89 20.52
CA VAL I 52 -38.12 -24.35 20.83
C VAL I 52 -38.38 -25.64 20.05
N PHE I 53 -38.87 -26.66 20.75
CA PHE I 53 -39.37 -27.88 20.14
C PHE I 53 -40.84 -28.00 20.51
N HIS I 54 -41.65 -28.51 19.57
CA HIS I 54 -43.06 -28.76 19.80
C HIS I 54 -43.24 -30.25 20.11
N THR I 55 -43.80 -30.55 21.26
CA THR I 55 -44.05 -31.92 21.69
C THR I 55 -45.54 -32.16 21.79
N ASN I 56 -45.90 -33.44 21.92
CA ASN I 56 -47.31 -33.80 22.07
C ASN I 56 -47.87 -33.37 23.42
N ARG I 57 -47.03 -32.86 24.32
CA ARG I 57 -47.47 -32.23 25.55
C ARG I 57 -47.26 -30.73 25.55
N GLY I 58 -47.16 -30.12 24.37
CA GLY I 58 -46.98 -28.70 24.25
C GLY I 58 -45.55 -28.32 23.92
N PRO I 59 -45.28 -27.03 23.73
CA PRO I 59 -43.94 -26.60 23.39
C PRO I 59 -43.04 -26.49 24.60
N ILE I 60 -41.74 -26.70 24.38
CA ILE I 60 -40.73 -26.52 25.41
C ILE I 60 -39.53 -25.82 24.79
N LYS I 61 -38.89 -24.96 25.57
CA LYS I 61 -37.80 -24.12 25.09
C LYS I 61 -36.54 -24.46 25.86
N PHE I 62 -35.49 -24.84 25.14
CA PHE I 62 -34.17 -25.05 25.71
C PHE I 62 -33.35 -23.78 25.50
N ASN I 63 -32.95 -23.14 26.59
CA ASN I 63 -32.04 -22.00 26.51
C ASN I 63 -30.63 -22.55 26.54
N VAL I 64 -30.00 -22.64 25.37
CA VAL I 64 -28.76 -23.37 25.19
C VAL I 64 -27.59 -22.42 25.44
N TRP I 65 -26.87 -22.65 26.53
CA TRP I 65 -25.65 -21.90 26.84
C TRP I 65 -24.49 -22.57 26.13
N ASP I 66 -24.20 -22.09 24.92
CA ASP I 66 -23.10 -22.61 24.09
C ASP I 66 -21.78 -22.00 24.60
N THR I 67 -21.04 -22.77 25.38
CA THR I 67 -19.84 -22.26 26.03
C THR I 67 -18.59 -22.45 25.17
N ALA I 68 -17.55 -21.69 25.51
CA ALA I 68 -16.26 -21.83 24.83
C ALA I 68 -15.49 -23.01 25.42
N GLY I 69 -14.94 -23.84 24.56
CA GLY I 69 -14.16 -24.98 25.00
C GLY I 69 -12.68 -24.71 25.23
N GLN I 70 -12.19 -23.54 24.82
CA GLN I 70 -10.77 -23.25 24.96
C GLN I 70 -10.38 -23.12 26.42
N GLU I 71 -9.10 -23.36 26.70
CA GLU I 71 -8.62 -23.37 28.08
C GLU I 71 -8.65 -21.99 28.71
N LYS I 72 -8.45 -20.94 27.91
CA LYS I 72 -8.47 -19.57 28.45
C LYS I 72 -9.70 -19.32 29.30
N PHE I 73 -10.85 -19.83 28.87
CA PHE I 73 -12.13 -19.54 29.52
C PHE I 73 -12.48 -20.56 30.60
N GLY I 74 -11.48 -21.24 31.17
CA GLY I 74 -11.74 -22.30 32.13
C GLY I 74 -12.16 -21.79 33.51
N GLY I 75 -11.55 -20.71 33.98
CA GLY I 75 -11.85 -20.22 35.31
C GLY I 75 -13.24 -19.64 35.43
N LEU I 76 -13.77 -19.08 34.34
CA LEU I 76 -15.03 -18.35 34.37
C LEU I 76 -16.23 -19.23 34.05
N ARG I 77 -16.02 -20.48 33.64
CA ARG I 77 -17.14 -21.29 33.17
C ARG I 77 -18.02 -21.77 34.31
N ASP I 78 -17.46 -21.87 35.53
CA ASP I 78 -18.26 -22.33 36.66
C ASP I 78 -19.49 -21.47 36.85
N GLY I 79 -19.36 -20.16 36.67
CA GLY I 79 -20.51 -19.28 36.79
C GLY I 79 -21.61 -19.61 35.79
N TYR I 80 -21.22 -19.97 34.56
CA TYR I 80 -22.21 -20.34 33.55
C TYR I 80 -23.00 -21.58 33.97
N TYR I 81 -22.37 -22.50 34.70
CA TYR I 81 -23.04 -23.74 35.05
C TYR I 81 -24.11 -23.56 36.12
N ILE I 82 -24.11 -22.44 36.84
CA ILE I 82 -25.07 -22.25 37.92
C ILE I 82 -26.48 -22.17 37.34
N GLN I 83 -27.43 -22.77 38.04
CA GLN I 83 -28.84 -22.81 37.67
C GLN I 83 -29.11 -23.69 36.44
N ALA I 84 -28.16 -24.56 36.09
CA ALA I 84 -28.35 -25.42 34.92
C ALA I 84 -29.25 -26.59 35.27
N GLN I 85 -30.23 -26.85 34.39
CA GLN I 85 -31.19 -27.94 34.59
C GLN I 85 -30.88 -29.16 33.75
N CYS I 86 -30.00 -29.04 32.76
CA CYS I 86 -29.54 -30.17 31.95
C CYS I 86 -28.25 -29.74 31.26
N ALA I 87 -27.59 -30.71 30.63
CA ALA I 87 -26.31 -30.41 30.00
C ALA I 87 -26.05 -31.40 28.87
N ILE I 88 -25.20 -30.96 27.94
CA ILE I 88 -24.68 -31.81 26.88
C ILE I 88 -23.17 -31.69 26.88
N ILE I 89 -22.48 -32.83 26.98
CA ILE I 89 -21.04 -32.91 26.82
C ILE I 89 -20.76 -33.42 25.41
N MET I 90 -19.98 -32.67 24.66
CA MET I 90 -19.68 -33.02 23.28
C MET I 90 -18.20 -33.30 23.09
N PHE I 91 -17.89 -34.31 22.28
CA PHE I 91 -16.54 -34.56 21.83
C PHE I 91 -16.56 -34.89 20.35
N ASP I 92 -15.36 -35.03 19.78
CA ASP I 92 -15.15 -35.22 18.36
C ASP I 92 -14.60 -36.63 18.14
N VAL I 93 -15.33 -37.44 17.37
CA VAL I 93 -14.91 -38.81 17.15
C VAL I 93 -13.69 -38.93 16.26
N THR I 94 -13.24 -37.82 15.67
CA THR I 94 -12.00 -37.79 14.89
C THR I 94 -10.82 -37.30 15.72
N SER I 95 -11.01 -37.06 17.02
CA SER I 95 -9.96 -36.50 17.88
C SER I 95 -10.02 -37.20 19.23
N ARG I 96 -9.03 -38.04 19.51
CA ARG I 96 -9.07 -38.85 20.73
C ARG I 96 -8.97 -37.99 21.99
N VAL I 97 -8.26 -36.86 21.92
CA VAL I 97 -8.05 -36.05 23.11
C VAL I 97 -9.38 -35.48 23.61
N THR I 98 -10.28 -35.12 22.68
CA THR I 98 -11.57 -34.58 23.09
C THR I 98 -12.39 -35.61 23.87
N TYR I 99 -12.19 -36.90 23.58
CA TYR I 99 -12.85 -37.93 24.37
C TYR I 99 -12.14 -38.16 25.70
N LYS I 100 -10.80 -38.07 25.70
CA LYS I 100 -10.06 -38.21 26.94
C LYS I 100 -10.47 -37.15 27.96
N ASN I 101 -10.92 -35.99 27.50
CA ASN I 101 -11.29 -34.88 28.36
C ASN I 101 -12.75 -34.94 28.81
N VAL I 102 -13.54 -35.89 28.29
CA VAL I 102 -14.93 -36.01 28.73
C VAL I 102 -15.03 -36.11 30.24
N PRO I 103 -14.31 -37.00 30.92
CA PRO I 103 -14.43 -37.08 32.39
C PRO I 103 -14.20 -35.74 33.08
N ASN I 104 -13.24 -34.95 32.60
CA ASN I 104 -13.00 -33.64 33.20
C ASN I 104 -14.20 -32.72 32.99
N TRP I 105 -14.78 -32.73 31.78
CA TRP I 105 -15.99 -31.95 31.54
C TRP I 105 -17.12 -32.41 32.46
N HIS I 106 -17.30 -33.73 32.58
CA HIS I 106 -18.33 -34.24 33.48
C HIS I 106 -18.06 -33.83 34.92
N ARG I 107 -16.81 -33.95 35.37
CA ARG I 107 -16.47 -33.59 36.74
C ARG I 107 -16.84 -32.14 37.03
N ASP I 108 -16.45 -31.23 36.14
CA ASP I 108 -16.71 -29.81 36.37
C ASP I 108 -18.21 -29.53 36.49
N LEU I 109 -19.02 -30.14 35.63
CA LEU I 109 -20.47 -29.91 35.68
C LEU I 109 -21.07 -30.42 36.99
N VAL I 110 -20.67 -31.64 37.39
CA VAL I 110 -21.26 -32.25 38.57
C VAL I 110 -20.97 -31.44 39.82
N ARG I 111 -19.76 -30.87 39.91
CA ARG I 111 -19.40 -30.07 41.07
C ARG I 111 -20.38 -28.93 41.29
N VAL I 112 -20.88 -28.32 40.22
CA VAL I 112 -21.77 -27.17 40.33
C VAL I 112 -23.24 -27.59 40.37
N CYS I 113 -23.66 -28.52 39.51
CA CYS I 113 -25.06 -28.87 39.34
C CYS I 113 -25.45 -30.23 39.89
N GLU I 114 -24.51 -31.16 39.98
CA GLU I 114 -24.68 -32.42 40.70
C GLU I 114 -25.64 -33.41 40.03
N ASN I 115 -26.95 -33.16 40.03
CA ASN I 115 -27.92 -34.18 39.65
C ASN I 115 -28.59 -33.92 38.30
N ILE I 116 -28.05 -33.04 37.47
CA ILE I 116 -28.73 -32.70 36.22
C ILE I 116 -28.64 -33.86 35.25
N PRO I 117 -29.64 -34.08 34.39
CA PRO I 117 -29.47 -35.03 33.30
C PRO I 117 -28.47 -34.52 32.28
N ILE I 118 -27.58 -35.43 31.84
CA ILE I 118 -26.49 -35.08 30.94
C ILE I 118 -26.47 -36.08 29.78
N VAL I 119 -26.33 -35.57 28.56
CA VAL I 119 -26.18 -36.38 27.36
C VAL I 119 -24.76 -36.22 26.85
N LEU I 120 -24.14 -37.32 26.44
CA LEU I 120 -22.81 -37.35 25.86
C LEU I 120 -22.93 -37.60 24.36
N CYS I 121 -22.34 -36.71 23.56
CA CYS I 121 -22.47 -36.76 22.11
C CYS I 121 -21.09 -36.84 21.47
N GLY I 122 -20.89 -37.86 20.64
CA GLY I 122 -19.73 -37.93 19.76
C GLY I 122 -20.06 -37.39 18.39
N ASN I 123 -19.60 -36.18 18.09
CA ASN I 123 -19.94 -35.46 16.87
C ASN I 123 -19.00 -35.85 15.73
N LYS I 124 -19.41 -35.49 14.52
CA LYS I 124 -18.62 -35.68 13.30
C LYS I 124 -18.48 -37.16 12.93
N VAL I 125 -19.54 -37.94 13.17
CA VAL I 125 -19.54 -39.35 12.76
C VAL I 125 -19.75 -39.50 11.27
N ASP I 126 -19.98 -38.39 10.56
CA ASP I 126 -19.99 -38.41 9.10
C ASP I 126 -18.61 -38.61 8.51
N ILE I 127 -17.55 -38.33 9.28
CA ILE I 127 -16.19 -38.48 8.79
C ILE I 127 -15.81 -39.95 8.88
N LYS I 128 -15.37 -40.51 7.74
CA LYS I 128 -15.07 -41.93 7.67
C LYS I 128 -13.94 -42.31 8.62
N ASP I 129 -12.83 -41.57 8.57
CA ASP I 129 -11.62 -41.91 9.33
C ASP I 129 -11.84 -41.57 10.81
N ARG I 130 -12.68 -42.39 11.44
CA ARG I 130 -13.06 -42.21 12.85
C ARG I 130 -11.95 -42.71 13.76
N LYS I 131 -11.50 -41.86 14.69
CA LYS I 131 -10.41 -42.21 15.58
C LYS I 131 -10.89 -42.80 16.89
N VAL I 132 -12.09 -42.44 17.35
CA VAL I 132 -12.65 -42.93 18.60
C VAL I 132 -13.68 -43.99 18.22
N LYS I 133 -13.30 -45.26 18.36
CA LYS I 133 -14.18 -46.36 17.97
C LYS I 133 -15.32 -46.50 18.97
N ALA I 134 -16.46 -47.00 18.46
CA ALA I 134 -17.62 -47.19 19.32
C ALA I 134 -17.31 -48.04 20.54
N LYS I 135 -16.29 -48.91 20.43
CA LYS I 135 -15.90 -49.74 21.56
C LYS I 135 -15.14 -48.96 22.61
N SER I 136 -14.36 -47.96 22.19
CA SER I 136 -13.61 -47.13 23.13
C SER I 136 -14.53 -46.27 23.98
N ILE I 137 -15.74 -45.98 23.50
CA ILE I 137 -16.66 -45.08 24.20
C ILE I 137 -17.32 -45.87 25.33
N VAL I 138 -16.89 -45.60 26.56
CA VAL I 138 -17.39 -46.32 27.72
C VAL I 138 -17.86 -45.39 28.84
N PHE I 139 -17.49 -44.10 28.82
CA PHE I 139 -17.72 -43.24 29.98
C PHE I 139 -19.20 -43.17 30.33
N HIS I 140 -20.10 -43.28 29.35
CA HIS I 140 -21.52 -43.15 29.63
C HIS I 140 -22.03 -44.31 30.49
N ARG I 141 -21.58 -45.53 30.21
CA ARG I 141 -21.92 -46.65 31.08
C ARG I 141 -21.41 -46.42 32.50
N LYS I 142 -20.24 -45.79 32.62
CA LYS I 142 -19.65 -45.57 33.94
C LYS I 142 -20.52 -44.65 34.80
N LYS I 143 -21.08 -43.61 34.19
CA LYS I 143 -21.82 -42.58 34.93
C LYS I 143 -23.31 -42.61 34.70
N ASN I 144 -23.83 -43.58 33.95
CA ASN I 144 -25.26 -43.71 33.71
C ASN I 144 -25.80 -42.59 32.82
N LEU I 145 -24.99 -42.11 31.89
CA LEU I 145 -25.41 -41.09 30.95
C LEU I 145 -26.01 -41.73 29.70
N GLN I 146 -26.77 -40.92 28.96
CA GLN I 146 -27.23 -41.31 27.62
C GLN I 146 -26.20 -40.86 26.60
N TYR I 147 -25.84 -41.76 25.68
CA TYR I 147 -24.87 -41.46 24.63
C TYR I 147 -25.52 -41.55 23.27
N TYR I 148 -25.10 -40.66 22.37
CA TYR I 148 -25.52 -40.66 20.98
C TYR I 148 -24.34 -40.32 20.08
N ASP I 149 -24.17 -41.09 19.01
CA ASP I 149 -23.43 -40.60 17.85
C ASP I 149 -24.28 -39.56 17.13
N ILE I 150 -23.66 -38.44 16.76
CA ILE I 150 -24.38 -37.39 16.02
C ILE I 150 -23.47 -36.82 14.94
N SER I 151 -24.08 -36.08 14.03
CA SER I 151 -23.36 -35.32 13.02
C SER I 151 -24.15 -34.04 12.76
N ALA I 152 -23.57 -32.90 13.11
CA ALA I 152 -24.18 -31.63 12.73
C ALA I 152 -24.20 -31.47 11.22
N LYS I 153 -23.25 -32.10 10.52
CA LYS I 153 -23.17 -31.96 9.07
C LYS I 153 -24.24 -32.77 8.35
N SER I 154 -24.37 -34.06 8.71
CA SER I 154 -25.36 -34.92 8.09
C SER I 154 -26.68 -34.96 8.84
N ASN I 155 -26.79 -34.26 9.96
CA ASN I 155 -27.97 -34.25 10.83
C ASN I 155 -28.24 -35.60 11.49
N TYR I 156 -27.31 -36.55 11.37
CA TYR I 156 -27.50 -37.85 11.98
C TYR I 156 -27.76 -37.70 13.49
N ASN I 157 -28.93 -38.17 13.92
CA ASN I 157 -29.32 -38.19 15.32
C ASN I 157 -29.27 -36.81 15.98
N PHE I 158 -29.21 -35.72 15.22
CA PHE I 158 -28.94 -34.44 15.88
C PHE I 158 -30.10 -33.95 16.73
N GLU I 159 -31.29 -34.55 16.61
CA GLU I 159 -32.39 -34.19 17.49
C GLU I 159 -32.44 -35.03 18.77
N LYS I 160 -31.79 -36.18 18.78
CA LYS I 160 -31.96 -37.12 19.90
C LYS I 160 -31.55 -36.53 21.24
N PRO I 161 -30.45 -35.77 21.37
CA PRO I 161 -30.09 -35.23 22.69
C PRO I 161 -31.18 -34.36 23.29
N PHE I 162 -31.91 -33.59 22.46
CA PHE I 162 -32.98 -32.75 22.98
C PHE I 162 -34.22 -33.57 23.27
N LEU I 163 -34.50 -34.58 22.43
CA LEU I 163 -35.64 -35.45 22.68
C LEU I 163 -35.46 -36.22 23.98
N TRP I 164 -34.25 -36.74 24.22
CA TRP I 164 -34.01 -37.49 25.44
C TRP I 164 -34.11 -36.59 26.66
N LEU I 165 -33.49 -35.41 26.60
CA LEU I 165 -33.54 -34.49 27.74
C LEU I 165 -34.97 -34.02 28.00
N ALA I 166 -35.72 -33.71 26.94
CA ALA I 166 -37.12 -33.32 27.12
C ALA I 166 -37.88 -34.40 27.88
N ARG I 167 -37.65 -35.67 27.54
CA ARG I 167 -38.34 -36.76 28.21
C ARG I 167 -37.95 -36.85 29.68
N LYS I 168 -36.65 -36.75 29.98
CA LYS I 168 -36.21 -36.80 31.36
C LYS I 168 -36.74 -35.60 32.16
N LEU I 169 -36.63 -34.40 31.61
CA LEU I 169 -37.03 -33.20 32.33
C LEU I 169 -38.53 -33.18 32.57
N ILE I 170 -39.32 -33.54 31.55
CA ILE I 170 -40.78 -33.60 31.74
C ILE I 170 -41.16 -34.82 32.58
N GLY I 171 -40.44 -35.93 32.39
CA GLY I 171 -40.81 -37.16 33.06
C GLY I 171 -41.76 -38.03 32.27
N ASP I 172 -41.69 -37.99 30.94
CA ASP I 172 -42.57 -38.78 30.07
C ASP I 172 -41.70 -39.53 29.09
N PRO I 173 -41.45 -40.83 29.30
CA PRO I 173 -40.63 -41.59 28.35
C PRO I 173 -41.24 -41.69 26.96
N ASN I 174 -42.50 -41.30 26.78
CA ASN I 174 -43.18 -41.38 25.49
C ASN I 174 -43.36 -40.02 24.83
N LEU I 175 -42.78 -38.96 25.39
CA LEU I 175 -42.82 -37.66 24.76
C LEU I 175 -42.31 -37.75 23.33
N GLU I 176 -43.04 -37.13 22.40
CA GLU I 176 -42.64 -37.08 21.01
C GLU I 176 -42.56 -35.62 20.54
N PHE I 177 -41.69 -35.38 19.57
CA PHE I 177 -41.70 -34.12 18.84
C PHE I 177 -42.77 -34.20 17.76
N VAL I 178 -43.55 -33.13 17.62
CA VAL I 178 -44.63 -33.06 16.65
C VAL I 178 -44.45 -31.82 15.79
N ALA I 179 -45.19 -31.77 14.68
CA ALA I 179 -45.08 -30.68 13.73
C ALA I 179 -45.30 -29.33 14.41
N MET I 180 -44.54 -28.34 13.95
CA MET I 180 -44.72 -26.97 14.43
C MET I 180 -45.94 -26.35 13.74
N PRO I 181 -46.87 -25.78 14.51
CA PRO I 181 -48.03 -25.12 13.86
C PRO I 181 -47.57 -24.03 12.92
N ALA I 182 -48.19 -23.99 11.74
CA ALA I 182 -47.84 -23.06 10.68
C ALA I 182 -48.98 -22.05 10.54
N LEU I 183 -48.94 -21.00 11.34
CA LEU I 183 -49.94 -19.94 11.24
C LEU I 183 -49.98 -19.37 9.82
N ALA I 184 -51.14 -18.84 9.46
CA ALA I 184 -51.28 -18.15 8.18
C ALA I 184 -50.31 -16.99 8.12
N PRO I 185 -49.53 -16.85 7.05
CA PRO I 185 -48.62 -15.69 6.96
C PRO I 185 -49.42 -14.41 6.94
N PRO I 186 -48.87 -13.33 7.52
CA PRO I 186 -49.50 -12.03 7.36
C PRO I 186 -49.42 -11.55 5.91
N GLU I 187 -50.40 -10.75 5.51
CA GLU I 187 -50.38 -10.10 4.21
C GLU I 187 -49.60 -8.79 4.34
N VAL I 188 -48.50 -8.68 3.60
CA VAL I 188 -47.67 -7.49 3.62
C VAL I 188 -48.18 -6.56 2.53
N VAL I 189 -48.79 -5.45 2.94
CA VAL I 189 -49.27 -4.43 2.01
C VAL I 189 -48.11 -3.48 1.74
N MET I 190 -47.07 -4.00 1.10
CA MET I 190 -45.90 -3.22 0.71
C MET I 190 -46.22 -2.42 -0.54
N ASP I 191 -45.67 -1.22 -0.63
CA ASP I 191 -45.82 -0.43 -1.85
C ASP I 191 -45.15 -1.17 -3.00
N PRO I 192 -45.72 -1.11 -4.22
CA PRO I 192 -45.06 -1.79 -5.34
C PRO I 192 -43.67 -1.26 -5.60
N ALA I 193 -43.49 0.07 -5.51
CA ALA I 193 -42.18 0.66 -5.70
C ALA I 193 -41.20 0.22 -4.62
N LEU I 194 -41.66 0.14 -3.37
CA LEU I 194 -40.80 -0.32 -2.28
C LEU I 194 -40.34 -1.76 -2.53
N ALA I 195 -41.25 -2.62 -3.02
CA ALA I 195 -40.89 -4.01 -3.26
C ALA I 195 -39.83 -4.15 -4.35
N ALA I 196 -39.86 -3.27 -5.36
CA ALA I 196 -38.88 -3.32 -6.42
C ALA I 196 -37.49 -3.00 -5.93
N GLN I 197 -37.37 -2.14 -4.90
CA GLN I 197 -36.06 -1.80 -4.35
C GLN I 197 -35.31 -3.04 -3.91
N TYR I 198 -36.01 -3.99 -3.27
CA TYR I 198 -35.36 -5.18 -2.72
C TYR I 198 -34.86 -6.12 -3.80
N GLU I 199 -35.42 -6.06 -5.01
CA GLU I 199 -34.97 -6.90 -6.11
C GLU I 199 -33.63 -6.43 -6.68
N HIS I 200 -33.03 -5.37 -6.13
CA HIS I 200 -31.65 -5.05 -6.48
C HIS I 200 -30.73 -6.20 -6.14
N ASP I 201 -30.83 -6.71 -4.90
CA ASP I 201 -30.00 -7.83 -4.45
C ASP I 201 -30.37 -9.15 -5.12
N LEU I 202 -31.52 -9.21 -5.81
CA LEU I 202 -31.88 -10.42 -6.54
C LEU I 202 -30.78 -10.82 -7.51
N GLU I 203 -30.16 -9.84 -8.16
CA GLU I 203 -29.14 -10.13 -9.15
C GLU I 203 -27.92 -10.78 -8.52
N VAL I 204 -27.53 -10.33 -7.32
CA VAL I 204 -26.37 -10.90 -6.64
C VAL I 204 -26.62 -12.38 -6.34
N ALA I 205 -27.73 -12.68 -5.65
CA ALA I 205 -28.02 -14.05 -5.24
C ALA I 205 -28.15 -14.98 -6.44
N GLN I 206 -28.71 -14.47 -7.55
CA GLN I 206 -28.91 -15.32 -8.71
C GLN I 206 -27.60 -15.81 -9.31
N THR I 207 -26.50 -15.10 -9.04
CA THR I 207 -25.18 -15.48 -9.55
C THR I 207 -24.26 -16.00 -8.46
N THR I 208 -24.77 -16.20 -7.25
CA THR I 208 -24.00 -16.78 -6.16
C THR I 208 -24.32 -18.27 -6.06
N ALA I 209 -23.28 -19.10 -6.06
CA ALA I 209 -23.46 -20.54 -6.05
C ALA I 209 -23.90 -21.03 -4.68
N LEU I 210 -24.59 -22.17 -4.68
CA LEU I 210 -25.05 -22.77 -3.44
C LEU I 210 -23.87 -23.37 -2.67
N PRO I 211 -23.97 -23.46 -1.34
CA PRO I 211 -22.85 -24.02 -0.58
C PRO I 211 -22.59 -25.49 -0.89
N ASP I 212 -23.65 -26.24 -1.23
CA ASP I 212 -23.52 -27.65 -1.57
C ASP I 212 -23.10 -27.89 -3.01
N GLU I 213 -22.91 -26.84 -3.81
CA GLU I 213 -22.58 -27.05 -5.22
C GLU I 213 -21.40 -28.01 -5.36
N ASP I 214 -20.32 -27.74 -4.64
CA ASP I 214 -19.15 -28.61 -4.71
C ASP I 214 -19.48 -30.00 -4.18
N ASP I 215 -20.23 -30.09 -3.09
CA ASP I 215 -20.60 -31.37 -2.49
C ASP I 215 -21.45 -32.19 -3.46
N GLN J 11 -43.58 -28.71 38.10
CA GLN J 11 -44.88 -29.00 37.52
C GLN J 11 -44.71 -29.64 36.14
N MET J 12 -45.80 -30.10 35.55
CA MET J 12 -45.77 -30.86 34.31
C MET J 12 -46.83 -30.33 33.34
N PRO J 13 -46.57 -30.41 32.03
CA PRO J 13 -47.60 -30.05 31.05
C PRO J 13 -48.58 -31.20 30.84
N GLU J 14 -49.74 -30.87 30.29
CA GLU J 14 -50.78 -31.85 29.99
C GLU J 14 -50.80 -32.12 28.49
N LYS J 15 -51.53 -33.16 28.10
CA LYS J 15 -51.62 -33.55 26.69
C LYS J 15 -52.57 -32.61 25.95
N VAL J 16 -52.10 -32.04 24.85
CA VAL J 16 -52.80 -30.97 24.15
C VAL J 16 -53.35 -31.48 22.84
N GLU J 17 -54.31 -30.73 22.30
CA GLU J 17 -54.81 -30.96 20.95
C GLU J 17 -53.77 -30.49 19.94
N LEU J 18 -53.36 -31.39 19.05
CA LEU J 18 -52.31 -31.07 18.10
C LEU J 18 -52.88 -30.26 16.94
N VAL J 19 -52.42 -29.02 16.79
CA VAL J 19 -52.84 -28.12 15.74
C VAL J 19 -51.73 -27.98 14.72
N THR J 20 -52.06 -28.16 13.45
CA THR J 20 -51.08 -28.00 12.38
C THR J 20 -51.08 -26.60 11.79
N GLY J 21 -52.25 -25.98 11.68
CA GLY J 21 -52.41 -24.77 10.91
C GLY J 21 -52.76 -25.00 9.46
N GLU J 22 -52.88 -26.27 9.04
CA GLU J 22 -53.22 -26.63 7.67
C GLU J 22 -54.63 -27.22 7.56
N GLU J 23 -55.42 -27.14 8.64
CA GLU J 23 -56.69 -27.85 8.68
C GLU J 23 -57.65 -27.40 7.59
N ASP J 24 -57.61 -26.12 7.21
CA ASP J 24 -58.48 -25.60 6.17
C ASP J 24 -57.87 -25.70 4.77
N GLU J 25 -56.81 -26.49 4.61
CA GLU J 25 -56.01 -26.47 3.39
C GLU J 25 -55.89 -27.85 2.78
N LYS J 26 -55.65 -27.88 1.47
CA LYS J 26 -55.46 -29.09 0.69
C LYS J 26 -54.07 -29.06 0.09
N VAL J 27 -53.33 -30.16 0.23
CA VAL J 27 -52.01 -30.25 -0.36
C VAL J 27 -52.16 -30.44 -1.86
N LEU J 28 -51.61 -29.51 -2.64
CA LEU J 28 -51.60 -29.63 -4.10
C LEU J 28 -50.33 -30.27 -4.63
N TYR J 29 -49.24 -30.22 -3.88
CA TYR J 29 -47.94 -30.69 -4.35
C TYR J 29 -47.04 -30.86 -3.15
N SER J 30 -46.18 -31.88 -3.20
CA SER J 30 -45.24 -32.16 -2.12
C SER J 30 -44.05 -32.88 -2.72
N GLN J 31 -42.86 -32.34 -2.51
CA GLN J 31 -41.63 -32.96 -2.97
C GLN J 31 -40.53 -32.68 -1.94
N ARG J 32 -39.69 -33.68 -1.72
CA ARG J 32 -38.56 -33.51 -0.81
C ARG J 32 -37.48 -32.67 -1.48
N VAL J 33 -37.03 -31.63 -0.79
CA VAL J 33 -36.04 -30.70 -1.30
C VAL J 33 -35.09 -30.32 -0.18
N LYS J 34 -33.97 -29.73 -0.56
CA LYS J 34 -33.11 -28.99 0.35
C LYS J 34 -33.35 -27.49 0.11
N LEU J 35 -33.74 -26.78 1.17
CA LEU J 35 -34.07 -25.36 1.07
C LEU J 35 -32.90 -24.51 1.56
N PHE J 36 -32.70 -23.37 0.91
CA PHE J 36 -31.64 -22.43 1.27
C PHE J 36 -32.24 -21.04 1.43
N ARG J 37 -31.53 -20.18 2.17
CA ARG J 37 -31.93 -18.79 2.35
C ARG J 37 -30.71 -17.91 2.19
N PHE J 38 -30.77 -16.98 1.24
CA PHE J 38 -29.64 -16.11 0.97
C PHE J 38 -29.39 -15.19 2.16
N ASP J 39 -28.13 -15.09 2.58
CA ASP J 39 -27.72 -14.14 3.59
C ASP J 39 -27.05 -12.97 2.88
N ALA J 40 -27.75 -11.84 2.80
CA ALA J 40 -27.21 -10.68 2.09
C ALA J 40 -25.99 -10.12 2.80
N GLU J 41 -26.01 -10.11 4.13
CA GLU J 41 -24.92 -9.52 4.90
C GLU J 41 -23.56 -10.17 4.60
N VAL J 42 -23.55 -11.39 4.04
CA VAL J 42 -22.32 -12.07 3.69
C VAL J 42 -22.34 -12.61 2.27
N SER J 43 -23.39 -12.35 1.50
CA SER J 43 -23.50 -12.81 0.11
C SER J 43 -23.22 -14.30 0.00
N GLN J 44 -23.95 -15.09 0.78
CA GLN J 44 -23.84 -16.53 0.76
C GLN J 44 -25.22 -17.16 0.84
N TRP J 45 -25.43 -18.20 0.05
CA TRP J 45 -26.58 -19.07 0.28
C TRP J 45 -26.28 -19.96 1.48
N LYS J 46 -27.20 -19.99 2.44
CA LYS J 46 -27.07 -20.83 3.62
C LYS J 46 -28.15 -21.91 3.61
N GLU J 47 -27.76 -23.13 4.01
CA GLU J 47 -28.75 -24.19 4.17
C GLU J 47 -29.83 -23.74 5.16
N ARG J 48 -31.07 -24.07 4.85
CA ARG J 48 -32.20 -23.68 5.68
C ARG J 48 -32.99 -24.86 6.21
N GLY J 49 -33.14 -25.92 5.42
CA GLY J 49 -33.84 -27.09 5.89
C GLY J 49 -33.87 -28.16 4.84
N LEU J 50 -34.11 -29.39 5.31
CA LEU J 50 -34.32 -30.56 4.46
C LEU J 50 -35.68 -31.15 4.81
N GLY J 51 -36.55 -31.26 3.82
CA GLY J 51 -37.89 -31.76 4.06
C GLY J 51 -38.79 -31.56 2.85
N ASN J 52 -40.07 -31.81 3.06
CA ASN J 52 -41.05 -31.75 1.99
C ASN J 52 -41.52 -30.31 1.77
N LEU J 53 -41.28 -29.79 0.57
CA LEU J 53 -41.80 -28.49 0.17
C LEU J 53 -43.21 -28.68 -0.38
N LYS J 54 -44.19 -28.01 0.22
CA LYS J 54 -45.58 -28.24 -0.11
C LYS J 54 -46.22 -26.96 -0.65
N ILE J 55 -47.15 -27.14 -1.58
CA ILE J 55 -48.05 -26.09 -2.03
C ILE J 55 -49.43 -26.41 -1.47
N LEU J 56 -49.94 -25.53 -0.62
CA LEU J 56 -51.25 -25.71 0.00
C LEU J 56 -52.25 -24.74 -0.61
N LYS J 57 -53.49 -25.19 -0.74
CA LYS J 57 -54.60 -24.34 -1.15
C LYS J 57 -55.65 -24.35 -0.05
N ASN J 58 -56.11 -23.17 0.34
CA ASN J 58 -57.14 -23.03 1.35
C ASN J 58 -58.50 -23.32 0.73
N GLU J 59 -59.22 -24.31 1.26
CA GLU J 59 -60.48 -24.72 0.67
C GLU J 59 -61.60 -23.73 0.94
N VAL J 60 -61.40 -22.77 1.84
CA VAL J 60 -62.44 -21.79 2.16
C VAL J 60 -62.29 -20.53 1.32
N ASN J 61 -61.07 -19.99 1.22
CA ASN J 61 -60.83 -18.73 0.53
C ASN J 61 -59.90 -18.88 -0.67
N GLY J 62 -59.34 -20.06 -0.92
CA GLY J 62 -58.58 -20.29 -2.13
C GLY J 62 -57.15 -19.77 -2.11
N LYS J 63 -56.65 -19.33 -0.97
CA LYS J 63 -55.30 -18.77 -0.92
C LYS J 63 -54.25 -19.88 -1.03
N LEU J 64 -53.17 -19.56 -1.72
CA LEU J 64 -52.06 -20.48 -1.92
C LEU J 64 -50.88 -20.04 -1.08
N ARG J 65 -50.21 -21.00 -0.44
CA ARG J 65 -49.00 -20.70 0.30
C ARG J 65 -48.04 -21.87 0.21
N MET J 66 -46.75 -21.55 0.24
CA MET J 66 -45.71 -22.56 0.40
C MET J 66 -45.54 -22.88 1.87
N LEU J 67 -45.40 -24.15 2.19
CA LEU J 67 -45.12 -24.59 3.54
C LEU J 67 -44.08 -25.70 3.48
N MET J 68 -43.17 -25.70 4.45
CA MET J 68 -42.14 -26.72 4.53
C MET J 68 -41.65 -26.81 5.96
N ARG J 69 -41.47 -28.03 6.44
CA ARG J 69 -40.94 -28.28 7.78
C ARG J 69 -39.67 -29.11 7.68
N ARG J 70 -38.77 -28.90 8.63
CA ARG J 70 -37.50 -29.61 8.65
C ARG J 70 -37.69 -31.02 9.18
N GLU J 71 -37.00 -31.98 8.55
CA GLU J 71 -37.01 -33.35 9.05
C GLU J 71 -36.40 -33.43 10.45
N GLN J 72 -36.89 -34.39 11.23
CA GLN J 72 -36.35 -34.73 12.54
C GLN J 72 -36.74 -33.72 13.61
N VAL J 73 -36.53 -32.42 13.36
CA VAL J 73 -36.93 -31.42 14.34
C VAL J 73 -38.31 -30.83 14.06
N LEU J 74 -38.82 -30.98 12.83
CA LEU J 74 -40.20 -30.64 12.49
C LEU J 74 -40.50 -29.16 12.69
N LYS J 75 -39.49 -28.31 12.53
CA LYS J 75 -39.69 -26.87 12.58
C LYS J 75 -40.03 -26.33 11.20
N VAL J 76 -40.78 -25.22 11.17
CA VAL J 76 -41.09 -24.56 9.91
C VAL J 76 -39.85 -23.85 9.40
N CYS J 77 -39.51 -24.08 8.13
CA CYS J 77 -38.43 -23.39 7.45
C CYS J 77 -38.90 -22.72 6.16
N ALA J 78 -40.21 -22.71 5.88
CA ALA J 78 -40.77 -21.92 4.80
C ALA J 78 -42.25 -21.78 5.07
N ASN J 79 -42.76 -20.54 5.00
CA ASN J 79 -44.19 -20.29 5.26
C ASN J 79 -44.51 -18.91 4.67
N HIS J 80 -44.93 -18.90 3.40
CA HIS J 80 -45.24 -17.64 2.72
C HIS J 80 -46.35 -17.87 1.72
N TRP J 81 -47.12 -16.81 1.46
CA TRP J 81 -48.14 -16.88 0.42
C TRP J 81 -47.48 -16.97 -0.95
N ILE J 82 -48.20 -17.53 -1.92
CA ILE J 82 -47.80 -17.51 -3.31
C ILE J 82 -48.57 -16.38 -4.00
N THR J 83 -47.83 -15.49 -4.66
CA THR J 83 -48.41 -14.33 -5.32
C THR J 83 -48.23 -14.47 -6.83
N THR J 84 -49.03 -13.70 -7.57
CA THR J 84 -48.89 -13.66 -9.02
C THR J 84 -47.57 -13.05 -9.45
N THR J 85 -46.92 -12.28 -8.57
CA THR J 85 -45.65 -11.63 -8.89
C THR J 85 -44.47 -12.58 -8.82
N MET J 86 -44.58 -13.69 -8.09
CA MET J 86 -43.43 -14.55 -7.88
C MET J 86 -42.94 -15.16 -9.19
N ASN J 87 -41.62 -15.21 -9.34
CA ASN J 87 -40.97 -15.77 -10.52
C ASN J 87 -39.87 -16.71 -10.06
N LEU J 88 -40.05 -18.00 -10.31
CA LEU J 88 -38.96 -18.96 -10.07
C LEU J 88 -37.83 -18.68 -11.05
N LYS J 89 -36.62 -18.56 -10.53
CA LYS J 89 -35.46 -18.27 -11.36
C LYS J 89 -34.39 -19.33 -11.15
N PRO J 90 -33.58 -19.62 -12.16
CA PRO J 90 -32.52 -20.61 -12.02
C PRO J 90 -31.31 -20.04 -11.30
N LEU J 91 -30.58 -20.93 -10.64
CA LEU J 91 -29.30 -20.59 -10.01
C LEU J 91 -28.17 -21.01 -10.94
N SER J 92 -27.20 -20.11 -11.12
CA SER J 92 -26.18 -20.32 -12.13
C SER J 92 -25.39 -21.61 -11.92
N GLY J 93 -25.26 -22.06 -10.67
CA GLY J 93 -24.45 -23.21 -10.37
C GLY J 93 -25.16 -24.54 -10.35
N SER J 94 -26.43 -24.60 -10.73
CA SER J 94 -27.19 -25.84 -10.60
C SER J 94 -28.17 -25.99 -11.75
N ASP J 95 -28.40 -27.23 -12.15
CA ASP J 95 -29.39 -27.57 -13.17
C ASP J 95 -30.66 -28.15 -12.54
N ARG J 96 -30.81 -28.07 -11.23
CA ARG J 96 -31.95 -28.65 -10.55
CA ARG J 96 -31.95 -28.66 -10.54
C ARG J 96 -32.28 -27.83 -9.29
N ALA J 97 -32.36 -26.51 -9.46
CA ALA J 97 -32.69 -25.63 -8.35
C ALA J 97 -33.41 -24.39 -8.87
N TRP J 98 -34.27 -23.83 -8.01
CA TRP J 98 -34.96 -22.59 -8.30
C TRP J 98 -34.83 -21.65 -7.11
N MET J 99 -34.76 -20.36 -7.40
CA MET J 99 -34.80 -19.34 -6.37
C MET J 99 -36.00 -18.43 -6.62
N TRP J 100 -36.43 -17.75 -5.56
CA TRP J 100 -37.56 -16.85 -5.68
C TRP J 100 -37.59 -15.95 -4.46
N LEU J 101 -38.27 -14.83 -4.60
CA LEU J 101 -38.42 -13.86 -3.53
C LEU J 101 -39.72 -14.13 -2.78
N ALA J 102 -39.66 -14.02 -1.46
CA ALA J 102 -40.82 -14.38 -0.66
C ALA J 102 -40.81 -13.61 0.66
N SER J 103 -41.99 -13.25 1.12
CA SER J 103 -42.20 -12.69 2.46
C SER J 103 -42.42 -13.88 3.39
N ASP J 104 -41.34 -14.39 3.96
CA ASP J 104 -41.37 -15.63 4.71
C ASP J 104 -41.70 -15.39 6.18
N PHE J 105 -42.43 -16.34 6.77
CA PHE J 105 -42.94 -16.20 8.13
C PHE J 105 -42.42 -17.29 9.07
N SER J 106 -41.42 -18.07 8.64
CA SER J 106 -40.90 -19.14 9.47
C SER J 106 -40.49 -18.64 10.85
N ASP J 107 -39.86 -17.46 10.91
CA ASP J 107 -39.31 -16.94 12.15
C ASP J 107 -40.21 -15.93 12.84
N GLY J 108 -41.46 -15.80 12.39
CA GLY J 108 -42.40 -14.91 13.02
C GLY J 108 -42.40 -13.49 12.51
N ASP J 109 -41.56 -13.16 11.54
CA ASP J 109 -41.51 -11.84 10.93
C ASP J 109 -42.04 -11.92 9.51
N ALA J 110 -42.35 -10.74 8.95
CA ALA J 110 -42.87 -10.61 7.59
C ALA J 110 -41.86 -9.76 6.83
N LYS J 111 -40.74 -10.36 6.46
CA LYS J 111 -39.66 -9.66 5.79
C LYS J 111 -39.30 -10.39 4.51
N LEU J 112 -38.85 -9.63 3.52
CA LEU J 112 -38.50 -10.22 2.24
C LEU J 112 -37.23 -11.05 2.36
N GLU J 113 -37.28 -12.27 1.83
CA GLU J 113 -36.14 -13.18 1.85
C GLU J 113 -36.02 -13.82 0.48
N GLN J 114 -34.78 -14.13 0.11
CA GLN J 114 -34.51 -14.90 -1.11
C GLN J 114 -34.29 -16.35 -0.73
N LEU J 115 -35.13 -17.23 -1.26
CA LEU J 115 -35.07 -18.66 -0.98
C LEU J 115 -34.68 -19.42 -2.24
N ALA J 116 -34.12 -20.60 -2.04
CA ALA J 116 -33.79 -21.50 -3.13
C ALA J 116 -34.08 -22.93 -2.69
N ALA J 117 -34.54 -23.74 -3.63
CA ALA J 117 -34.83 -25.15 -3.37
C ALA J 117 -34.07 -25.98 -4.39
N LYS J 118 -33.34 -26.99 -3.90
CA LYS J 118 -32.62 -27.91 -4.76
C LYS J 118 -33.36 -29.25 -4.77
N PHE J 119 -33.56 -29.80 -5.95
CA PHE J 119 -34.30 -31.03 -6.15
C PHE J 119 -33.32 -32.14 -6.52
N LYS J 120 -33.78 -33.38 -6.35
CA LYS J 120 -32.90 -34.52 -6.58
C LYS J 120 -32.48 -34.62 -8.04
N THR J 121 -33.34 -34.23 -8.97
CA THR J 121 -33.07 -34.34 -10.39
C THR J 121 -33.60 -33.10 -11.09
N PRO J 122 -33.05 -32.78 -12.27
CA PRO J 122 -33.62 -31.67 -13.06
C PRO J 122 -35.09 -31.88 -13.37
N GLU J 123 -35.50 -33.13 -13.66
CA GLU J 123 -36.89 -33.40 -13.98
C GLU J 123 -37.80 -33.06 -12.81
N LEU J 124 -37.39 -33.40 -11.59
CA LEU J 124 -38.17 -33.03 -10.41
C LEU J 124 -38.20 -31.54 -10.21
N ALA J 125 -37.13 -30.84 -10.58
CA ALA J 125 -37.13 -29.39 -10.51
C ALA J 125 -38.09 -28.79 -11.54
N GLU J 126 -38.08 -29.31 -12.77
CA GLU J 126 -39.00 -28.84 -13.78
C GLU J 126 -40.45 -29.13 -13.38
N GLU J 127 -40.70 -30.32 -12.83
CA GLU J 127 -42.04 -30.65 -12.37
C GLU J 127 -42.53 -29.60 -11.38
N PHE J 128 -41.68 -29.21 -10.43
CA PHE J 128 -42.07 -28.20 -9.45
C PHE J 128 -42.41 -26.88 -10.12
N LYS J 129 -41.52 -26.37 -10.97
CA LYS J 129 -41.77 -25.11 -11.64
C LYS J 129 -43.08 -25.15 -12.41
N GLN J 130 -43.37 -26.28 -13.08
CA GLN J 130 -44.60 -26.39 -13.85
C GLN J 130 -45.83 -26.41 -12.94
N LYS J 131 -45.75 -27.12 -11.81
CA LYS J 131 -46.88 -27.15 -10.90
C LYS J 131 -47.08 -25.79 -10.23
N PHE J 132 -45.98 -25.16 -9.80
CA PHE J 132 -46.06 -23.84 -9.18
C PHE J 132 -46.73 -22.84 -10.11
N GLU J 133 -46.30 -22.78 -11.37
CA GLU J 133 -46.87 -21.81 -12.30
C GLU J 133 -48.34 -22.11 -12.59
N GLU J 134 -48.74 -23.38 -12.57
CA GLU J 134 -50.15 -23.70 -12.76
C GLU J 134 -50.99 -23.18 -11.62
N CYS J 135 -50.49 -23.30 -10.38
CA CYS J 135 -51.24 -22.82 -9.23
C CYS J 135 -51.35 -21.31 -9.24
N GLN J 136 -50.31 -20.61 -9.70
CA GLN J 136 -50.41 -19.16 -9.86
C GLN J 136 -51.51 -18.80 -10.84
N ARG J 137 -51.64 -19.58 -11.93
CA ARG J 137 -52.70 -19.33 -12.89
C ARG J 137 -54.08 -19.49 -12.26
N LEU J 138 -54.20 -20.37 -11.25
CA LEU J 138 -55.46 -20.49 -10.51
C LEU J 138 -55.80 -19.17 -9.83
N LEU J 139 -54.81 -18.53 -9.19
CA LEU J 139 -55.03 -17.23 -8.57
C LEU J 139 -55.51 -16.20 -9.59
N LEU J 140 -54.99 -16.27 -10.82
CA LEU J 140 -55.40 -15.31 -11.84
C LEU J 140 -56.82 -15.58 -12.35
N ASP J 141 -57.24 -16.83 -12.41
CA ASP J 141 -58.59 -17.15 -12.89
C ASP J 141 -59.60 -17.09 -11.74
N PRO K 8 61.64 11.43 -16.87
CA PRO K 8 61.36 10.73 -15.61
C PRO K 8 60.14 11.30 -14.91
N GLN K 9 58.95 10.88 -15.35
CA GLN K 9 57.72 11.50 -14.92
C GLN K 9 57.33 11.07 -13.51
N VAL K 10 56.84 12.02 -12.73
CA VAL K 10 56.35 11.77 -11.38
C VAL K 10 54.92 11.23 -11.49
N GLN K 11 54.74 9.95 -11.20
CA GLN K 11 53.46 9.26 -11.34
C GLN K 11 53.01 8.68 -10.01
N PHE K 12 51.70 8.73 -9.75
CA PHE K 12 51.11 8.17 -8.54
C PHE K 12 49.82 7.45 -8.89
N LYS K 13 49.71 6.20 -8.45
CA LYS K 13 48.44 5.48 -8.54
C LYS K 13 47.51 5.97 -7.44
N LEU K 14 46.29 6.35 -7.83
CA LEU K 14 45.29 6.86 -6.90
C LEU K 14 44.01 6.06 -7.10
N VAL K 15 43.50 5.46 -6.03
CA VAL K 15 42.28 4.67 -6.08
C VAL K 15 41.14 5.53 -5.55
N LEU K 16 40.07 5.63 -6.33
CA LEU K 16 38.90 6.45 -6.00
C LEU K 16 37.74 5.51 -5.71
N VAL K 17 37.27 5.54 -4.46
CA VAL K 17 36.25 4.61 -3.99
C VAL K 17 35.16 5.38 -3.27
N GLY K 18 34.06 4.69 -3.01
CA GLY K 18 32.90 5.27 -2.37
C GLY K 18 31.64 4.64 -2.94
N ASP K 19 30.54 4.81 -2.20
CA ASP K 19 29.27 4.22 -2.63
C ASP K 19 28.89 4.72 -4.02
N GLY K 20 28.18 3.84 -4.74
CA GLY K 20 27.65 4.23 -6.04
C GLY K 20 26.74 5.44 -5.94
N GLY K 21 26.87 6.33 -6.93
CA GLY K 21 26.09 7.55 -6.97
C GLY K 21 26.68 8.71 -6.20
N THR K 22 27.85 8.54 -5.60
CA THR K 22 28.49 9.60 -4.85
C THR K 22 29.17 10.63 -5.73
N GLY K 23 29.33 10.35 -7.02
CA GLY K 23 29.88 11.31 -7.95
C GLY K 23 31.32 11.08 -8.36
N LYS K 24 31.84 9.87 -8.19
CA LYS K 24 33.25 9.61 -8.51
C LYS K 24 33.54 9.89 -9.96
N THR K 25 32.80 9.23 -10.87
CA THR K 25 33.06 9.40 -12.30
C THR K 25 32.84 10.84 -12.74
N THR K 26 31.80 11.48 -12.21
CA THR K 26 31.53 12.87 -12.55
C THR K 26 32.66 13.78 -12.07
N PHE K 27 33.24 13.45 -10.92
CA PHE K 27 34.36 14.21 -10.39
C PHE K 27 35.58 14.09 -11.30
N VAL K 28 35.86 12.89 -11.78
CA VAL K 28 37.03 12.69 -12.63
C VAL K 28 36.83 13.36 -14.00
N LYS K 29 35.66 13.20 -14.60
CA LYS K 29 35.40 13.83 -15.89
C LYS K 29 35.54 15.34 -15.80
N ARG K 30 34.98 15.95 -14.74
CA ARG K 30 35.15 17.38 -14.54
C ARG K 30 36.63 17.77 -14.57
N HIS K 31 37.48 16.95 -13.94
CA HIS K 31 38.90 17.26 -13.93
C HIS K 31 39.52 17.07 -15.31
N LEU K 32 39.10 16.04 -16.04
CA LEU K 32 39.71 15.73 -17.33
C LEU K 32 39.36 16.78 -18.38
N THR K 33 38.07 16.95 -18.68
CA THR K 33 37.62 17.77 -19.79
C THR K 33 36.95 19.07 -19.36
N GLY K 34 36.63 19.23 -18.08
CA GLY K 34 35.87 20.38 -17.61
C GLY K 34 34.38 20.22 -17.72
N GLU K 35 33.89 19.09 -18.19
CA GLU K 35 32.47 18.85 -18.35
C GLU K 35 31.81 18.50 -17.02
N PHE K 36 30.49 18.62 -16.99
CA PHE K 36 29.66 18.10 -15.91
C PHE K 36 28.62 17.15 -16.50
N GLU K 37 28.83 15.85 -16.29
CA GLU K 37 27.88 14.84 -16.76
C GLU K 37 26.70 14.77 -15.79
N LYS K 38 25.51 15.07 -16.29
CA LYS K 38 24.34 15.08 -15.42
C LYS K 38 23.76 13.68 -15.23
N LYS K 39 23.91 12.80 -16.21
CA LYS K 39 23.36 11.46 -16.10
C LYS K 39 24.15 10.63 -15.10
N TYR K 40 23.47 9.64 -14.53
CA TYR K 40 24.09 8.67 -13.63
C TYR K 40 24.17 7.36 -14.39
N VAL K 41 25.33 7.10 -14.99
CA VAL K 41 25.63 5.81 -15.60
C VAL K 41 26.60 5.11 -14.68
N ALA K 42 26.15 4.05 -14.02
CA ALA K 42 26.98 3.35 -13.05
C ALA K 42 28.23 2.80 -13.73
N THR K 43 29.37 3.02 -13.09
CA THR K 43 30.63 2.50 -13.62
C THR K 43 30.69 0.99 -13.48
N LEU K 44 31.14 0.34 -14.54
CA LEU K 44 31.35 -1.11 -14.55
C LEU K 44 32.85 -1.35 -14.62
N GLY K 45 33.38 -2.09 -13.66
CA GLY K 45 34.81 -2.36 -13.64
C GLY K 45 35.60 -1.19 -13.09
N VAL K 46 36.88 -1.14 -13.47
CA VAL K 46 37.79 -0.08 -13.08
C VAL K 46 38.31 0.59 -14.35
N GLU K 47 38.29 1.91 -14.36
CA GLU K 47 38.74 2.71 -15.50
C GLU K 47 39.82 3.66 -15.00
N VAL K 48 41.01 3.59 -15.59
CA VAL K 48 42.14 4.40 -15.17
C VAL K 48 42.24 5.63 -16.07
N HIS K 49 42.35 6.80 -15.45
CA HIS K 49 42.46 8.07 -16.17
C HIS K 49 43.70 8.82 -15.69
N PRO K 50 44.63 9.19 -16.57
CA PRO K 50 45.75 10.03 -16.13
C PRO K 50 45.32 11.48 -15.98
N LEU K 51 45.68 12.07 -14.83
CA LEU K 51 45.46 13.49 -14.55
C LEU K 51 46.80 14.14 -14.25
N VAL K 52 47.11 15.21 -14.98
CA VAL K 52 48.37 15.91 -14.83
C VAL K 52 48.10 17.29 -14.23
N PHE K 53 48.84 17.62 -13.19
CA PHE K 53 48.81 18.96 -12.60
C PHE K 53 50.22 19.54 -12.67
N HIS K 54 50.31 20.83 -12.96
CA HIS K 54 51.58 21.53 -13.04
C HIS K 54 51.85 22.20 -11.71
N THR K 55 53.07 22.00 -11.19
CA THR K 55 53.46 22.54 -9.90
C THR K 55 54.77 23.30 -10.05
N ASN K 56 55.13 24.03 -8.99
CA ASN K 56 56.41 24.73 -8.95
C ASN K 56 57.59 23.76 -8.89
N ARG K 57 57.32 22.47 -8.68
CA ARG K 57 58.34 21.42 -8.75
C ARG K 57 58.12 20.52 -9.96
N GLY K 58 57.52 21.06 -11.03
CA GLY K 58 57.30 20.32 -12.24
C GLY K 58 55.95 19.66 -12.27
N PRO K 59 55.65 18.96 -13.36
CA PRO K 59 54.36 18.27 -13.49
C PRO K 59 54.33 16.97 -12.69
N ILE K 60 53.14 16.61 -12.24
CA ILE K 60 52.91 15.33 -11.61
C ILE K 60 51.63 14.72 -12.16
N LYS K 61 51.61 13.40 -12.28
CA LYS K 61 50.50 12.67 -12.87
C LYS K 61 49.86 11.78 -11.82
N PHE K 62 48.54 11.93 -11.66
CA PHE K 62 47.73 11.02 -10.86
C PHE K 62 47.01 10.08 -11.81
N ASN K 63 47.39 8.80 -11.79
CA ASN K 63 46.64 7.78 -12.52
C ASN K 63 45.48 7.36 -11.63
N VAL K 64 44.30 7.90 -11.93
CA VAL K 64 43.14 7.78 -11.06
C VAL K 64 42.37 6.53 -11.45
N TRP K 65 42.20 5.62 -10.50
CA TRP K 65 41.48 4.36 -10.72
C TRP K 65 40.04 4.59 -10.26
N ASP K 66 39.14 4.80 -11.22
CA ASP K 66 37.72 5.04 -10.94
C ASP K 66 37.04 3.68 -10.80
N THR K 67 36.58 3.36 -9.60
CA THR K 67 35.99 2.07 -9.30
C THR K 67 34.47 2.16 -9.25
N ALA K 68 33.82 1.02 -9.47
CA ALA K 68 32.39 0.90 -9.28
C ALA K 68 32.09 0.76 -7.80
N GLY K 69 31.21 1.63 -7.29
CA GLY K 69 30.81 1.56 -5.89
C GLY K 69 29.74 0.54 -5.59
N GLN K 70 29.14 -0.04 -6.62
CA GLN K 70 28.04 -0.99 -6.44
C GLN K 70 28.56 -2.26 -5.77
N GLU K 71 27.74 -2.84 -4.88
CA GLU K 71 28.16 -4.01 -4.11
C GLU K 71 28.41 -5.21 -5.01
N LYS K 72 27.58 -5.38 -6.04
CA LYS K 72 27.69 -6.54 -6.92
C LYS K 72 29.06 -6.64 -7.57
N PHE K 73 29.80 -5.53 -7.68
CA PHE K 73 31.13 -5.50 -8.26
C PHE K 73 32.20 -5.31 -7.19
N GLY K 74 32.05 -6.02 -6.07
CA GLY K 74 33.00 -5.95 -4.97
C GLY K 74 33.59 -7.29 -4.58
N GLY K 75 33.74 -8.21 -5.54
CA GLY K 75 34.20 -9.55 -5.22
C GLY K 75 35.61 -9.58 -4.67
N LEU K 76 36.55 -8.99 -5.40
CA LEU K 76 37.94 -8.88 -4.99
C LEU K 76 38.49 -7.51 -5.35
N ARG K 77 37.76 -6.46 -4.96
CA ARG K 77 38.21 -5.10 -5.25
C ARG K 77 39.59 -4.82 -4.66
N ASP K 78 40.06 -5.67 -3.74
CA ASP K 78 41.40 -5.52 -3.18
C ASP K 78 42.48 -5.60 -4.26
N GLY K 79 42.27 -6.46 -5.26
CA GLY K 79 43.26 -6.59 -6.32
C GLY K 79 43.51 -5.30 -7.06
N TYR K 80 42.49 -4.45 -7.16
CA TYR K 80 42.63 -3.15 -7.81
C TYR K 80 43.26 -2.12 -6.88
N TYR K 81 43.55 -2.48 -5.63
CA TYR K 81 44.21 -1.60 -4.68
C TYR K 81 45.71 -1.86 -4.57
N ILE K 82 46.22 -2.86 -5.30
CA ILE K 82 47.62 -3.23 -5.20
C ILE K 82 48.50 -2.14 -5.80
N GLN K 83 49.62 -1.86 -5.14
CA GLN K 83 50.58 -0.82 -5.51
C GLN K 83 50.00 0.58 -5.40
N ALA K 84 48.80 0.72 -4.83
CA ALA K 84 48.24 2.05 -4.67
C ALA K 84 49.13 2.91 -3.78
N GLN K 85 49.21 4.19 -4.10
CA GLN K 85 50.03 5.13 -3.34
C GLN K 85 49.21 6.21 -2.66
N CYS K 86 47.94 6.36 -3.00
CA CYS K 86 47.04 7.33 -2.36
C CYS K 86 45.62 6.92 -2.73
N ALA K 87 44.66 7.56 -2.07
CA ALA K 87 43.27 7.21 -2.33
C ALA K 87 42.36 8.38 -1.97
N ILE K 88 41.20 8.42 -2.61
CA ILE K 88 40.13 9.32 -2.26
C ILE K 88 38.91 8.48 -1.89
N ILE K 89 38.29 8.80 -0.76
CA ILE K 89 37.01 8.21 -0.37
C ILE K 89 35.97 9.30 -0.58
N MET K 90 34.96 9.01 -1.37
CA MET K 90 33.91 9.97 -1.67
C MET K 90 32.58 9.50 -1.11
N PHE K 91 31.85 10.43 -0.51
CA PHE K 91 30.48 10.20 -0.08
C PHE K 91 29.64 11.40 -0.48
N ASP K 92 28.33 11.21 -0.43
CA ASP K 92 27.34 12.18 -0.89
C ASP K 92 26.69 12.84 0.32
N VAL K 93 26.86 14.14 0.45
CA VAL K 93 26.33 14.85 1.61
C VAL K 93 24.80 14.91 1.63
N THR K 94 24.15 14.43 0.56
CA THR K 94 22.70 14.30 0.54
C THR K 94 22.25 12.85 0.75
N SER K 95 23.13 12.00 1.27
CA SER K 95 22.82 10.58 1.46
C SER K 95 23.60 10.10 2.68
N ARG K 96 22.91 10.03 3.83
CA ARG K 96 23.60 9.65 5.06
C ARG K 96 24.24 8.27 4.95
N VAL K 97 23.63 7.36 4.19
CA VAL K 97 24.17 6.01 4.10
C VAL K 97 25.59 6.03 3.53
N THR K 98 25.83 6.87 2.51
CA THR K 98 27.17 6.90 1.91
C THR K 98 28.23 7.30 2.93
N TYR K 99 27.86 8.15 3.90
CA TYR K 99 28.81 8.50 4.94
C TYR K 99 28.95 7.40 5.99
N LYS K 100 27.85 6.68 6.28
CA LYS K 100 27.94 5.56 7.22
C LYS K 100 28.89 4.48 6.72
N ASN K 101 29.07 4.38 5.40
CA ASN K 101 29.93 3.36 4.81
C ASN K 101 31.36 3.83 4.61
N VAL K 102 31.69 5.07 4.98
CA VAL K 102 33.06 5.55 4.86
C VAL K 102 34.03 4.67 5.66
N PRO K 103 33.73 4.29 6.90
CA PRO K 103 34.67 3.43 7.64
C PRO K 103 34.94 2.09 6.97
N ASN K 104 33.97 1.55 6.24
CA ASN K 104 34.20 0.28 5.55
C ASN K 104 35.16 0.47 4.38
N TRP K 105 34.93 1.51 3.56
CA TRP K 105 35.86 1.80 2.47
C TRP K 105 37.27 2.02 3.01
N HIS K 106 37.40 2.82 4.08
CA HIS K 106 38.71 3.09 4.66
C HIS K 106 39.38 1.80 5.12
N ARG K 107 38.61 0.92 5.77
CA ARG K 107 39.16 -0.35 6.28
C ARG K 107 39.69 -1.21 5.15
N ASP K 108 38.96 -1.27 4.02
CA ASP K 108 39.40 -2.10 2.89
C ASP K 108 40.71 -1.58 2.29
N LEU K 109 40.86 -0.25 2.19
CA LEU K 109 42.09 0.31 1.65
C LEU K 109 43.27 0.06 2.58
N VAL K 110 43.11 0.37 3.86
CA VAL K 110 44.19 0.23 4.83
C VAL K 110 44.65 -1.22 4.92
N ARG K 111 43.74 -2.17 4.71
CA ARG K 111 44.10 -3.58 4.75
C ARG K 111 45.15 -3.90 3.69
N VAL K 112 45.00 -3.33 2.49
CA VAL K 112 45.90 -3.65 1.37
C VAL K 112 47.11 -2.72 1.35
N CYS K 113 46.92 -1.43 1.61
CA CYS K 113 47.95 -0.41 1.40
C CYS K 113 48.51 0.17 2.68
N GLU K 114 47.72 0.22 3.76
CA GLU K 114 48.18 0.57 5.10
C GLU K 114 48.53 2.04 5.32
N ASN K 115 49.61 2.53 4.71
CA ASN K 115 50.13 3.86 5.05
C ASN K 115 49.83 4.92 4.00
N ILE K 116 48.97 4.64 3.02
CA ILE K 116 48.79 5.60 1.92
C ILE K 116 48.04 6.82 2.44
N PRO K 117 48.36 8.03 1.96
CA PRO K 117 47.56 9.21 2.30
C PRO K 117 46.18 9.11 1.66
N ILE K 118 45.15 9.38 2.46
CA ILE K 118 43.76 9.24 2.03
C ILE K 118 43.03 10.54 2.31
N VAL K 119 42.30 11.04 1.32
CA VAL K 119 41.47 12.23 1.46
C VAL K 119 40.01 11.79 1.47
N LEU K 120 39.23 12.39 2.36
CA LEU K 120 37.80 12.15 2.45
C LEU K 120 37.08 13.36 1.86
N CYS K 121 36.12 13.10 0.97
CA CYS K 121 35.43 14.17 0.26
C CYS K 121 33.93 14.02 0.44
N GLY K 122 33.29 15.09 0.89
CA GLY K 122 31.84 15.17 0.90
C GLY K 122 31.35 15.89 -0.34
N ASN K 123 30.91 15.13 -1.34
CA ASN K 123 30.52 15.69 -2.62
C ASN K 123 29.08 16.22 -2.55
N LYS K 124 28.71 17.02 -3.55
CA LYS K 124 27.35 17.50 -3.74
C LYS K 124 26.93 18.54 -2.69
N VAL K 125 27.89 19.35 -2.21
CA VAL K 125 27.58 20.40 -1.24
C VAL K 125 26.88 21.55 -1.94
N ASP K 126 26.72 21.45 -3.26
CA ASP K 126 25.93 22.46 -3.98
C ASP K 126 24.44 22.35 -3.63
N ILE K 127 23.97 21.13 -3.36
CA ILE K 127 22.56 20.92 -3.04
C ILE K 127 22.22 21.58 -1.71
N LYS K 128 21.07 22.26 -1.66
CA LYS K 128 20.68 23.00 -0.46
C LYS K 128 20.39 22.05 0.70
N ASP K 129 19.57 21.02 0.46
CA ASP K 129 19.14 20.11 1.52
C ASP K 129 20.25 19.09 1.78
N ARG K 130 21.21 19.49 2.60
CA ARG K 130 22.36 18.65 2.95
C ARG K 130 21.99 17.81 4.18
N LYS K 131 21.87 16.49 3.98
CA LYS K 131 21.51 15.62 5.09
C LYS K 131 22.67 15.42 6.05
N VAL K 132 23.88 15.20 5.52
CA VAL K 132 25.07 14.96 6.34
C VAL K 132 25.61 16.33 6.76
N LYS K 133 25.29 16.75 7.97
CA LYS K 133 25.76 18.03 8.47
C LYS K 133 27.26 17.99 8.74
N ALA K 134 27.85 19.18 8.82
CA ALA K 134 29.29 19.28 9.09
C ALA K 134 29.63 18.72 10.47
N LYS K 135 28.71 18.81 11.42
CA LYS K 135 29.00 18.31 12.76
C LYS K 135 29.00 16.79 12.80
N SER K 136 28.19 16.15 11.94
CA SER K 136 28.18 14.69 11.88
C SER K 136 29.47 14.13 11.31
N ILE K 137 30.23 14.94 10.58
CA ILE K 137 31.43 14.47 9.88
C ILE K 137 32.58 14.48 10.88
N VAL K 138 32.97 13.29 11.35
CA VAL K 138 34.00 13.15 12.37
C VAL K 138 35.05 12.08 12.04
N PHE K 139 34.77 11.19 11.07
CA PHE K 139 35.67 10.07 10.83
C PHE K 139 37.08 10.51 10.51
N HIS K 140 37.25 11.71 9.94
CA HIS K 140 38.58 12.17 9.56
C HIS K 140 39.41 12.54 10.78
N ARG K 141 38.79 13.06 11.84
CA ARG K 141 39.52 13.31 13.08
C ARG K 141 39.96 12.01 13.73
N LYS K 142 39.23 10.91 13.48
CA LYS K 142 39.52 9.64 14.12
C LYS K 142 40.76 8.98 13.53
N LYS K 143 40.98 9.14 12.23
CA LYS K 143 42.11 8.51 11.53
C LYS K 143 43.07 9.53 10.95
N ASN K 144 43.02 10.78 11.42
CA ASN K 144 43.92 11.84 10.96
C ASN K 144 43.97 11.91 9.44
N LEU K 145 42.81 11.78 8.80
CA LEU K 145 42.70 12.00 7.37
C LEU K 145 42.38 13.46 7.08
N GLN K 146 42.62 13.86 5.83
CA GLN K 146 42.24 15.18 5.37
C GLN K 146 40.82 15.13 4.82
N TYR K 147 40.01 16.11 5.18
CA TYR K 147 38.64 16.19 4.71
C TYR K 147 38.41 17.50 3.95
N TYR K 148 37.55 17.42 2.93
CA TYR K 148 37.13 18.58 2.17
C TYR K 148 35.67 18.43 1.78
N ASP K 149 34.88 19.49 1.99
CA ASP K 149 33.65 19.65 1.25
C ASP K 149 34.01 19.95 -0.21
N ILE K 150 33.33 19.26 -1.15
CA ILE K 150 33.55 19.53 -2.57
C ILE K 150 32.22 19.47 -3.32
N SER K 151 32.24 20.02 -4.53
CA SER K 151 31.12 19.93 -5.45
C SER K 151 31.69 19.84 -6.86
N ALA K 152 31.51 18.69 -7.51
CA ALA K 152 31.88 18.59 -8.92
C ALA K 152 31.03 19.50 -9.78
N LYS K 153 29.86 19.91 -9.31
CA LYS K 153 28.97 20.76 -10.09
C LYS K 153 29.39 22.21 -10.03
N SER K 154 29.68 22.71 -8.84
CA SER K 154 30.11 24.09 -8.64
C SER K 154 31.63 24.26 -8.65
N ASN K 155 32.38 23.16 -8.74
CA ASN K 155 33.84 23.13 -8.68
C ASN K 155 34.36 23.56 -7.31
N TYR K 156 33.50 23.67 -6.31
CA TYR K 156 33.94 24.09 -4.98
C TYR K 156 34.96 23.10 -4.43
N ASN K 157 36.17 23.60 -4.15
CA ASN K 157 37.25 22.83 -3.54
C ASN K 157 37.65 21.59 -4.34
N PHE K 158 37.21 21.48 -5.60
CA PHE K 158 37.39 20.20 -6.30
C PHE K 158 38.83 19.92 -6.68
N GLU K 159 39.73 20.90 -6.57
CA GLU K 159 41.16 20.67 -6.75
C GLU K 159 41.89 20.41 -5.45
N LYS K 160 41.27 20.70 -4.31
CA LYS K 160 41.97 20.58 -3.03
C LYS K 160 42.44 19.17 -2.73
N PRO K 161 41.68 18.10 -3.00
CA PRO K 161 42.18 16.75 -2.68
C PRO K 161 43.49 16.43 -3.39
N PHE K 162 43.64 16.84 -4.64
CA PHE K 162 44.85 16.52 -5.38
C PHE K 162 46.03 17.36 -4.88
N LEU K 163 45.79 18.65 -4.59
CA LEU K 163 46.86 19.49 -4.09
C LEU K 163 47.41 18.96 -2.76
N TRP K 164 46.52 18.58 -1.86
CA TRP K 164 46.96 18.03 -0.57
C TRP K 164 47.74 16.73 -0.78
N LEU K 165 47.19 15.81 -1.57
CA LEU K 165 47.89 14.56 -1.83
C LEU K 165 49.24 14.81 -2.48
N ALA K 166 49.31 15.78 -3.40
CA ALA K 166 50.59 16.08 -4.06
C ALA K 166 51.61 16.56 -3.05
N ARG K 167 51.19 17.41 -2.10
CA ARG K 167 52.12 17.88 -1.07
C ARG K 167 52.60 16.73 -0.21
N LYS K 168 51.68 15.89 0.28
CA LYS K 168 52.08 14.75 1.11
C LYS K 168 53.00 13.81 0.35
N LEU K 169 52.65 13.48 -0.89
CA LEU K 169 53.44 12.51 -1.65
C LEU K 169 54.81 13.09 -2.04
N ILE K 170 54.85 14.37 -2.39
CA ILE K 170 56.13 14.98 -2.73
C ILE K 170 56.92 15.32 -1.48
N GLY K 171 56.24 15.62 -0.38
CA GLY K 171 56.93 16.04 0.82
C GLY K 171 57.26 17.51 0.86
N ASP K 172 56.36 18.37 0.37
CA ASP K 172 56.54 19.81 0.35
C ASP K 172 55.21 20.45 0.74
N PRO K 173 55.06 20.87 2.00
CA PRO K 173 53.79 21.50 2.40
C PRO K 173 53.46 22.77 1.64
N ASN K 174 54.44 23.37 0.96
CA ASN K 174 54.25 24.62 0.24
C ASN K 174 54.14 24.42 -1.27
N LEU K 175 54.09 23.18 -1.73
CA LEU K 175 53.87 22.91 -3.15
C LEU K 175 52.66 23.67 -3.65
N GLU K 176 52.80 24.27 -4.83
CA GLU K 176 51.75 25.06 -5.44
C GLU K 176 51.38 24.47 -6.80
N PHE K 177 50.09 24.50 -7.13
CA PHE K 177 49.67 24.32 -8.51
C PHE K 177 49.89 25.64 -9.24
N VAL K 178 50.47 25.57 -10.44
CA VAL K 178 50.80 26.76 -11.21
C VAL K 178 50.14 26.65 -12.59
N ALA K 179 50.21 27.75 -13.33
CA ALA K 179 49.61 27.79 -14.66
C ALA K 179 50.26 26.77 -15.58
N MET K 180 49.44 26.08 -16.33
CA MET K 180 49.95 25.19 -17.37
C MET K 180 50.60 26.02 -18.47
N PRO K 181 51.81 25.66 -18.92
CA PRO K 181 52.41 26.39 -20.04
C PRO K 181 51.52 26.31 -21.28
N ALA K 182 51.31 27.45 -21.91
CA ALA K 182 50.47 27.55 -23.11
C ALA K 182 51.41 27.84 -24.28
N LEU K 183 51.89 26.78 -24.93
CA LEU K 183 52.82 26.92 -26.03
C LEU K 183 52.12 27.47 -27.27
N ALA K 184 52.92 28.07 -28.15
CA ALA K 184 52.38 28.68 -29.35
C ALA K 184 51.74 27.62 -30.23
N PRO K 185 50.51 27.82 -30.71
CA PRO K 185 49.92 26.85 -31.63
C PRO K 185 50.74 26.71 -32.90
N PRO K 186 50.64 25.56 -33.57
CA PRO K 186 51.32 25.42 -34.87
C PRO K 186 50.69 26.32 -35.92
N GLU K 187 51.22 26.29 -37.15
CA GLU K 187 50.73 27.16 -38.20
C GLU K 187 49.48 26.63 -38.89
N VAL K 188 49.06 25.40 -38.60
CA VAL K 188 47.92 24.80 -39.27
C VAL K 188 46.64 25.41 -38.70
N VAL K 189 45.84 26.00 -39.58
CA VAL K 189 44.54 26.56 -39.22
C VAL K 189 43.50 26.04 -40.21
N MET K 190 42.24 26.14 -39.82
CA MET K 190 41.15 25.82 -40.74
C MET K 190 41.08 26.85 -41.85
N ASP K 191 41.19 26.39 -43.10
CA ASP K 191 40.98 27.29 -44.22
C ASP K 191 39.48 27.53 -44.41
N PRO K 192 39.12 28.57 -45.16
CA PRO K 192 37.68 28.88 -45.33
C PRO K 192 36.83 27.70 -45.77
N ALA K 193 37.35 26.83 -46.65
CA ALA K 193 36.53 25.76 -47.20
C ALA K 193 36.13 24.76 -46.11
N LEU K 194 37.10 24.26 -45.35
CA LEU K 194 36.79 23.30 -44.30
C LEU K 194 35.88 23.92 -43.24
N ALA K 195 36.10 25.20 -42.93
CA ALA K 195 35.28 25.88 -41.93
C ALA K 195 33.83 25.97 -42.39
N ALA K 196 33.61 26.33 -43.66
CA ALA K 196 32.26 26.41 -44.18
C ALA K 196 31.61 25.02 -44.20
N GLN K 197 32.39 23.98 -44.45
CA GLN K 197 31.84 22.63 -44.50
C GLN K 197 31.33 22.21 -43.13
N TYR K 198 32.04 22.59 -42.06
CA TYR K 198 31.61 22.20 -40.72
C TYR K 198 30.52 23.10 -40.17
N GLU K 199 30.52 24.38 -40.53
CA GLU K 199 29.40 25.25 -40.16
C GLU K 199 28.09 24.67 -40.66
N HIS K 200 28.13 23.94 -41.77
CA HIS K 200 26.94 23.26 -42.27
C HIS K 200 26.72 21.92 -41.57
N ASP K 201 27.77 21.10 -41.50
CA ASP K 201 27.62 19.77 -40.93
C ASP K 201 27.27 19.83 -39.44
N LEU K 202 27.81 20.81 -38.73
CA LEU K 202 27.55 20.99 -37.30
C LEU K 202 26.51 22.07 -37.03
N GLU K 203 25.62 22.31 -38.01
CA GLU K 203 24.60 23.34 -37.85
C GLU K 203 23.76 23.13 -36.60
N VAL K 204 23.50 21.88 -36.24
CA VAL K 204 22.60 21.60 -35.13
C VAL K 204 23.12 22.20 -33.83
N ALA K 205 24.44 22.36 -33.72
CA ALA K 205 25.00 22.91 -32.49
C ALA K 205 24.43 24.29 -32.19
N GLN K 206 24.13 25.08 -33.24
CA GLN K 206 23.64 26.43 -33.03
C GLN K 206 22.22 26.46 -32.46
N THR K 207 21.45 25.40 -32.66
CA THR K 207 20.10 25.29 -32.10
C THR K 207 20.04 24.31 -30.94
N THR K 208 21.17 23.79 -30.49
CA THR K 208 21.24 22.92 -29.33
C THR K 208 21.56 23.75 -28.10
N ALA K 209 20.93 23.42 -26.98
CA ALA K 209 21.04 24.21 -25.77
C ALA K 209 22.36 23.99 -25.08
N LEU K 210 22.85 25.03 -24.40
CA LEU K 210 24.03 24.91 -23.56
C LEU K 210 23.63 24.29 -22.22
N PRO K 211 24.47 23.42 -21.65
CA PRO K 211 24.07 22.74 -20.39
C PRO K 211 23.82 23.68 -19.23
N ASP K 212 24.33 24.91 -19.26
CA ASP K 212 23.96 25.91 -18.27
C ASP K 212 22.44 25.97 -18.12
N GLU K 213 21.76 26.22 -19.24
CA GLU K 213 20.34 26.54 -19.28
C GLU K 213 19.50 25.69 -18.34
N GLN L 11 65.73 13.23 -3.78
CA GLN L 11 64.83 12.58 -4.72
C GLN L 11 63.54 13.37 -4.89
N MET L 12 63.36 14.41 -4.08
CA MET L 12 62.25 15.33 -4.27
C MET L 12 62.46 16.09 -5.57
N PRO L 13 61.45 16.24 -6.42
CA PRO L 13 61.67 16.96 -7.68
C PRO L 13 62.08 18.40 -7.40
N GLU L 14 63.11 18.86 -8.11
CA GLU L 14 63.62 20.21 -7.92
C GLU L 14 62.62 21.25 -8.42
N LYS L 15 62.67 22.44 -7.83
CA LYS L 15 61.86 23.55 -8.32
C LYS L 15 62.30 23.91 -9.73
N VAL L 16 61.31 24.25 -10.57
CA VAL L 16 61.53 24.44 -11.99
C VAL L 16 61.24 25.89 -12.34
N GLU L 17 61.82 26.33 -13.46
CA GLU L 17 61.47 27.62 -14.03
C GLU L 17 59.98 27.65 -14.36
N LEU L 18 59.28 28.67 -13.85
CA LEU L 18 57.87 28.84 -14.13
C LEU L 18 57.71 29.51 -15.50
N VAL L 19 57.13 28.79 -16.45
CA VAL L 19 56.98 29.25 -17.82
C VAL L 19 55.50 29.27 -18.15
N THR L 20 54.99 30.45 -18.51
CA THR L 20 53.58 30.60 -18.89
C THR L 20 53.35 30.41 -20.38
N GLY L 21 54.35 30.69 -21.21
CA GLY L 21 54.15 30.80 -22.63
C GLY L 21 53.52 32.12 -23.06
N GLU L 22 53.38 33.07 -22.14
CA GLU L 22 52.83 34.39 -22.44
C GLU L 22 53.86 35.49 -22.22
N GLU L 23 55.13 35.14 -22.01
CA GLU L 23 56.12 36.13 -21.60
C GLU L 23 56.28 37.23 -22.63
N ASP L 24 56.23 36.88 -23.92
CA ASP L 24 56.44 37.83 -25.00
C ASP L 24 55.15 38.48 -25.48
N GLU L 25 54.04 38.30 -24.76
CA GLU L 25 52.74 38.72 -25.24
C GLU L 25 52.13 39.79 -24.34
N LYS L 26 51.17 40.50 -24.91
CA LYS L 26 50.45 41.57 -24.23
C LYS L 26 48.96 41.27 -24.31
N VAL L 27 48.25 41.59 -23.23
CA VAL L 27 46.83 41.30 -23.13
C VAL L 27 46.04 42.43 -23.77
N LEU L 28 45.32 42.11 -24.85
CA LEU L 28 44.41 43.06 -25.46
C LEU L 28 43.01 42.99 -24.86
N TYR L 29 42.66 41.86 -24.25
CA TYR L 29 41.32 41.64 -23.73
C TYR L 29 41.40 40.50 -22.73
N SER L 30 40.62 40.60 -21.66
CA SER L 30 40.49 39.52 -20.69
C SER L 30 39.15 39.68 -19.99
N GLN L 31 38.34 38.64 -20.02
CA GLN L 31 37.02 38.67 -19.40
C GLN L 31 36.68 37.26 -18.94
N ARG L 32 36.02 37.18 -17.78
CA ARG L 32 35.58 35.89 -17.26
C ARG L 32 34.43 35.36 -18.08
N VAL L 33 34.52 34.11 -18.51
CA VAL L 33 33.50 33.46 -19.33
C VAL L 33 33.41 32.00 -18.92
N LYS L 34 32.36 31.34 -19.43
CA LYS L 34 32.25 29.89 -19.39
C LYS L 34 32.41 29.38 -20.82
N LEU L 35 33.38 28.49 -21.02
CA LEU L 35 33.67 27.93 -22.34
C LEU L 35 33.01 26.57 -22.49
N PHE L 36 32.50 26.29 -23.69
CA PHE L 36 31.89 25.02 -24.00
C PHE L 36 32.50 24.47 -25.29
N ARG L 37 32.36 23.16 -25.47
CA ARG L 37 32.79 22.49 -26.69
C ARG L 37 31.70 21.53 -27.11
N PHE L 38 31.41 21.50 -28.41
CA PHE L 38 30.35 20.65 -28.94
C PHE L 38 30.89 19.26 -29.23
N ASP L 39 30.21 18.25 -28.73
CA ASP L 39 30.58 16.85 -28.95
C ASP L 39 29.65 16.32 -30.03
N ALA L 40 30.18 16.19 -31.24
CA ALA L 40 29.36 15.75 -32.37
C ALA L 40 28.89 14.31 -32.19
N GLU L 41 29.65 13.50 -31.46
CA GLU L 41 29.29 12.10 -31.28
C GLU L 41 27.93 11.96 -30.60
N VAL L 42 27.63 12.86 -29.65
CA VAL L 42 26.38 12.84 -28.92
C VAL L 42 25.52 14.08 -29.18
N SER L 43 25.99 15.00 -30.01
CA SER L 43 25.24 16.23 -30.33
C SER L 43 24.88 16.99 -29.06
N GLN L 44 25.88 17.22 -28.20
CA GLN L 44 25.70 17.95 -26.97
C GLN L 44 26.83 18.97 -26.81
N TRP L 45 26.48 20.14 -26.30
CA TRP L 45 27.47 21.07 -25.77
C TRP L 45 27.91 20.59 -24.40
N LYS L 46 29.21 20.60 -24.16
CA LYS L 46 29.77 20.20 -22.87
C LYS L 46 30.63 21.32 -22.31
N GLU L 47 30.45 21.63 -21.04
CA GLU L 47 31.26 22.66 -20.41
C GLU L 47 32.73 22.30 -20.53
N ARG L 48 33.54 23.29 -20.88
CA ARG L 48 34.97 23.11 -21.10
C ARG L 48 35.81 23.78 -20.05
N GLY L 49 35.38 24.93 -19.53
CA GLY L 49 36.15 25.63 -18.53
C GLY L 49 35.44 26.89 -18.08
N LEU L 50 35.86 27.37 -16.93
CA LEU L 50 35.41 28.64 -16.36
C LEU L 50 36.66 29.44 -16.02
N GLY L 51 36.78 30.63 -16.58
CA GLY L 51 37.98 31.42 -16.37
C GLY L 51 38.05 32.58 -17.34
N ASN L 52 39.22 33.19 -17.38
CA ASN L 52 39.43 34.42 -18.15
C ASN L 52 39.83 34.07 -19.58
N LEU L 53 38.97 34.45 -20.53
CA LEU L 53 39.27 34.32 -21.95
C LEU L 53 40.04 35.55 -22.39
N LYS L 54 41.27 35.35 -22.89
CA LYS L 54 42.14 36.45 -23.24
C LYS L 54 42.38 36.51 -24.75
N ILE L 55 42.59 37.73 -25.23
CA ILE L 55 43.16 37.99 -26.55
C ILE L 55 44.57 38.51 -26.34
N LEU L 56 45.57 37.77 -26.81
CA LEU L 56 46.96 38.11 -26.60
C LEU L 56 47.61 38.52 -27.92
N LYS L 57 48.48 39.52 -27.86
CA LYS L 57 49.30 39.94 -28.99
C LYS L 57 50.76 39.68 -28.66
N ASN L 58 51.45 39.00 -29.57
CA ASN L 58 52.89 38.77 -29.42
C ASN L 58 53.64 40.02 -29.86
N GLU L 59 54.38 40.63 -28.93
CA GLU L 59 55.06 41.88 -29.23
C GLU L 59 56.29 41.70 -30.11
N VAL L 60 56.74 40.46 -30.33
CA VAL L 60 57.90 40.23 -31.17
C VAL L 60 57.51 40.00 -32.64
N ASN L 61 56.35 39.36 -32.89
CA ASN L 61 55.94 39.04 -34.25
C ASN L 61 54.48 39.40 -34.54
N GLY L 62 53.80 40.05 -33.60
CA GLY L 62 52.49 40.62 -33.87
C GLY L 62 51.33 39.64 -33.93
N LYS L 63 51.57 38.35 -33.68
CA LYS L 63 50.51 37.36 -33.82
C LYS L 63 49.48 37.49 -32.71
N LEU L 64 48.23 37.20 -33.05
CA LEU L 64 47.10 37.25 -32.13
C LEU L 64 46.57 35.85 -31.88
N ARG L 65 46.30 35.53 -30.62
CA ARG L 65 45.70 34.26 -30.27
C ARG L 65 44.70 34.43 -29.14
N MET L 66 43.76 33.49 -29.07
CA MET L 66 42.90 33.32 -27.91
C MET L 66 43.60 32.40 -26.92
N LEU L 67 43.60 32.78 -25.65
CA LEU L 67 44.14 31.92 -24.61
C LEU L 67 43.21 31.94 -23.41
N MET L 68 42.95 30.77 -22.85
CA MET L 68 42.08 30.65 -21.69
C MET L 68 42.57 29.50 -20.83
N ARG L 69 42.54 29.71 -19.51
CA ARG L 69 42.88 28.68 -18.54
C ARG L 69 41.73 28.49 -17.58
N ARG L 70 41.60 27.26 -17.08
CA ARG L 70 40.54 26.94 -16.13
C ARG L 70 40.93 27.41 -14.74
N GLU L 71 39.95 27.96 -14.03
CA GLU L 71 40.18 28.35 -12.65
C GLU L 71 40.50 27.12 -11.80
N GLN L 72 41.26 27.36 -10.71
CA GLN L 72 41.55 26.36 -9.69
C GLN L 72 42.57 25.32 -10.16
N VAL L 73 42.33 24.68 -11.32
CA VAL L 73 43.27 23.69 -11.84
C VAL L 73 44.25 24.29 -12.84
N LEU L 74 43.94 25.47 -13.40
CA LEU L 74 44.90 26.25 -14.17
C LEU L 74 45.33 25.56 -15.46
N LYS L 75 44.48 24.70 -16.01
CA LYS L 75 44.79 24.03 -17.27
C LYS L 75 44.25 24.85 -18.44
N VAL L 76 44.90 24.72 -19.59
CA VAL L 76 44.50 25.43 -20.79
C VAL L 76 43.27 24.75 -21.38
N CYS L 77 42.23 25.53 -21.63
CA CYS L 77 41.04 25.04 -22.32
C CYS L 77 40.77 25.75 -23.63
N ALA L 78 41.54 26.78 -23.97
CA ALA L 78 41.47 27.40 -25.29
C ALA L 78 42.84 27.98 -25.64
N ASN L 79 43.31 27.69 -26.86
CA ASN L 79 44.62 28.16 -27.30
C ASN L 79 44.67 28.02 -28.81
N HIS L 80 44.37 29.11 -29.53
CA HIS L 80 44.35 29.05 -30.99
C HIS L 80 44.51 30.44 -31.56
N TRP L 81 45.18 30.51 -32.71
CA TRP L 81 45.33 31.77 -33.42
C TRP L 81 43.96 32.31 -33.81
N ILE L 82 43.83 33.62 -33.85
CA ILE L 82 42.69 34.26 -34.48
C ILE L 82 42.92 34.28 -35.99
N THR L 83 41.86 34.06 -36.75
CA THR L 83 41.93 34.07 -38.20
C THR L 83 40.77 34.88 -38.75
N THR L 84 40.95 35.39 -39.96
CA THR L 84 39.86 36.03 -40.67
C THR L 84 38.73 35.05 -40.96
N THR L 85 39.03 33.75 -41.02
CA THR L 85 38.00 32.76 -41.33
C THR L 85 36.99 32.61 -40.19
N MET L 86 37.40 32.87 -38.95
CA MET L 86 36.51 32.66 -37.82
C MET L 86 35.30 33.58 -37.92
N ASN L 87 34.16 33.06 -37.48
CA ASN L 87 32.87 33.74 -37.61
C ASN L 87 32.10 33.52 -36.31
N LEU L 88 32.16 34.51 -35.41
CA LEU L 88 31.38 34.46 -34.18
C LEU L 88 29.89 34.46 -34.50
N LYS L 89 29.21 33.38 -34.13
CA LYS L 89 27.79 33.22 -34.41
C LYS L 89 27.02 33.10 -33.10
N PRO L 90 25.75 33.52 -33.10
CA PRO L 90 24.94 33.40 -31.88
C PRO L 90 24.29 32.02 -31.74
N LEU L 91 23.97 31.69 -30.50
CA LEU L 91 23.22 30.48 -30.18
C LEU L 91 21.77 30.82 -29.90
N SER L 92 20.86 29.93 -30.30
CA SER L 92 19.44 30.25 -30.18
C SER L 92 18.99 30.40 -28.73
N GLY L 93 19.63 29.67 -27.81
CA GLY L 93 19.20 29.66 -26.44
C GLY L 93 19.84 30.68 -25.53
N SER L 94 20.63 31.60 -26.07
CA SER L 94 21.34 32.56 -25.24
C SER L 94 21.42 33.91 -25.94
N ASP L 95 21.40 34.98 -25.14
CA ASP L 95 21.61 36.33 -25.62
C ASP L 95 22.97 36.88 -25.20
N ARG L 96 23.87 36.02 -24.72
CA ARG L 96 25.16 36.47 -24.21
C ARG L 96 26.23 35.41 -24.44
N ALA L 97 26.23 34.82 -25.63
CA ALA L 97 27.23 33.82 -25.98
C ALA L 97 27.45 33.80 -27.49
N TRP L 98 28.65 33.38 -27.89
CA TRP L 98 29.00 33.19 -29.28
C TRP L 98 29.61 31.81 -29.47
N MET L 99 29.47 31.26 -30.67
CA MET L 99 30.10 30.00 -31.04
C MET L 99 30.99 30.23 -32.26
N TRP L 100 32.06 29.45 -32.35
CA TRP L 100 32.96 29.58 -33.49
C TRP L 100 33.81 28.31 -33.61
N LEU L 101 34.43 28.17 -34.78
CA LEU L 101 35.26 27.01 -35.10
C LEU L 101 36.73 27.40 -35.03
N ALA L 102 37.53 26.57 -34.37
CA ALA L 102 38.95 26.86 -34.23
C ALA L 102 39.76 25.58 -34.22
N SER L 103 40.95 25.66 -34.80
CA SER L 103 41.97 24.62 -34.65
C SER L 103 42.66 24.86 -33.31
N ASP L 104 42.22 24.15 -32.28
CA ASP L 104 42.66 24.42 -30.92
C ASP L 104 43.84 23.56 -30.54
N PHE L 105 44.67 24.10 -29.65
CA PHE L 105 45.94 23.47 -29.26
C PHE L 105 46.05 23.28 -27.75
N SER L 106 44.92 23.25 -27.04
CA SER L 106 44.96 23.12 -25.58
C SER L 106 45.74 21.89 -25.14
N ASP L 107 45.54 20.75 -25.81
CA ASP L 107 46.15 19.49 -25.40
C ASP L 107 47.51 19.26 -26.04
N GLY L 108 48.10 20.28 -26.66
CA GLY L 108 49.35 20.10 -27.36
C GLY L 108 49.24 19.40 -28.69
N ASP L 109 48.02 19.14 -29.17
CA ASP L 109 47.77 18.58 -30.49
C ASP L 109 46.64 19.38 -31.13
N ALA L 110 46.81 19.74 -32.39
CA ALA L 110 45.78 20.50 -33.09
C ALA L 110 44.51 19.69 -33.21
N LYS L 111 43.40 20.25 -32.75
CA LYS L 111 42.09 19.61 -32.80
C LYS L 111 41.08 20.59 -33.38
N LEU L 112 40.29 20.13 -34.34
CA LEU L 112 39.16 20.92 -34.83
C LEU L 112 38.05 20.90 -33.78
N GLU L 113 37.67 22.07 -33.28
CA GLU L 113 36.73 22.15 -32.18
C GLU L 113 35.67 23.20 -32.46
N GLN L 114 34.42 22.84 -32.16
CA GLN L 114 33.29 23.76 -32.16
C GLN L 114 33.15 24.30 -30.74
N LEU L 115 33.52 25.56 -30.55
CA LEU L 115 33.55 26.18 -29.23
C LEU L 115 32.39 27.16 -29.07
N ALA L 116 32.17 27.56 -27.82
CA ALA L 116 31.23 28.61 -27.49
C ALA L 116 31.62 29.20 -26.14
N ALA L 117 31.40 30.50 -25.99
CA ALA L 117 31.73 31.21 -24.76
C ALA L 117 30.51 31.98 -24.29
N LYS L 118 30.14 31.81 -23.03
CA LYS L 118 29.03 32.52 -22.41
C LYS L 118 29.56 33.59 -21.47
N PHE L 119 28.94 34.78 -21.54
CA PHE L 119 29.36 35.94 -20.79
C PHE L 119 28.32 36.29 -19.74
N LYS L 120 28.74 37.11 -18.77
CA LYS L 120 27.85 37.46 -17.67
C LYS L 120 26.61 38.20 -18.18
N THR L 121 26.81 39.18 -19.05
CA THR L 121 25.76 40.04 -19.56
C THR L 121 25.84 40.10 -21.08
N PRO L 122 24.72 40.42 -21.75
CA PRO L 122 24.80 40.63 -23.19
C PRO L 122 25.78 41.73 -23.57
N GLU L 123 25.84 42.81 -22.80
CA GLU L 123 26.76 43.90 -23.11
C GLU L 123 28.21 43.41 -23.11
N LEU L 124 28.59 42.59 -22.13
CA LEU L 124 29.94 42.05 -22.11
C LEU L 124 30.18 41.15 -23.32
N ALA L 125 29.16 40.43 -23.77
CA ALA L 125 29.31 39.58 -24.96
C ALA L 125 29.53 40.43 -26.21
N GLU L 126 28.71 41.48 -26.37
CA GLU L 126 28.89 42.39 -27.50
C GLU L 126 30.28 43.01 -27.47
N GLU L 127 30.74 43.43 -26.29
CA GLU L 127 32.09 44.00 -26.19
C GLU L 127 33.13 43.02 -26.71
N PHE L 128 32.96 41.73 -26.39
CA PHE L 128 33.91 40.74 -26.88
C PHE L 128 33.86 40.62 -28.39
N LYS L 129 32.65 40.47 -28.95
CA LYS L 129 32.52 40.35 -30.40
C LYS L 129 33.15 41.55 -31.12
N GLN L 130 32.86 42.76 -30.64
CA GLN L 130 33.45 43.95 -31.26
C GLN L 130 34.97 43.90 -31.17
N LYS L 131 35.50 43.55 -30.00
CA LYS L 131 36.95 43.47 -29.85
C LYS L 131 37.53 42.38 -30.73
N PHE L 132 36.89 41.20 -30.75
CA PHE L 132 37.37 40.10 -31.58
C PHE L 132 37.37 40.49 -33.05
N GLU L 133 36.26 41.08 -33.52
CA GLU L 133 36.16 41.43 -34.93
C GLU L 133 37.05 42.60 -35.30
N GLU L 134 37.37 43.46 -34.33
CA GLU L 134 38.40 44.48 -34.55
C GLU L 134 39.75 43.83 -34.81
N CYS L 135 40.11 42.84 -33.99
CA CYS L 135 41.36 42.11 -34.20
C CYS L 135 41.38 41.44 -35.56
N GLN L 136 40.26 40.84 -35.96
CA GLN L 136 40.18 40.23 -37.28
C GLN L 136 40.48 41.24 -38.37
N ARG L 137 39.91 42.43 -38.26
CA ARG L 137 40.12 43.44 -39.29
C ARG L 137 41.59 43.84 -39.38
N LEU L 138 42.27 43.95 -38.23
CA LEU L 138 43.70 44.26 -38.26
C LEU L 138 44.48 43.24 -39.06
N LEU L 139 44.04 41.98 -39.05
CA LEU L 139 44.75 40.93 -39.77
C LEU L 139 44.64 41.08 -41.28
N LEU L 140 43.69 41.87 -41.77
CA LEU L 140 43.54 42.06 -43.21
C LEU L 140 44.58 43.00 -43.80
N ASP L 141 45.15 43.89 -42.99
CA ASP L 141 46.11 44.86 -43.50
C ASP L 141 47.48 44.21 -43.75
PG GNP M . 5.98 19.30 -24.29
O1G GNP M . 7.26 18.72 -24.89
O2G GNP M . 5.32 18.08 -23.70
O3G GNP M . 5.02 19.87 -25.29
N3B GNP M . 6.31 20.39 -23.13
PB GNP M . 5.17 21.16 -22.25
O1B GNP M . 4.61 22.46 -22.78
O2B GNP M . 4.18 20.11 -21.81
O3A GNP M . 5.98 21.79 -20.99
PA GNP M . 6.19 21.20 -19.52
O1A GNP M . 4.87 21.26 -18.81
O2A GNP M . 6.89 19.89 -19.71
O5' GNP M . 7.12 22.28 -18.82
C5' GNP M . 8.43 22.60 -19.33
C4' GNP M . 9.20 23.29 -18.23
O4' GNP M . 8.59 24.58 -17.95
C3' GNP M . 9.19 22.51 -16.91
O3' GNP M . 10.53 22.18 -16.59
C2' GNP M . 8.43 23.41 -15.93
O2' GNP M . 8.95 23.41 -14.61
C1' GNP M . 8.57 24.80 -16.57
N9 GNP M . 7.42 25.66 -16.35
C8 GNP M . 6.14 25.34 -16.72
N7 GNP M . 5.25 26.27 -16.44
C5 GNP M . 6.01 27.27 -15.84
C6 GNP M . 5.58 28.52 -15.33
O6 GNP M . 4.43 29.00 -15.29
N1 GNP M . 6.66 29.23 -14.80
C2 GNP M . 7.97 28.80 -14.78
N2 GNP M . 8.83 29.66 -14.22
N3 GNP M . 8.39 27.62 -15.27
C4 GNP M . 7.35 26.91 -15.77
HNB3 GNP M . 7.13 20.57 -22.96
H5'2 GNP M . 8.35 23.20 -20.10
H5'1 GNP M . 8.89 21.80 -19.60
H4' GNP M . 10.10 23.43 -18.52
H3' GNP M . 8.68 21.69 -17.02
H2' GNP M . 7.49 23.17 -15.92
HO2' GNP M . 8.43 22.95 -14.11
H1' GNP M . 9.38 25.22 -16.25
H8 GNP M . 5.91 24.54 -17.14
HN1 GNP M . 6.50 30.00 -14.47
HN21 GNP M . 9.51 29.35 -13.77
HN22 GNP M . 8.72 30.50 -14.31
MG MG N . 3.91 18.12 -22.08
PG GNP O . 0.62 -12.64 53.41
O1G GNP O . -0.61 -13.53 53.44
O2G GNP O . 1.23 -12.98 52.08
O3G GNP O . 1.64 -12.94 54.49
N3B GNP O . 0.18 -11.06 53.42
PB GNP O . 1.16 -9.78 53.33
O1B GNP O . 1.68 -9.22 54.61
O2B GNP O . 2.15 -10.06 52.24
O3A GNP O . 0.19 -8.55 52.94
PA GNP O . 0.06 -7.79 51.53
O1A GNP O . 1.39 -7.22 51.20
O2A GNP O . -0.55 -8.77 50.60
O5' GNP O . -0.88 -6.53 51.84
C5' GNP O . -2.12 -6.65 52.57
C4' GNP O . -2.89 -5.36 52.40
O4' GNP O . -2.19 -4.28 53.08
C3' GNP O . -3.08 -4.88 50.97
O3' GNP O . -4.46 -4.66 50.76
C2' GNP O . -2.19 -3.63 50.85
O2' GNP O . -2.66 -2.65 49.96
C1' GNP O . -2.24 -3.12 52.28
N9 GNP O . -1.11 -2.29 52.67
C8 GNP O . 0.20 -2.68 52.65
N7 GNP O . 1.03 -1.75 53.06
C5 GNP O . 0.21 -0.68 53.39
C6 GNP O . 0.56 0.60 53.90
O6 GNP O . 1.69 1.05 54.16
N1 GNP O . -0.59 1.38 54.09
C2 GNP O . -1.87 0.98 53.83
N2 GNP O . -2.83 1.90 54.10
N3 GNP O . -2.21 -0.22 53.36
C4 GNP O . -1.12 -1.00 53.16
HNB3 GNP O . -0.67 -10.90 53.48
H5'2 GNP O . -2.64 -7.38 52.21
H5'1 GNP O . -1.93 -6.80 53.51
H4' GNP O . -3.75 -5.50 52.82
H3' GNP O . -2.76 -5.57 50.38
H2' GNP O . -1.29 -3.89 50.61
HO2' GNP O . -2.02 -2.40 49.46
H1' GNP O . -3.06 -2.62 52.43
H8 GNP O . 0.47 -3.52 52.37
HN1 GNP O . -0.47 2.17 54.40
HN21 GNP O . -2.81 2.35 54.82
HN22 GNP O . -3.47 2.02 53.53
MG MG P . 2.43 -11.69 50.86
PG GNP Q . -37.87 10.02 -46.35
O1G GNP Q . -39.34 10.26 -46.04
O2G GNP Q . -37.71 10.78 -47.64
O3G GNP Q . -36.91 10.61 -45.34
N3B GNP Q . -37.49 8.45 -46.53
PB GNP Q . -36.02 7.88 -46.88
O1B GNP Q . -34.88 8.40 -46.04
O2B GNP Q . -35.83 7.94 -48.38
O3A GNP Q . -36.05 6.34 -46.38
PA GNP Q . -35.33 5.65 -45.12
O1A GNP Q . -36.02 6.15 -43.88
O2A GNP Q . -33.86 5.88 -45.32
O5' GNP Q . -35.68 4.10 -45.31
C5' GNP Q . -37.05 3.64 -45.41
C4' GNP Q . -37.07 2.14 -45.25
O4' GNP Q . -36.28 1.52 -46.30
C3' GNP Q . -36.48 1.62 -43.93
O3' GNP Q . -37.40 0.72 -43.34
C2' GNP Q . -35.13 1.03 -44.34
O2' GNP Q . -34.67 -0.03 -43.53
C1' GNP Q . -35.47 0.53 -45.75
N9 GNP Q . -34.30 0.38 -46.60
C8 GNP Q . -33.44 1.39 -46.95
N7 GNP Q . -32.46 1.00 -47.73
C5 GNP Q . -32.70 -0.36 -47.91
C6 GNP Q . -31.97 -1.31 -48.67
O6 GNP Q . -30.93 -1.16 -49.35
N1 GNP Q . -32.54 -2.58 -48.57
C2 GNP Q . -33.68 -2.88 -47.85
N2 GNP Q . -34.05 -4.17 -47.91
N3 GNP Q . -34.37 -2.00 -47.14
C4 GNP Q . -33.83 -0.75 -47.22
HNB3 GNP Q . -38.14 7.88 -46.44
H5'2 GNP Q . -37.41 3.88 -46.28
H5'1 GNP Q . -37.58 4.05 -44.70
H4' GNP Q . -37.99 1.85 -45.32
H3' GNP Q . -36.34 2.37 -43.34
H2' GNP Q . -34.46 1.73 -44.38
HO2' GNP Q . -33.94 0.19 -43.16
H1' GNP Q . -35.95 -0.32 -45.71
H8 GNP Q . -33.54 2.27 -46.66
HN1 GNP Q . -32.17 -3.21 -49.00
HN21 GNP Q . -34.49 -4.52 -47.25
HN22 GNP Q . -33.86 -4.65 -48.59
MG MG R . -35.12 10.17 -44.70
PG GNP S . -9.40 -13.29 6.33
O1G GNP S . -10.83 -12.98 6.75
O2G GNP S . -8.58 -12.61 7.40
O3G GNP S . -8.98 -12.72 5.00
N3B GNP S . -9.13 -14.90 6.37
PB GNP S . -7.69 -15.63 6.13
O1B GNP S . -7.37 -16.09 4.74
O2B GNP S . -6.66 -14.80 6.85
O3A GNP S . -7.87 -17.09 6.81
PA GNP S . -7.14 -17.74 8.08
O1A GNP S . -5.68 -17.72 7.80
O2A GNP S . -7.66 -17.03 9.27
O5' GNP S . -7.57 -19.29 8.06
C5' GNP S . -8.94 -19.71 7.97
C4' GNP S . -9.08 -21.17 8.31
O4' GNP S . -8.34 -21.99 7.37
C3' GNP S . -8.58 -21.59 9.71
O3' GNP S . -9.64 -22.28 10.35
C2' GNP S . -7.29 -22.37 9.40
O2' GNP S . -6.94 -23.35 10.34
C1' GNP S . -7.64 -23.00 8.06
N9 GNP S . -6.49 -23.35 7.24
C8 GNP S . -5.52 -22.47 6.82
N7 GNP S . -4.59 -23.04 6.09
C5 GNP S . -4.97 -24.38 6.03
C6 GNP S . -4.35 -25.46 5.36
O6 GNP S . -3.31 -25.47 4.69
N1 GNP S . -5.07 -26.64 5.55
C2 GNP S . -6.23 -26.76 6.26
N2 GNP S . -6.76 -27.99 6.30
N3 GNP S . -6.82 -25.74 6.89
C4 GNP S . -6.15 -24.58 6.73
HNB3 GNP S . -9.80 -15.41 6.53
H5'2 GNP S . -9.47 -19.18 8.60
H5'1 GNP S . -9.26 -19.56 7.06
H4' GNP S . -10.03 -21.38 8.25
H3' GNP S . -8.34 -20.81 10.24
H2' GNP S . -6.55 -21.75 9.31
HO2' GNP S . -6.35 -23.06 10.88
H1' GNP S . -8.20 -23.78 8.19
H8 GNP S . -5.53 -21.57 7.03
HN1 GNP S . -4.75 -27.35 5.19
HN21 GNP S . -6.73 -28.50 5.60
HN22 GNP S . -7.11 -28.27 7.03
MG MG T . -6.62 -13.07 7.94
PG GNP U . -15.24 -23.59 20.54
O1G GNP U . -13.89 -22.89 20.54
O2G GNP U . -16.23 -22.45 20.51
O3G GNP U . -15.53 -24.40 21.79
N3B GNP U . -15.46 -24.51 19.21
PB GNP U . -16.80 -25.36 18.86
O1B GNP U . -16.91 -26.74 19.43
O2B GNP U . -17.99 -24.46 19.03
O3A GNP U . -16.61 -25.78 17.32
PA GNP U . -17.30 -25.19 16.00
O1A GNP U . -18.77 -25.39 16.12
O2A GNP U . -16.77 -23.82 15.83
O5' GNP U . -16.80 -26.17 14.84
C5' GNP U . -15.41 -26.49 14.66
C4' GNP U . -15.21 -27.10 13.30
O4' GNP U . -15.89 -28.38 13.24
C3' GNP U . -15.79 -26.29 12.13
O3' GNP U . -14.83 -26.21 11.09
C2' GNP U . -17.07 -27.05 11.75
O2' GNP U . -17.46 -26.89 10.40
C1' GNP U . -16.62 -28.48 12.05
N9 GNP U . -17.73 -29.40 12.31
C8 GNP U . -18.65 -29.22 13.31
N7 GNP U . -19.55 -30.19 13.35
C5 GNP U . -19.18 -31.03 12.30
C6 GNP U . -19.79 -32.24 11.88
O6 GNP U . -20.80 -32.83 12.32
N1 GNP U . -19.10 -32.78 10.79
C2 GNP U . -17.99 -32.24 10.20
N2 GNP U . -17.50 -32.95 9.18
N3 GNP U . -17.40 -31.10 10.60
C4 GNP U . -18.06 -30.55 11.66
HNB3 GNP U . -14.80 -24.54 18.65
H5'2 GNP U . -15.13 -27.11 15.34
H5'1 GNP U . -14.88 -25.67 14.73
H4' GNP U . -14.26 -27.22 13.17
H3' GNP U . -16.00 -25.41 12.46
H2' GNP U . -17.81 -26.80 12.32
HO2' GNP U . -18.10 -26.33 10.36
H1' GNP U . -16.08 -28.81 11.32
H8 GNP U . -18.64 -28.51 13.90
HN1 GNP U . -19.40 -33.52 10.47
HN21 GNP U . -17.24 -33.76 9.29
HN22 GNP U . -17.43 -32.58 8.40
MG MG V . -18.26 -22.48 19.71
PG GNP W . 29.18 4.46 -9.54
O1G GNP W . 28.05 3.46 -9.74
O2G GNP W . 29.99 4.26 -10.78
O3G GNP W . 30.09 4.21 -8.36
N3B GNP W . 28.64 5.99 -9.49
PB GNP W . 29.60 7.29 -9.29
O1B GNP W . 30.06 7.67 -7.91
O2B GNP W . 30.66 7.16 -10.37
O3A GNP W . 28.63 8.54 -9.52
PA GNP W . 28.49 9.44 -10.85
O1A GNP W . 29.78 10.19 -11.00
O2A GNP W . 28.02 8.49 -11.88
O5' GNP W . 27.37 10.51 -10.44
C5' GNP W . 26.02 10.11 -10.19
C4' GNP W . 25.15 11.32 -10.29
O4' GNP W . 25.62 12.35 -9.38
C3' GNP W . 25.15 11.98 -11.68
O3' GNP W . 23.82 12.05 -12.14
C2' GNP W . 25.88 13.32 -11.47
O2' GNP W . 25.44 14.34 -12.33
C1' GNP W . 25.55 13.60 -10.00
N9 GNP W . 26.51 14.45 -9.35
C8 GNP W . 27.86 14.18 -9.26
N7 GNP W . 28.54 15.11 -8.62
C5 GNP W . 27.58 16.04 -8.25
C6 GNP W . 27.73 17.25 -7.53
O6 GNP W . 28.76 17.77 -7.05
N1 GNP W . 26.50 17.88 -7.38
C2 GNP W . 25.30 17.43 -7.85
N2 GNP W . 24.24 18.21 -7.59
N3 GNP W . 25.14 16.28 -8.53
C4 GNP W . 26.32 15.65 -8.69
HNB3 GNP W . 27.79 6.13 -9.56
H5'2 GNP W . 25.94 9.73 -9.30
H5'1 GNP W . 25.74 9.45 -10.85
H4' GNP W . 24.25 11.08 -10.04
H3' GNP W . 25.68 11.43 -12.28
H2' GNP W . 26.83 13.22 -11.56
HO2' GNP W . 26.00 14.45 -12.97
H1' GNP W . 24.66 13.98 -9.92
H8 GNP W . 28.25 13.43 -9.63
HN1 GNP W . 26.49 18.63 -6.95
HN21 GNP W . 23.87 18.65 -8.23
HN22 GNP W . 23.94 18.28 -6.79
MG MG X . 31.21 5.82 -11.73
#